data_3RPL
#
_entry.id   3RPL
#
_cell.length_a   145.222
_cell.length_b   145.222
_cell.length_c   169.104
_cell.angle_alpha   90.00
_cell.angle_beta   90.00
_cell.angle_gamma   120.00
#
_symmetry.space_group_name_H-M   'P 65'
#
loop_
_entity.id
_entity.type
_entity.pdbx_description
1 polymer 'D-fructose 1,6-bisphosphatase class 2/sedoheptulose 1,7-bisphosphatase'
2 polymer 'D-fructose 1,6-bisphosphatase class 2/sedoheptulose 1,7-bisphosphatase'
3 non-polymer 'MAGNESIUM ION'
4 non-polymer 1,6-di-O-phosphono-beta-D-fructofuranose
5 non-polymer 'ADENOSINE MONOPHOSPHATE'
6 non-polymer 'SULFATE ION'
7 non-polymer 'CHLORIDE ION'
8 non-polymer GLYCEROL
9 water water
#
loop_
_entity_poly.entity_id
_entity_poly.type
_entity_poly.pdbx_seq_one_letter_code
_entity_poly.pdbx_strand_id
1 'polypeptide(L)'
;MGSSHHHHHHSSGLVPRGSHMASMTGGQQMGRGSVDSTLGLEIIEVVEQAAIASAKWMGKGEKNTADQVAVEAMRERMNK
IHMRGRIVIGEGERDDAPMLYIGEEVGICTREDAKSFCNPDELVEIDIAVDPCEGTNLVAYGQNGSMAVLAISEKGGLFA
APDFYMKKLAAPPAAKGHVDIDKSATENLKILSDCLNRSIEELVVVVMDRPRHKELIQEIRNAGARVRLISDGDVSAAIS
CAFSGTNIHALMGIGAAPEGVISAAAMRCLGGHFQGQLIYDPEVVKTGLIGESREGNLERLASMGIKNPDQVYNCEELAC
GETVLFAACGITPGTLMEGVRFFHGGVRTQSLVISSQSSTARFVDTVHMKESPKVIQLH
;
A,C,D
2 'polypeptide(L)'
;MGSSHHHHHHSSGLVPRGSHMASMTGGQQMGRGSVDSTLGLEIIEVVEQAAIASAKWMGKGEKNTADQVAVEAMRERMNK
IHMRGRIVIGEGERDDAPMLYIGEEVGICTREDAKSFCNPDELVEIDIAVDPCEGTNLVAYGQNGSMAVLAISEKGGLFA
APDFYMKKLAAPPAAKGHVDIDKSATENLKILSDCLNRSIEELVVVVMDRPRHKELIQEIRNAGARVRLISDGDVSAAIS
CAFSGTNIHALMGIGAAPEGVISAAAMRCLGGHFQGQLIYDPEVVKTGLIGESREGNLERLASMGIKNPDQVYN(CSO)E
ELA(CSO)GETVLFAACGITPGTLMEGVRFFHGGVRTQSLVISSQSSTARFVDTVHMKESPKVIQLH
;
B
#
loop_
_chem_comp.id
_chem_comp.type
_chem_comp.name
_chem_comp.formula
AMP non-polymer 'ADENOSINE MONOPHOSPHATE' 'C10 H14 N5 O7 P'
CL non-polymer 'CHLORIDE ION' 'Cl -1'
FBP D-saccharide, beta linking 1,6-di-O-phosphono-beta-D-fructofuranose 'C6 H14 O12 P2'
GOL non-polymer GLYCEROL 'C3 H8 O3'
MG non-polymer 'MAGNESIUM ION' 'Mg 2'
SO4 non-polymer 'SULFATE ION' 'O4 S -2'
#
# COMPACT_ATOMS: atom_id res chain seq x y z
N GLY A 33 -12.57 38.88 10.32
CA GLY A 33 -11.96 38.00 11.32
C GLY A 33 -12.58 36.61 11.37
N SER A 34 -11.96 35.65 10.68
CA SER A 34 -12.43 34.26 10.65
C SER A 34 -11.28 33.27 10.90
N VAL A 35 -11.59 32.07 11.38
CA VAL A 35 -10.55 31.10 11.75
C VAL A 35 -9.51 30.98 10.65
N ASP A 36 -8.23 31.16 10.99
CA ASP A 36 -7.16 31.21 10.00
C ASP A 36 -7.01 29.89 9.22
N SER A 37 -7.10 29.93 7.89
CA SER A 37 -7.15 28.71 7.03
C SER A 37 -6.03 27.73 7.34
N THR A 38 -4.96 28.40 7.77
CA THR A 38 -3.60 27.95 8.05
C THR A 38 -3.45 27.11 9.31
N LEU A 39 -4.29 27.37 10.27
CA LEU A 39 -4.49 26.53 11.43
C LEU A 39 -4.80 25.09 11.05
N GLY A 40 -5.59 24.90 10.00
CA GLY A 40 -5.88 23.58 9.49
C GLY A 40 -4.63 22.80 9.13
N LEU A 41 -3.56 23.51 8.79
CA LEU A 41 -2.29 22.86 8.45
C LEU A 41 -1.41 22.68 9.70
N GLU A 42 -1.33 23.72 10.50
CA GLU A 42 -0.44 23.70 11.64
C GLU A 42 -0.72 22.58 12.64
N ILE A 43 -1.98 22.16 12.74
CA ILE A 43 -2.31 21.12 13.71
C ILE A 43 -1.69 19.77 13.37
N ILE A 44 -1.16 19.66 12.16
CA ILE A 44 -0.39 18.47 11.77
C ILE A 44 0.83 18.30 12.68
N GLU A 45 1.57 19.38 12.90
CA GLU A 45 2.75 19.32 13.74
C GLU A 45 2.36 19.10 15.21
N VAL A 46 1.21 19.66 15.59
CA VAL A 46 0.74 19.50 16.96
C VAL A 46 0.58 18.01 17.33
N VAL A 47 -0.23 17.27 16.57
CA VAL A 47 -0.43 15.84 16.87
C VAL A 47 0.83 15.00 16.60
N GLU A 48 1.58 15.35 15.56
CA GLU A 48 2.84 14.66 15.29
C GLU A 48 3.82 14.65 16.48
N GLN A 49 4.12 15.83 17.01
CA GLN A 49 5.03 15.93 18.13
C GLN A 49 4.47 15.27 19.37
N ALA A 50 3.18 15.39 19.59
CA ALA A 50 2.58 14.73 20.76
C ALA A 50 2.70 13.20 20.63
N ALA A 51 2.32 12.66 19.47
CA ALA A 51 2.37 11.22 19.26
C ALA A 51 3.80 10.68 19.34
N ILE A 52 4.77 11.43 18.79
CA ILE A 52 6.18 11.02 18.89
C ILE A 52 6.64 10.96 20.34
N ALA A 53 6.24 11.93 21.14
CA ALA A 53 6.62 11.91 22.54
C ALA A 53 6.07 10.68 23.24
N SER A 54 4.76 10.47 23.11
CA SER A 54 4.10 9.35 23.78
C SER A 54 4.71 8.02 23.32
N ALA A 55 5.08 7.94 22.04
CA ALA A 55 5.46 6.67 21.46
C ALA A 55 6.73 6.09 22.08
N LYS A 56 7.58 6.97 22.61
CA LYS A 56 8.83 6.56 23.23
C LYS A 56 8.55 5.72 24.47
N TRP A 57 7.30 5.74 24.93
CA TRP A 57 6.89 5.00 26.11
C TRP A 57 6.10 3.74 25.77
N MET A 58 6.02 3.41 24.48
CA MET A 58 5.37 2.18 24.02
C MET A 58 5.87 0.91 24.70
N GLY A 59 4.98 0.21 25.40
CA GLY A 59 5.32 -1.06 26.03
C GLY A 59 6.06 -0.92 27.34
N LYS A 60 6.21 0.32 27.79
CA LYS A 60 7.04 0.64 28.94
C LYS A 60 6.27 0.48 30.25
N GLY A 61 4.98 0.16 30.14
CA GLY A 61 4.19 -0.18 31.31
C GLY A 61 3.72 1.02 32.14
N GLU A 62 3.92 2.22 31.63
CA GLU A 62 3.56 3.42 32.36
C GLU A 62 2.56 4.26 31.58
N LYS A 63 1.29 4.14 31.94
CA LYS A 63 0.26 4.81 31.16
C LYS A 63 0.12 6.29 31.46
N ASN A 64 0.57 6.70 32.64
CA ASN A 64 0.50 8.11 32.99
C ASN A 64 1.64 8.88 32.37
N THR A 65 2.83 8.27 32.37
CA THR A 65 3.98 8.84 31.68
C THR A 65 3.69 9.01 30.20
N ALA A 66 3.17 7.97 29.55
CA ALA A 66 2.84 8.08 28.15
C ALA A 66 1.86 9.23 27.94
N ASP A 67 0.92 9.37 28.86
CA ASP A 67 -0.05 10.46 28.80
C ASP A 67 0.60 11.82 28.99
N GLN A 68 1.36 11.97 30.08
CA GLN A 68 1.93 13.25 30.49
C GLN A 68 2.80 13.87 29.40
N VAL A 69 3.65 13.07 28.76
CA VAL A 69 4.52 13.58 27.70
C VAL A 69 3.77 14.03 26.43
N ALA A 70 2.71 13.30 26.07
CA ALA A 70 1.85 13.74 24.97
C ALA A 70 1.15 15.08 25.32
N VAL A 71 0.57 15.14 26.51
CA VAL A 71 0.00 16.40 27.01
C VAL A 71 1.00 17.55 26.88
N GLU A 72 2.17 17.41 27.49
CA GLU A 72 3.14 18.48 27.44
C GLU A 72 3.52 18.85 26.01
N ALA A 73 3.82 17.86 25.18
CA ALA A 73 4.23 18.16 23.80
C ALA A 73 3.13 18.87 23.00
N MET A 74 1.89 18.42 23.17
CA MET A 74 0.78 19.00 22.43
C MET A 74 0.60 20.47 22.83
N ARG A 75 0.66 20.70 24.13
CA ARG A 75 0.57 22.06 24.70
C ARG A 75 1.69 22.95 24.20
N GLU A 76 2.92 22.47 24.28
CA GLU A 76 4.08 23.28 23.89
C GLU A 76 3.95 23.70 22.44
N ARG A 77 3.57 22.75 21.60
CA ARG A 77 3.48 23.01 20.17
C ARG A 77 2.29 23.91 19.82
N MET A 78 1.18 23.77 20.55
CA MET A 78 0.05 24.70 20.39
C MET A 78 0.44 26.14 20.80
N ASN A 79 1.31 26.27 21.80
CA ASN A 79 1.69 27.58 22.30
C ASN A 79 2.67 28.30 21.41
N LYS A 80 3.05 27.66 20.31
CA LYS A 80 3.87 28.31 19.31
C LYS A 80 3.06 28.72 18.10
N ILE A 81 1.75 28.47 18.14
CA ILE A 81 0.87 28.84 17.04
C ILE A 81 0.26 30.21 17.27
N HIS A 82 0.20 31.02 16.21
CA HIS A 82 -0.48 32.29 16.29
C HIS A 82 -1.99 32.06 16.29
N MET A 83 -2.52 31.73 17.46
CA MET A 83 -3.94 31.49 17.61
C MET A 83 -4.39 31.91 19.00
N ARG A 84 -5.69 31.97 19.20
CA ARG A 84 -6.24 32.37 20.49
C ARG A 84 -7.23 31.33 21.02
N GLY A 85 -6.70 30.30 21.66
CA GLY A 85 -7.52 29.16 22.04
C GLY A 85 -7.86 29.01 23.50
N ARG A 86 -9.01 28.40 23.76
CA ARG A 86 -9.42 28.04 25.10
C ARG A 86 -9.73 26.55 25.13
N ILE A 87 -9.09 25.81 26.05
CA ILE A 87 -9.41 24.41 26.25
C ILE A 87 -10.82 24.21 26.84
N VAL A 88 -11.71 23.53 26.11
CA VAL A 88 -13.03 23.18 26.66
C VAL A 88 -13.19 21.68 26.93
N ILE A 89 -12.29 20.87 26.36
CA ILE A 89 -12.18 19.45 26.68
C ILE A 89 -10.69 19.15 26.89
N GLY A 90 -10.36 18.54 28.02
CA GLY A 90 -8.96 18.32 28.35
C GLY A 90 -8.71 17.45 29.56
N GLU A 91 -7.67 17.77 30.31
CA GLU A 91 -7.15 16.87 31.33
C GLU A 91 -7.83 17.00 32.68
N GLY A 92 -8.70 17.98 32.84
CA GLY A 92 -9.31 18.24 34.14
C GLY A 92 -9.38 19.73 34.47
N GLU A 93 -9.82 20.05 35.69
CA GLU A 93 -9.94 21.43 36.13
C GLU A 93 -8.60 22.04 36.56
N ARG A 94 -8.51 23.37 36.53
CA ARG A 94 -7.38 24.06 37.15
C ARG A 94 -7.36 23.77 38.66
N ASP A 95 -6.18 23.70 39.23
CA ASP A 95 -5.96 23.28 40.61
C ASP A 95 -6.12 21.77 40.78
N ASP A 96 -6.15 21.06 39.65
CA ASP A 96 -6.12 19.60 39.64
C ASP A 96 -5.18 19.11 38.53
N ALA A 97 -5.52 19.39 37.28
CA ALA A 97 -4.63 19.10 36.15
C ALA A 97 -3.68 20.27 35.90
N PRO A 98 -2.37 20.00 35.85
CA PRO A 98 -1.39 21.06 35.60
C PRO A 98 -1.40 21.60 34.17
N MET A 99 -1.75 20.78 33.18
CA MET A 99 -1.62 21.18 31.78
C MET A 99 -2.85 20.87 30.93
N LEU A 100 -3.23 21.83 30.09
CA LEU A 100 -4.39 21.66 29.24
C LEU A 100 -5.63 21.38 30.09
N TYR A 101 -5.75 22.14 31.19
CA TYR A 101 -6.95 22.10 32.02
C TYR A 101 -8.08 22.91 31.39
N ILE A 102 -9.31 22.65 31.85
CA ILE A 102 -10.47 23.40 31.40
C ILE A 102 -10.30 24.92 31.63
N GLY A 103 -10.40 25.69 30.55
CA GLY A 103 -10.28 27.14 30.63
C GLY A 103 -8.89 27.66 30.28
N GLU A 104 -7.88 26.79 30.29
CA GLU A 104 -6.52 27.23 29.98
C GLU A 104 -6.43 27.92 28.63
N GLU A 105 -5.74 29.05 28.59
CA GLU A 105 -5.52 29.71 27.31
C GLU A 105 -4.27 29.13 26.66
N VAL A 106 -4.37 28.86 25.36
CA VAL A 106 -3.23 28.36 24.61
C VAL A 106 -3.12 29.14 23.32
N GLY A 107 -1.88 29.37 22.87
CA GLY A 107 -1.65 30.09 21.65
C GLY A 107 -0.98 31.43 21.90
N ILE A 108 -0.19 31.87 20.92
CA ILE A 108 0.51 33.13 21.01
C ILE A 108 -0.44 34.31 21.17
N CYS A 109 -1.55 34.30 20.43
CA CYS A 109 -2.49 35.42 20.40
C CYS A 109 -3.47 35.46 21.59
N THR A 110 -3.14 34.74 22.67
CA THR A 110 -3.89 34.87 23.91
C THR A 110 -3.18 35.84 24.83
N ARG A 111 -1.99 36.29 24.41
CA ARG A 111 -1.16 37.18 25.23
C ARG A 111 -1.71 38.60 25.33
N GLU A 112 -1.25 39.33 26.34
CA GLU A 112 -1.79 40.66 26.64
C GLU A 112 -1.61 41.65 25.49
N ASP A 113 -0.44 41.67 24.86
CA ASP A 113 -0.19 42.61 23.78
C ASP A 113 -0.49 42.05 22.39
N ALA A 114 -1.37 41.06 22.31
CA ALA A 114 -1.60 40.28 21.08
C ALA A 114 -1.95 41.12 19.85
N LYS A 115 -2.80 42.12 20.01
CA LYS A 115 -3.18 42.97 18.88
C LYS A 115 -1.95 43.56 18.16
N SER A 116 -0.83 43.64 18.86
CA SER A 116 0.41 44.11 18.26
C SER A 116 1.07 43.10 17.30
N PHE A 117 0.99 41.81 17.63
CA PHE A 117 1.72 40.78 16.88
C PHE A 117 0.83 39.75 16.14
N CYS A 118 -0.48 39.94 16.20
CA CYS A 118 -1.42 38.98 15.61
C CYS A 118 -2.43 39.65 14.71
N ASN A 119 -2.67 39.05 13.53
CA ASN A 119 -3.71 39.57 12.63
C ASN A 119 -5.14 39.17 13.09
N PRO A 120 -6.16 39.76 12.47
CA PRO A 120 -7.56 39.52 12.86
C PRO A 120 -8.01 38.05 12.78
N ASP A 121 -7.63 37.34 11.72
CA ASP A 121 -7.91 35.91 11.63
C ASP A 121 -7.28 35.14 12.79
N GLU A 122 -6.05 35.52 13.14
CA GLU A 122 -5.33 34.88 14.24
C GLU A 122 -5.92 35.22 15.63
N LEU A 123 -6.63 36.34 15.72
CA LEU A 123 -7.17 36.77 17.02
C LEU A 123 -8.57 36.24 17.31
N VAL A 124 -9.16 35.54 16.35
CA VAL A 124 -10.47 34.90 16.54
C VAL A 124 -10.39 33.91 17.71
N GLU A 125 -11.40 33.94 18.56
CA GLU A 125 -11.43 33.07 19.72
C GLU A 125 -11.93 31.69 19.30
N ILE A 126 -11.13 30.67 19.62
CA ILE A 126 -11.46 29.30 19.24
C ILE A 126 -11.48 28.42 20.47
N ASP A 127 -12.39 27.45 20.47
CA ASP A 127 -12.38 26.41 21.49
C ASP A 127 -11.73 25.14 20.98
N ILE A 128 -11.01 24.48 21.87
CA ILE A 128 -10.13 23.39 21.52
C ILE A 128 -10.41 22.21 22.45
N ALA A 129 -10.73 21.06 21.87
CA ALA A 129 -10.85 19.79 22.60
C ALA A 129 -9.57 18.98 22.39
N VAL A 130 -8.90 18.62 23.48
CA VAL A 130 -7.69 17.82 23.36
C VAL A 130 -7.87 16.46 23.99
N ASP A 131 -7.27 15.45 23.35
CA ASP A 131 -7.05 14.15 23.96
C ASP A 131 -5.67 13.73 23.51
N PRO A 132 -4.62 14.27 24.17
CA PRO A 132 -3.22 14.15 23.73
C PRO A 132 -2.76 12.71 23.67
N CYS A 133 -3.27 11.87 24.57
CA CYS A 133 -3.00 10.43 24.53
C CYS A 133 -4.28 9.63 24.70
N GLU A 134 -4.97 9.36 23.63
CA GLU A 134 -6.18 8.57 23.70
C GLU A 134 -5.86 7.07 23.62
N GLY A 135 -6.09 6.35 24.70
CA GLY A 135 -5.61 5.01 24.87
C GLY A 135 -4.28 4.94 25.62
N THR A 136 -4.22 5.55 26.78
CA THR A 136 -3.01 5.53 27.61
C THR A 136 -2.54 4.11 27.93
N ASN A 137 -3.46 3.21 28.26
CA ASN A 137 -3.04 1.83 28.51
C ASN A 137 -2.65 1.04 27.25
N LEU A 138 -3.22 1.40 26.10
CA LEU A 138 -2.74 0.81 24.85
C LEU A 138 -1.27 1.14 24.67
N VAL A 139 -0.90 2.39 24.89
CA VAL A 139 0.50 2.80 24.75
C VAL A 139 1.39 2.03 25.73
N ALA A 140 0.96 2.03 26.99
CA ALA A 140 1.71 1.37 28.06
C ALA A 140 1.99 -0.08 27.72
N TYR A 141 1.03 -0.71 27.04
CA TYR A 141 1.13 -2.13 26.70
C TYR A 141 1.64 -2.39 25.29
N GLY A 142 1.93 -1.32 24.55
CA GLY A 142 2.31 -1.47 23.16
C GLY A 142 1.25 -2.20 22.35
N GLN A 143 -0.02 -1.84 22.58
CA GLN A 143 -1.12 -2.41 21.82
C GLN A 143 -1.74 -1.40 20.89
N ASN A 144 -2.46 -1.90 19.88
CA ASN A 144 -3.03 -1.08 18.81
C ASN A 144 -4.19 -0.16 19.22
N GLY A 145 -4.28 0.98 18.53
CA GLY A 145 -5.46 1.81 18.58
C GLY A 145 -5.33 3.13 19.33
N SER A 146 -4.12 3.51 19.70
CA SER A 146 -3.92 4.74 20.46
C SER A 146 -3.48 5.87 19.52
N MET A 147 -3.76 7.12 19.90
CA MET A 147 -3.48 8.26 19.03
C MET A 147 -3.47 9.56 19.83
N ALA A 148 -2.79 10.56 19.29
CA ALA A 148 -2.86 11.92 19.80
C ALA A 148 -3.88 12.67 18.94
N VAL A 149 -4.86 13.30 19.56
CA VAL A 149 -5.95 13.89 18.81
C VAL A 149 -6.47 15.20 19.42
N LEU A 150 -6.99 16.07 18.57
CA LEU A 150 -7.61 17.31 19.02
C LEU A 150 -8.67 17.73 18.01
N ALA A 151 -9.60 18.57 18.46
CA ALA A 151 -10.59 19.19 17.57
C ALA A 151 -10.66 20.69 17.88
N ILE A 152 -10.96 21.49 16.87
CA ILE A 152 -11.05 22.94 17.03
C ILE A 152 -12.31 23.53 16.38
N SER A 153 -12.89 24.54 17.01
CA SER A 153 -13.99 25.31 16.40
C SER A 153 -13.93 26.72 16.96
N GLU A 154 -14.70 27.64 16.39
CA GLU A 154 -14.87 28.96 17.02
C GLU A 154 -15.39 28.73 18.42
N LYS A 155 -15.28 29.72 19.27
CA LYS A 155 -15.79 29.64 20.63
C LYS A 155 -17.27 29.25 20.65
N GLY A 156 -17.63 28.33 21.53
CA GLY A 156 -18.98 27.78 21.58
C GLY A 156 -19.25 26.66 20.60
N GLY A 157 -18.29 26.37 19.71
CA GLY A 157 -18.52 25.46 18.59
C GLY A 157 -18.30 23.98 18.88
N LEU A 158 -17.89 23.67 20.12
CA LEU A 158 -17.67 22.30 20.55
C LEU A 158 -18.38 22.10 21.87
N PHE A 159 -19.13 21.02 21.99
CA PHE A 159 -19.84 20.72 23.23
C PHE A 159 -18.83 20.41 24.33
N ALA A 160 -18.82 21.21 25.38
CA ALA A 160 -17.88 21.02 26.49
C ALA A 160 -18.33 19.85 27.36
N ALA A 161 -18.11 18.63 26.89
CA ALA A 161 -18.61 17.47 27.62
C ALA A 161 -18.03 17.34 29.01
N PRO A 162 -18.90 17.03 29.99
CA PRO A 162 -18.47 16.74 31.35
C PRO A 162 -17.77 15.39 31.34
N ASP A 163 -17.16 15.00 32.45
CA ASP A 163 -16.48 13.71 32.49
C ASP A 163 -17.42 12.58 32.91
N PHE A 164 -18.44 12.35 32.09
CA PHE A 164 -19.42 11.29 32.32
C PHE A 164 -19.36 10.34 31.13
N TYR A 165 -20.05 9.21 31.23
CA TYR A 165 -20.09 8.28 30.10
C TYR A 165 -21.09 8.74 29.04
N MET A 166 -20.97 8.16 27.85
CA MET A 166 -21.79 8.54 26.71
C MET A 166 -22.11 7.31 25.85
N LYS A 167 -23.40 7.05 25.67
CA LYS A 167 -23.84 6.02 24.75
C LYS A 167 -23.66 6.55 23.35
N LYS A 168 -23.06 5.75 22.48
CA LYS A 168 -22.71 6.22 21.14
C LYS A 168 -23.16 5.29 20.04
N LEU A 169 -23.44 5.88 18.89
CA LEU A 169 -23.66 5.11 17.68
C LEU A 169 -22.97 5.80 16.52
N ALA A 170 -21.94 5.15 15.95
CA ALA A 170 -21.27 5.68 14.76
C ALA A 170 -21.54 4.78 13.56
N ALA A 171 -21.63 5.37 12.38
CA ALA A 171 -21.85 4.60 11.17
C ALA A 171 -21.38 5.42 9.97
N PRO A 172 -21.26 4.79 8.79
CA PRO A 172 -20.75 5.49 7.61
C PRO A 172 -21.75 6.51 7.08
N PRO A 173 -21.27 7.45 6.26
CA PRO A 173 -22.04 8.49 5.60
C PRO A 173 -23.32 7.97 4.93
N ALA A 174 -23.22 6.84 4.23
CA ALA A 174 -24.38 6.30 3.53
C ALA A 174 -25.49 5.92 4.51
N ALA A 175 -25.12 5.79 5.79
CA ALA A 175 -26.11 5.39 6.79
C ALA A 175 -26.60 6.59 7.64
N LYS A 176 -26.05 7.77 7.37
CA LYS A 176 -26.32 8.94 8.22
C LYS A 176 -27.80 9.32 8.27
N GLY A 177 -28.33 9.44 9.47
CA GLY A 177 -29.74 9.73 9.64
C GLY A 177 -30.65 8.53 9.50
N HIS A 178 -30.16 7.43 8.92
CA HIS A 178 -31.02 6.26 8.79
C HIS A 178 -30.98 5.38 10.05
N VAL A 179 -29.79 5.10 10.54
CA VAL A 179 -29.68 4.41 11.83
C VAL A 179 -30.04 5.42 12.90
N ASP A 180 -30.33 4.93 14.11
CA ASP A 180 -30.61 5.85 15.21
C ASP A 180 -30.30 5.25 16.55
N ILE A 181 -29.65 6.05 17.39
CA ILE A 181 -29.18 5.60 18.70
C ILE A 181 -30.29 5.10 19.61
N ASP A 182 -31.53 5.53 19.37
CA ASP A 182 -32.63 5.03 20.17
C ASP A 182 -33.17 3.68 19.68
N LYS A 183 -32.86 3.32 18.44
CA LYS A 183 -33.26 2.00 17.94
C LYS A 183 -32.38 0.89 18.54
N SER A 184 -32.90 -0.33 18.52
CA SER A 184 -32.17 -1.49 19.02
C SER A 184 -30.99 -1.84 18.12
N ALA A 185 -29.97 -2.48 18.69
CA ALA A 185 -28.83 -2.95 17.89
C ALA A 185 -29.37 -3.76 16.72
N THR A 186 -30.37 -4.58 17.00
CA THR A 186 -30.99 -5.40 15.97
C THR A 186 -31.60 -4.56 14.85
N GLU A 187 -32.43 -3.58 15.21
CA GLU A 187 -33.03 -2.77 14.17
C GLU A 187 -31.95 -2.04 13.36
N ASN A 188 -31.02 -1.38 14.06
CA ASN A 188 -29.92 -0.67 13.39
C ASN A 188 -29.10 -1.56 12.44
N LEU A 189 -28.80 -2.79 12.84
CA LEU A 189 -28.10 -3.71 11.95
C LEU A 189 -28.87 -3.93 10.64
N LYS A 190 -30.19 -4.09 10.73
CA LYS A 190 -31.01 -4.20 9.52
C LYS A 190 -30.87 -2.97 8.64
N ILE A 191 -30.96 -1.79 9.25
CA ILE A 191 -30.89 -0.56 8.48
C ILE A 191 -29.51 -0.41 7.80
N LEU A 192 -28.47 -0.72 8.57
CA LEU A 192 -27.10 -0.73 8.06
C LEU A 192 -26.94 -1.67 6.86
N SER A 193 -27.52 -2.85 6.96
CA SER A 193 -27.50 -3.80 5.86
C SER A 193 -28.02 -3.16 4.58
N ASP A 194 -29.17 -2.51 4.69
CA ASP A 194 -29.80 -1.87 3.54
C ASP A 194 -28.99 -0.70 3.03
N CYS A 195 -28.55 0.16 3.95
CA CYS A 195 -27.76 1.33 3.58
C CYS A 195 -26.42 0.99 2.95
N LEU A 196 -25.76 -0.03 3.48
CA LEU A 196 -24.41 -0.36 3.01
C LEU A 196 -24.43 -1.44 1.94
N ASN A 197 -25.64 -1.85 1.55
CA ASN A 197 -25.83 -2.86 0.51
C ASN A 197 -24.99 -4.10 0.77
N ARG A 198 -25.12 -4.65 1.96
CA ARG A 198 -24.47 -5.91 2.28
C ARG A 198 -25.26 -6.61 3.38
N SER A 199 -25.02 -7.90 3.52
CA SER A 199 -25.70 -8.69 4.52
C SER A 199 -25.21 -8.34 5.91
N ILE A 200 -26.00 -8.67 6.93
CA ILE A 200 -25.59 -8.46 8.31
C ILE A 200 -24.31 -9.23 8.62
N GLU A 201 -24.15 -10.39 8.01
CA GLU A 201 -22.95 -11.22 8.19
C GLU A 201 -21.71 -10.53 7.62
N GLU A 202 -21.92 -9.59 6.72
CA GLU A 202 -20.84 -8.86 6.05
C GLU A 202 -20.60 -7.51 6.76
N LEU A 203 -21.14 -7.40 7.96
CA LEU A 203 -20.94 -6.21 8.79
C LEU A 203 -20.03 -6.49 9.99
N VAL A 204 -19.28 -5.46 10.41
CA VAL A 204 -18.44 -5.58 11.61
C VAL A 204 -18.75 -4.44 12.57
N VAL A 205 -19.11 -4.77 13.80
CA VAL A 205 -19.45 -3.76 14.80
C VAL A 205 -18.37 -3.73 15.87
N VAL A 206 -17.92 -2.55 16.26
CA VAL A 206 -16.94 -2.45 17.33
C VAL A 206 -17.70 -2.11 18.60
N VAL A 207 -17.38 -2.82 19.67
CA VAL A 207 -17.97 -2.57 20.98
C VAL A 207 -16.85 -2.67 22.00
N MET A 208 -16.84 -1.79 22.99
CA MET A 208 -15.81 -1.87 24.03
C MET A 208 -15.98 -3.10 24.89
N ASP A 209 -14.90 -3.81 25.14
CA ASP A 209 -14.95 -4.98 25.98
C ASP A 209 -15.21 -4.57 27.43
N ARG A 210 -16.47 -4.57 27.83
CA ARG A 210 -16.85 -4.07 29.14
C ARG A 210 -18.06 -4.82 29.65
N PRO A 211 -18.10 -5.09 30.97
CA PRO A 211 -19.24 -5.80 31.56
C PRO A 211 -20.58 -5.15 31.17
N ARG A 212 -20.59 -3.83 31.04
CA ARG A 212 -21.82 -3.08 30.75
C ARG A 212 -22.40 -3.39 29.38
N HIS A 213 -21.62 -4.04 28.54
CA HIS A 213 -22.02 -4.32 27.18
C HIS A 213 -22.38 -5.78 26.98
N LYS A 214 -22.44 -6.53 28.07
CA LYS A 214 -22.68 -7.95 27.98
C LYS A 214 -23.83 -8.28 27.05
N GLU A 215 -24.93 -7.59 27.28
CA GLU A 215 -26.20 -7.82 26.62
C GLU A 215 -26.26 -7.27 25.21
N LEU A 216 -25.77 -6.03 25.06
CA LEU A 216 -25.63 -5.41 23.76
C LEU A 216 -24.84 -6.33 22.83
N ILE A 217 -23.74 -6.87 23.37
CA ILE A 217 -22.89 -7.76 22.60
C ILE A 217 -23.60 -9.04 22.19
N GLN A 218 -24.27 -9.69 23.14
CA GLN A 218 -25.11 -10.86 22.84
C GLN A 218 -26.15 -10.56 21.73
N GLU A 219 -26.72 -9.37 21.74
CA GLU A 219 -27.74 -9.04 20.74
C GLU A 219 -27.11 -8.94 19.35
N ILE A 220 -25.98 -8.24 19.26
CA ILE A 220 -25.28 -8.11 18.01
C ILE A 220 -24.90 -9.49 17.48
N ARG A 221 -24.42 -10.36 18.38
CA ARG A 221 -24.06 -11.71 17.98
C ARG A 221 -25.27 -12.46 17.45
N ASN A 222 -26.40 -12.38 18.15
CA ASN A 222 -27.63 -13.04 17.71
C ASN A 222 -28.11 -12.51 16.37
N ALA A 223 -27.88 -11.24 16.10
CA ALA A 223 -28.37 -10.64 14.86
C ALA A 223 -27.53 -11.10 13.66
N GLY A 224 -26.33 -11.61 13.93
CA GLY A 224 -25.49 -12.17 12.88
C GLY A 224 -24.29 -11.34 12.44
N ALA A 225 -24.01 -10.21 13.10
CA ALA A 225 -22.84 -9.42 12.74
C ALA A 225 -21.56 -9.98 13.36
N ARG A 226 -20.42 -9.63 12.78
CA ARG A 226 -19.15 -9.94 13.42
C ARG A 226 -18.79 -8.78 14.34
N VAL A 227 -17.91 -9.03 15.30
CA VAL A 227 -17.61 -8.04 16.31
C VAL A 227 -16.11 -7.91 16.54
N ARG A 228 -15.66 -6.68 16.78
CA ARG A 228 -14.34 -6.45 17.34
C ARG A 228 -14.53 -5.88 18.73
N LEU A 229 -14.11 -6.63 19.75
CA LEU A 229 -14.14 -6.12 21.09
C LEU A 229 -12.82 -5.40 21.36
N ILE A 230 -12.88 -4.11 21.70
CA ILE A 230 -11.68 -3.35 21.98
C ILE A 230 -11.49 -3.15 23.49
N SER A 231 -10.24 -3.02 23.93
CA SER A 231 -9.97 -2.89 25.35
C SER A 231 -10.00 -1.42 25.75
N ASP A 232 -9.71 -0.57 24.76
CA ASP A 232 -9.71 0.89 24.91
C ASP A 232 -9.70 1.53 23.52
N GLY A 233 -9.98 2.83 23.47
CA GLY A 233 -9.83 3.60 22.25
C GLY A 233 -11.02 3.60 21.31
N ASP A 234 -12.17 4.12 21.75
CA ASP A 234 -13.35 4.18 20.88
C ASP A 234 -13.41 5.41 19.95
N VAL A 235 -12.41 6.28 20.03
CA VAL A 235 -12.27 7.38 19.06
C VAL A 235 -11.92 6.86 17.66
N SER A 236 -10.80 6.16 17.56
CA SER A 236 -10.42 5.45 16.35
C SER A 236 -11.57 4.60 15.83
N ALA A 237 -12.23 3.89 16.75
CA ALA A 237 -13.35 3.00 16.38
C ALA A 237 -14.44 3.74 15.65
N ALA A 238 -14.84 4.88 16.19
CA ALA A 238 -15.95 5.64 15.63
C ALA A 238 -15.60 6.15 14.24
N ILE A 239 -14.41 6.72 14.10
CA ILE A 239 -14.05 7.36 12.83
C ILE A 239 -13.76 6.35 11.70
N SER A 240 -13.24 5.17 12.06
CA SER A 240 -13.05 4.08 11.10
C SER A 240 -14.31 3.77 10.30
N CYS A 241 -15.47 4.02 10.92
CA CYS A 241 -16.79 3.81 10.28
C CYS A 241 -17.00 4.64 9.04
N ALA A 242 -16.31 5.77 8.98
CA ALA A 242 -16.53 6.73 7.91
C ALA A 242 -15.80 6.37 6.62
N PHE A 243 -14.78 5.52 6.72
CA PHE A 243 -13.93 5.19 5.59
C PHE A 243 -14.08 3.75 5.11
N SER A 244 -14.55 3.57 3.87
CA SER A 244 -14.57 2.26 3.21
C SER A 244 -13.15 1.76 3.05
N GLY A 245 -12.92 0.51 3.43
CA GLY A 245 -11.58 -0.03 3.45
C GLY A 245 -11.16 -0.45 4.85
N THR A 246 -11.84 0.05 5.87
CA THR A 246 -11.47 -0.32 7.24
C THR A 246 -12.10 -1.63 7.72
N ASN A 247 -13.11 -2.11 7.02
CA ASN A 247 -13.84 -3.28 7.47
C ASN A 247 -14.39 -3.08 8.88
N ILE A 248 -14.78 -1.85 9.18
CA ILE A 248 -15.53 -1.52 10.39
C ILE A 248 -16.73 -0.66 9.98
N HIS A 249 -17.93 -1.03 10.41
CA HIS A 249 -19.12 -0.39 9.87
C HIS A 249 -20.04 0.29 10.88
N ALA A 250 -19.82 0.02 12.15
CA ALA A 250 -20.55 0.72 13.19
C ALA A 250 -19.79 0.64 14.49
N LEU A 251 -19.98 1.66 15.32
CA LEU A 251 -19.60 1.61 16.72
C LEU A 251 -20.88 1.68 17.55
N MET A 252 -21.03 0.77 18.48
CA MET A 252 -22.17 0.76 19.37
C MET A 252 -21.69 0.66 20.80
N GLY A 253 -22.44 1.29 21.70
CA GLY A 253 -22.20 1.11 23.12
C GLY A 253 -21.76 2.37 23.82
N ILE A 254 -21.36 2.21 25.07
CA ILE A 254 -21.06 3.35 25.90
C ILE A 254 -19.56 3.56 26.05
N GLY A 255 -19.10 4.80 25.86
CA GLY A 255 -17.73 5.19 26.12
C GLY A 255 -17.64 6.49 26.91
N ALA A 256 -16.49 7.15 26.91
CA ALA A 256 -16.37 8.44 27.60
C ALA A 256 -16.88 9.59 26.72
N ALA A 257 -17.57 10.53 27.33
CA ALA A 257 -18.23 11.60 26.59
C ALA A 257 -17.29 12.56 25.88
N PRO A 258 -16.17 12.93 26.51
CA PRO A 258 -15.38 13.92 25.78
C PRO A 258 -14.81 13.32 24.50
N GLU A 259 -14.42 12.05 24.59
CA GLU A 259 -13.95 11.32 23.41
C GLU A 259 -15.01 11.34 22.32
N GLY A 260 -16.28 11.20 22.72
CA GLY A 260 -17.38 11.29 21.78
C GLY A 260 -17.38 12.58 20.98
N VAL A 261 -17.22 13.70 21.69
CA VAL A 261 -17.26 15.01 21.04
C VAL A 261 -16.16 15.12 19.99
N ILE A 262 -14.95 14.73 20.36
CA ILE A 262 -13.82 14.76 19.44
C ILE A 262 -14.10 13.87 18.22
N SER A 263 -14.73 12.72 18.44
CA SER A 263 -15.19 11.83 17.37
C SER A 263 -16.21 12.51 16.45
N ALA A 264 -17.18 13.17 17.07
CA ALA A 264 -18.23 13.87 16.36
C ALA A 264 -17.64 14.96 15.47
N ALA A 265 -16.59 15.62 15.97
CA ALA A 265 -15.97 16.69 15.20
C ALA A 265 -15.50 16.15 13.86
N ALA A 266 -14.84 15.01 13.90
CA ALA A 266 -14.34 14.38 12.69
C ALA A 266 -15.50 13.88 11.84
N MET A 267 -16.49 13.28 12.47
CA MET A 267 -17.61 12.71 11.74
C MET A 267 -18.45 13.78 11.05
N ARG A 268 -18.57 14.94 11.67
CA ARG A 268 -19.34 16.00 11.05
C ARG A 268 -18.65 16.52 9.79
N CYS A 269 -17.32 16.49 9.77
CA CYS A 269 -16.60 16.94 8.58
C CYS A 269 -16.65 15.90 7.46
N LEU A 270 -16.76 14.62 7.83
CA LEU A 270 -16.76 13.52 6.88
C LEU A 270 -18.17 13.17 6.42
N GLY A 271 -19.17 13.70 7.12
CA GLY A 271 -20.56 13.36 6.83
C GLY A 271 -20.93 12.00 7.39
N GLY A 272 -20.13 11.50 8.32
CA GLY A 272 -20.44 10.24 8.97
C GLY A 272 -21.59 10.42 9.95
N HIS A 273 -22.14 9.29 10.41
CA HIS A 273 -23.19 9.34 11.40
C HIS A 273 -22.57 9.23 12.78
N PHE A 274 -22.87 10.19 13.66
CA PHE A 274 -22.47 10.07 15.04
C PHE A 274 -23.47 10.71 15.97
N GLN A 275 -24.14 9.89 16.79
CA GLN A 275 -25.01 10.40 17.84
C GLN A 275 -24.46 10.01 19.19
N GLY A 276 -24.74 10.84 20.20
CA GLY A 276 -24.36 10.51 21.55
C GLY A 276 -25.40 10.93 22.59
N GLN A 277 -25.36 10.25 23.73
CA GLN A 277 -26.31 10.50 24.79
C GLN A 277 -25.61 10.27 26.11
N LEU A 278 -25.59 11.29 26.96
CA LEU A 278 -24.91 11.21 28.26
C LEU A 278 -25.52 10.09 29.08
N ILE A 279 -24.67 9.42 29.85
CA ILE A 279 -25.06 8.36 30.77
C ILE A 279 -24.50 8.67 32.15
N TYR A 280 -25.39 8.73 33.14
CA TYR A 280 -25.04 9.23 34.46
C TYR A 280 -25.68 8.37 35.55
N ASP A 281 -26.32 7.27 35.14
CA ASP A 281 -26.92 6.34 36.09
C ASP A 281 -25.95 5.21 36.46
N PRO A 282 -25.59 5.13 37.74
CA PRO A 282 -24.61 4.17 38.28
C PRO A 282 -25.02 2.72 38.08
N GLU A 283 -26.32 2.43 38.14
CA GLU A 283 -26.79 1.06 37.87
C GLU A 283 -26.34 0.59 36.49
N VAL A 284 -26.19 1.53 35.56
CA VAL A 284 -25.77 1.24 34.18
C VAL A 284 -24.25 1.23 34.06
N VAL A 285 -23.62 2.19 34.71
CA VAL A 285 -22.16 2.30 34.69
C VAL A 285 -21.68 3.27 35.78
N LYS A 286 -20.47 3.05 36.29
CA LYS A 286 -19.96 3.85 37.40
C LYS A 286 -18.72 4.68 37.03
N THR A 287 -18.71 5.93 37.47
CA THR A 287 -17.56 6.80 37.26
C THR A 287 -16.56 6.63 38.40
N GLY A 288 -16.81 5.68 39.28
CA GLY A 288 -15.92 5.39 40.38
C GLY A 288 -16.07 6.35 41.56
N LEU A 289 -16.98 7.32 41.42
CA LEU A 289 -17.29 8.23 42.53
C LEU A 289 -17.75 7.44 43.74
N ILE A 290 -17.39 7.92 44.92
CA ILE A 290 -17.87 7.32 46.17
C ILE A 290 -19.33 7.70 46.38
N GLY A 291 -20.11 6.76 46.92
CA GLY A 291 -21.52 6.95 47.10
C GLY A 291 -22.18 7.61 45.90
N GLU A 292 -21.79 7.19 44.70
CA GLU A 292 -22.36 7.73 43.47
C GLU A 292 -23.84 7.43 43.34
N SER A 293 -24.64 8.46 43.13
CA SER A 293 -26.06 8.25 42.84
C SER A 293 -26.40 8.94 41.53
N ARG A 294 -27.41 8.42 40.87
CA ARG A 294 -27.97 9.03 39.68
C ARG A 294 -28.42 10.46 39.99
N GLU A 295 -29.32 10.59 40.97
CA GLU A 295 -29.81 11.89 41.39
C GLU A 295 -28.66 12.82 41.76
N GLY A 296 -27.64 12.29 42.43
CA GLY A 296 -26.48 13.09 42.77
C GLY A 296 -25.79 13.60 41.52
N ASN A 297 -25.75 12.75 40.49
CA ASN A 297 -25.14 13.10 39.21
C ASN A 297 -25.95 14.17 38.48
N LEU A 298 -27.26 14.06 38.56
CA LEU A 298 -28.16 15.03 37.94
C LEU A 298 -27.86 16.45 38.45
N GLU A 299 -27.56 16.52 39.74
CA GLU A 299 -27.23 17.79 40.40
C GLU A 299 -26.01 18.44 39.73
N ARG A 300 -24.96 17.64 39.55
CA ARG A 300 -23.74 18.10 38.91
C ARG A 300 -24.04 18.57 37.48
N LEU A 301 -24.85 17.79 36.77
CA LEU A 301 -25.22 18.12 35.39
C LEU A 301 -25.93 19.45 35.31
N ALA A 302 -27.01 19.59 36.09
CA ALA A 302 -27.75 20.84 36.19
C ALA A 302 -26.83 22.01 36.53
N SER A 303 -25.91 21.78 37.47
CA SER A 303 -24.94 22.79 37.87
C SER A 303 -24.11 23.35 36.70
N MET A 304 -23.82 22.51 35.70
CA MET A 304 -23.06 22.97 34.55
C MET A 304 -23.97 23.55 33.49
N GLY A 305 -25.26 23.61 33.78
CA GLY A 305 -26.19 24.21 32.85
C GLY A 305 -26.60 23.27 31.74
N ILE A 306 -26.60 21.97 32.04
CA ILE A 306 -27.11 20.98 31.10
C ILE A 306 -28.58 20.68 31.43
N LYS A 307 -29.46 21.27 30.65
CA LYS A 307 -30.89 21.20 30.94
C LYS A 307 -31.48 19.80 30.77
N ASN A 308 -31.20 19.15 29.65
CA ASN A 308 -31.69 17.79 29.44
C ASN A 308 -30.60 16.73 29.35
N PRO A 309 -30.31 16.07 30.47
CA PRO A 309 -29.30 15.01 30.58
C PRO A 309 -29.57 13.83 29.65
N ASP A 310 -30.84 13.54 29.36
CA ASP A 310 -31.19 12.43 28.47
C ASP A 310 -31.20 12.83 26.99
N GLN A 311 -30.80 14.06 26.70
CA GLN A 311 -30.79 14.56 25.34
C GLN A 311 -29.95 13.70 24.39
N VAL A 312 -30.47 13.47 23.20
CA VAL A 312 -29.68 12.84 22.15
C VAL A 312 -29.08 13.91 21.25
N TYR A 313 -27.78 13.83 21.02
CA TYR A 313 -27.13 14.76 20.10
C TYR A 313 -26.66 14.04 18.84
N ASN A 314 -26.85 14.66 17.68
CA ASN A 314 -26.17 14.22 16.47
C ASN A 314 -24.84 14.95 16.38
N CYS A 315 -23.97 14.59 15.45
CA CYS A 315 -22.64 15.19 15.51
C CYS A 315 -22.64 16.67 15.19
N GLU A 316 -23.59 17.14 14.38
CA GLU A 316 -23.70 18.58 14.10
C GLU A 316 -24.03 19.36 15.36
N GLU A 317 -24.67 18.71 16.32
CA GLU A 317 -24.97 19.34 17.60
C GLU A 317 -23.75 19.30 18.52
N LEU A 318 -23.08 18.16 18.56
CA LEU A 318 -21.89 18.00 19.38
C LEU A 318 -20.75 18.87 18.86
N ALA A 319 -20.72 19.08 17.55
CA ALA A 319 -19.73 19.96 16.94
C ALA A 319 -20.46 20.94 16.01
N CYS A 320 -20.89 22.06 16.59
CA CYS A 320 -21.85 22.96 15.95
C CYS A 320 -21.24 24.23 15.38
N GLY A 321 -19.94 24.40 15.53
CA GLY A 321 -19.34 25.66 15.11
C GLY A 321 -19.36 25.84 13.61
N GLU A 322 -19.15 27.05 13.16
CA GLU A 322 -19.11 27.32 11.73
C GLU A 322 -17.95 26.57 11.08
N THR A 323 -16.85 26.46 11.83
CA THR A 323 -15.65 25.82 11.35
C THR A 323 -15.26 24.72 12.31
N VAL A 324 -14.99 23.53 11.78
CA VAL A 324 -14.51 22.43 12.61
C VAL A 324 -13.22 21.90 12.01
N LEU A 325 -12.18 21.83 12.84
CA LEU A 325 -10.93 21.18 12.47
C LEU A 325 -10.74 19.96 13.37
N PHE A 326 -10.12 18.92 12.81
CA PHE A 326 -9.77 17.73 13.56
C PHE A 326 -8.37 17.27 13.13
N ALA A 327 -7.56 16.82 14.09
CA ALA A 327 -6.26 16.27 13.74
C ALA A 327 -5.92 15.12 14.66
N ALA A 328 -5.34 14.07 14.08
CA ALA A 328 -4.98 12.88 14.82
C ALA A 328 -3.69 12.33 14.26
N CYS A 329 -2.86 11.77 15.15
CA CYS A 329 -1.67 11.07 14.70
C CYS A 329 -1.55 9.75 15.46
N GLY A 330 -1.30 8.65 14.74
CA GLY A 330 -1.14 7.36 15.39
C GLY A 330 0.04 7.35 16.36
N ILE A 331 -0.19 6.75 17.53
CA ILE A 331 0.88 6.49 18.48
C ILE A 331 1.32 5.02 18.30
N THR A 332 0.43 4.08 18.60
CA THR A 332 0.61 2.68 18.22
C THR A 332 -0.18 2.46 16.93
N PRO A 333 0.07 1.34 16.21
CA PRO A 333 -0.62 1.22 14.92
C PRO A 333 -2.11 1.05 15.11
N GLY A 334 -2.90 1.48 14.14
CA GLY A 334 -4.34 1.34 14.25
C GLY A 334 -4.98 1.25 12.89
N THR A 335 -6.30 1.27 12.88
CA THR A 335 -7.08 1.09 11.66
C THR A 335 -6.87 2.21 10.64
N LEU A 336 -6.87 3.45 11.13
CA LEU A 336 -6.80 4.60 10.25
C LEU A 336 -5.37 5.05 9.98
N MET A 337 -4.47 4.74 10.91
CA MET A 337 -3.15 5.34 10.94
C MET A 337 -2.07 4.38 11.44
N GLU A 338 -0.93 4.38 10.77
CA GLU A 338 0.23 3.62 11.22
C GLU A 338 0.75 4.24 12.51
N GLY A 339 1.44 3.45 13.33
CA GLY A 339 2.00 3.98 14.57
C GLY A 339 3.29 4.74 14.34
N VAL A 340 3.86 5.28 15.39
CA VAL A 340 5.14 5.95 15.31
C VAL A 340 6.26 4.92 15.23
N ARG A 341 7.11 5.04 14.22
CA ARG A 341 8.24 4.13 14.02
C ARG A 341 9.56 4.87 14.20
N PHE A 342 10.43 4.39 15.10
CA PHE A 342 11.79 4.94 15.25
C PHE A 342 12.78 4.02 14.55
N PHE A 343 13.61 4.62 13.70
CA PHE A 343 14.62 3.87 12.97
C PHE A 343 15.89 4.69 12.91
N HIS A 344 16.91 4.12 12.27
CA HIS A 344 18.22 4.72 12.20
C HIS A 344 18.18 5.94 11.31
N GLY A 345 18.26 7.13 11.91
CA GLY A 345 18.24 8.35 11.15
C GLY A 345 16.90 9.08 11.11
N GLY A 346 15.93 8.63 11.88
CA GLY A 346 14.66 9.34 11.90
C GLY A 346 13.49 8.67 12.59
N VAL A 347 12.33 9.25 12.34
CA VAL A 347 11.06 8.82 12.92
C VAL A 347 10.06 8.91 11.80
N ARG A 348 9.05 8.03 11.81
CA ARG A 348 7.98 8.12 10.81
C ARG A 348 6.63 8.11 11.52
N THR A 349 5.76 9.03 11.11
CA THR A 349 4.44 9.14 11.70
C THR A 349 3.41 9.19 10.59
N GLN A 350 2.17 8.84 10.94
CA GLN A 350 1.05 9.03 10.02
C GLN A 350 -0.08 9.73 10.74
N SER A 351 -0.57 10.78 10.11
CA SER A 351 -1.61 11.61 10.70
C SER A 351 -2.83 11.71 9.80
N LEU A 352 -3.97 12.01 10.42
CA LEU A 352 -5.21 12.28 9.71
C LEU A 352 -5.70 13.66 10.15
N VAL A 353 -5.85 14.57 9.21
CA VAL A 353 -6.25 15.94 9.53
C VAL A 353 -7.42 16.33 8.62
N ILE A 354 -8.53 16.71 9.24
CA ILE A 354 -9.76 16.99 8.53
C ILE A 354 -10.24 18.41 8.80
N SER A 355 -10.67 19.12 7.76
CA SER A 355 -11.11 20.49 7.90
C SER A 355 -12.41 20.77 7.16
N SER A 356 -13.43 21.27 7.86
CA SER A 356 -14.65 21.72 7.20
C SER A 356 -14.40 23.01 6.39
N GLN A 357 -13.37 23.74 6.75
CA GLN A 357 -13.04 24.98 6.05
C GLN A 357 -12.53 24.72 4.63
N SER A 358 -11.50 23.89 4.50
CA SER A 358 -10.99 23.50 3.18
C SER A 358 -11.75 22.30 2.64
N SER A 359 -12.61 21.73 3.46
CA SER A 359 -13.33 20.52 3.10
C SER A 359 -12.39 19.38 2.64
N THR A 360 -11.44 19.04 3.49
CA THR A 360 -10.42 18.04 3.15
C THR A 360 -10.22 17.03 4.26
N ALA A 361 -9.90 15.81 3.85
CA ALA A 361 -9.43 14.81 4.80
C ALA A 361 -8.04 14.46 4.32
N ARG A 362 -7.03 14.82 5.11
CA ARG A 362 -5.64 14.61 4.71
C ARG A 362 -4.97 13.52 5.51
N PHE A 363 -4.38 12.57 4.80
CA PHE A 363 -3.52 11.59 5.44
C PHE A 363 -2.10 12.08 5.24
N VAL A 364 -1.37 12.26 6.35
CA VAL A 364 -0.04 12.88 6.29
C VAL A 364 0.99 11.88 6.76
N ASP A 365 1.88 11.51 5.84
CA ASP A 365 2.90 10.50 6.10
C ASP A 365 4.23 11.23 6.16
N THR A 366 4.77 11.39 7.37
CA THR A 366 5.94 12.22 7.54
C THR A 366 7.17 11.45 7.96
N VAL A 367 8.24 11.65 7.21
CA VAL A 367 9.56 11.20 7.62
C VAL A 367 10.28 12.36 8.28
N HIS A 368 10.49 12.22 9.58
CA HIS A 368 11.26 13.20 10.34
C HIS A 368 12.73 12.79 10.28
N MET A 369 13.50 13.52 9.48
CA MET A 369 14.91 13.25 9.34
C MET A 369 15.73 13.87 10.45
N LYS A 370 16.24 13.02 11.30
CA LYS A 370 17.01 13.45 12.43
C LYS A 370 18.49 13.46 12.18
N GLU A 371 19.03 12.55 11.40
CA GLU A 371 20.50 12.51 11.33
C GLU A 371 21.14 12.38 9.98
N SER A 372 20.58 13.06 8.99
CA SER A 372 20.99 12.89 7.60
C SER A 372 21.03 11.41 7.25
N PRO A 373 19.88 10.73 7.35
CA PRO A 373 19.87 9.29 7.11
C PRO A 373 20.45 8.91 5.75
N LYS A 374 21.22 7.84 5.70
CA LYS A 374 21.81 7.39 4.45
C LYS A 374 20.79 6.65 3.59
N VAL A 375 19.72 6.16 4.23
CA VAL A 375 18.67 5.45 3.52
C VAL A 375 17.35 6.06 3.89
N ILE A 376 16.56 6.40 2.87
CA ILE A 376 15.20 6.91 3.07
C ILE A 376 14.19 6.00 2.37
N GLN A 377 13.36 5.33 3.15
CA GLN A 377 12.37 4.42 2.59
C GLN A 377 11.20 5.17 1.97
N LEU A 378 10.77 4.76 0.78
CA LEU A 378 9.58 5.34 0.16
C LEU A 378 8.36 5.20 1.08
N HIS A 379 8.25 4.05 1.74
CA HIS A 379 7.11 3.77 2.61
C HIS A 379 7.56 3.31 3.97
N GLY B 31 16.25 -44.81 -4.11
CA GLY B 31 15.33 -43.96 -4.87
C GLY B 31 14.05 -43.62 -4.12
N ARG B 32 13.62 -42.37 -4.25
CA ARG B 32 12.44 -41.87 -3.55
C ARG B 32 11.71 -40.89 -4.48
N GLY B 33 10.44 -40.61 -4.21
CA GLY B 33 9.83 -39.45 -4.80
C GLY B 33 10.47 -38.24 -4.16
N SER B 34 10.24 -37.06 -4.74
CA SER B 34 10.57 -35.79 -4.09
C SER B 34 9.25 -35.05 -3.84
N VAL B 35 9.14 -34.36 -2.69
CA VAL B 35 7.93 -33.57 -2.40
C VAL B 35 7.51 -32.74 -3.62
N ASP B 36 6.28 -32.95 -4.10
CA ASP B 36 5.78 -32.30 -5.32
C ASP B 36 5.88 -30.80 -5.24
N SER B 37 6.53 -30.19 -6.22
CA SER B 37 6.63 -28.73 -6.28
C SER B 37 5.26 -28.05 -6.18
N THR B 38 4.22 -28.73 -6.64
CA THR B 38 2.89 -28.15 -6.67
C THR B 38 2.27 -27.99 -5.26
N LEU B 39 2.70 -28.85 -4.33
CA LEU B 39 2.21 -28.76 -2.94
C LEU B 39 2.44 -27.37 -2.32
N GLY B 40 3.54 -26.72 -2.68
CA GLY B 40 3.84 -25.39 -2.19
C GLY B 40 2.84 -24.31 -2.62
N LEU B 41 2.06 -24.60 -3.66
CA LEU B 41 0.99 -23.70 -4.09
C LEU B 41 -0.40 -24.14 -3.55
N GLU B 42 -0.64 -25.44 -3.51
CA GLU B 42 -1.92 -25.97 -3.03
C GLU B 42 -2.21 -25.61 -1.56
N ILE B 43 -1.17 -25.48 -0.76
CA ILE B 43 -1.35 -25.13 0.64
C ILE B 43 -1.89 -23.71 0.82
N ILE B 44 -1.84 -22.90 -0.24
CA ILE B 44 -2.50 -21.60 -0.25
C ILE B 44 -3.98 -21.81 0.04
N GLU B 45 -4.61 -22.74 -0.67
CA GLU B 45 -6.03 -22.95 -0.52
C GLU B 45 -6.35 -23.63 0.81
N VAL B 46 -5.38 -24.37 1.34
CA VAL B 46 -5.61 -25.00 2.64
C VAL B 46 -5.80 -23.94 3.71
N VAL B 47 -4.86 -22.99 3.82
CA VAL B 47 -4.91 -21.96 4.86
C VAL B 47 -6.01 -20.93 4.62
N GLU B 48 -6.31 -20.63 3.36
CA GLU B 48 -7.40 -19.73 3.03
C GLU B 48 -8.76 -20.24 3.51
N GLN B 49 -9.10 -21.46 3.13
CA GLN B 49 -10.37 -22.06 3.53
C GLN B 49 -10.50 -22.20 5.03
N ALA B 50 -9.42 -22.55 5.70
CA ALA B 50 -9.44 -22.60 7.16
C ALA B 50 -9.70 -21.22 7.74
N ALA B 51 -8.92 -20.22 7.31
CA ALA B 51 -9.07 -18.85 7.80
C ALA B 51 -10.51 -18.36 7.61
N ILE B 52 -11.02 -18.52 6.38
CA ILE B 52 -12.37 -18.05 6.06
C ILE B 52 -13.42 -18.64 7.00
N ALA B 53 -13.36 -19.94 7.22
CA ALA B 53 -14.31 -20.60 8.10
C ALA B 53 -14.25 -19.97 9.48
N SER B 54 -13.03 -19.90 10.03
CA SER B 54 -12.84 -19.37 11.38
C SER B 54 -13.33 -17.93 11.45
N ALA B 55 -13.05 -17.13 10.41
CA ALA B 55 -13.37 -15.70 10.45
C ALA B 55 -14.87 -15.45 10.65
N LYS B 56 -15.70 -16.36 10.17
CA LYS B 56 -17.14 -16.22 10.34
C LYS B 56 -17.52 -16.11 11.83
N TRP B 57 -16.61 -16.51 12.70
CA TRP B 57 -16.85 -16.49 14.14
C TRP B 57 -16.13 -15.36 14.88
N MET B 58 -15.59 -14.42 14.13
CA MET B 58 -14.88 -13.28 14.74
C MET B 58 -15.79 -12.47 15.66
N GLY B 59 -15.43 -12.37 16.93
CA GLY B 59 -16.16 -11.54 17.87
C GLY B 59 -17.37 -12.22 18.49
N LYS B 60 -17.64 -13.46 18.09
CA LYS B 60 -18.77 -14.19 18.64
C LYS B 60 -18.53 -14.85 20.00
N GLY B 61 -17.36 -14.66 20.57
CA GLY B 61 -17.06 -15.22 21.88
C GLY B 61 -17.14 -16.74 22.00
N GLU B 62 -16.85 -17.47 20.93
CA GLU B 62 -16.79 -18.93 20.98
C GLU B 62 -15.44 -19.37 20.41
N LYS B 63 -14.45 -19.53 21.29
CA LYS B 63 -13.10 -19.83 20.82
C LYS B 63 -12.95 -21.27 20.37
N ASN B 64 -13.76 -22.17 20.93
CA ASN B 64 -13.75 -23.56 20.46
C ASN B 64 -14.39 -23.72 19.07
N THR B 65 -15.55 -23.10 18.87
CA THR B 65 -16.20 -23.08 17.57
C THR B 65 -15.26 -22.49 16.51
N ALA B 66 -14.65 -21.36 16.83
CA ALA B 66 -13.75 -20.70 15.89
C ALA B 66 -12.61 -21.65 15.56
N ASP B 67 -12.15 -22.37 16.58
CA ASP B 67 -11.14 -23.39 16.41
C ASP B 67 -11.63 -24.58 15.56
N GLN B 68 -12.75 -25.19 15.97
CA GLN B 68 -13.27 -26.40 15.33
C GLN B 68 -13.55 -26.24 13.83
N VAL B 69 -14.14 -25.12 13.44
CA VAL B 69 -14.47 -24.92 12.03
C VAL B 69 -13.21 -24.74 11.18
N ALA B 70 -12.22 -24.08 11.76
CA ALA B 70 -10.90 -23.97 11.13
C ALA B 70 -10.29 -25.36 10.92
N VAL B 71 -10.33 -26.15 12.00
CA VAL B 71 -9.77 -27.50 11.99
C VAL B 71 -10.43 -28.33 10.89
N GLU B 72 -11.75 -28.33 10.87
CA GLU B 72 -12.47 -29.12 9.89
C GLU B 72 -12.16 -28.67 8.46
N ALA B 73 -12.11 -27.36 8.24
CA ALA B 73 -11.91 -26.84 6.89
C ALA B 73 -10.48 -27.08 6.41
N MET B 74 -9.50 -26.95 7.30
CA MET B 74 -8.13 -27.25 6.90
C MET B 74 -7.99 -28.71 6.50
N ARG B 75 -8.61 -29.57 7.31
CA ARG B 75 -8.57 -31.02 7.11
C ARG B 75 -9.20 -31.43 5.78
N GLU B 76 -10.38 -30.87 5.51
CA GLU B 76 -11.10 -31.20 4.30
C GLU B 76 -10.28 -30.81 3.08
N ARG B 77 -9.68 -29.63 3.15
CA ARG B 77 -8.92 -29.13 2.03
C ARG B 77 -7.63 -29.94 1.84
N MET B 78 -7.04 -30.43 2.92
CA MET B 78 -5.86 -31.28 2.79
C MET B 78 -6.22 -32.61 2.16
N ASN B 79 -7.38 -33.15 2.53
CA ASN B 79 -7.80 -34.44 2.01
C ASN B 79 -8.21 -34.43 0.57
N LYS B 80 -8.07 -33.28 -0.08
CA LYS B 80 -8.30 -33.20 -1.51
C LYS B 80 -6.97 -33.15 -2.25
N ILE B 81 -5.88 -33.02 -1.51
CA ILE B 81 -4.55 -32.94 -2.10
C ILE B 81 -3.96 -34.32 -2.40
N HIS B 82 -3.35 -34.46 -3.57
CA HIS B 82 -2.58 -35.67 -3.85
C HIS B 82 -1.30 -35.68 -3.04
N MET B 83 -1.41 -36.07 -1.78
CA MET B 83 -0.24 -36.21 -0.92
C MET B 83 -0.44 -37.36 0.05
N ARG B 84 0.63 -37.68 0.76
CA ARG B 84 0.59 -38.72 1.76
C ARG B 84 1.10 -38.16 3.08
N GLY B 85 0.22 -37.49 3.82
CA GLY B 85 0.65 -36.78 5.00
C GLY B 85 0.34 -37.44 6.32
N ARG B 86 1.22 -37.22 7.28
CA ARG B 86 0.96 -37.62 8.65
C ARG B 86 1.04 -36.39 9.54
N ILE B 87 0.01 -36.17 10.35
CA ILE B 87 0.01 -35.09 11.34
C ILE B 87 0.98 -35.41 12.47
N VAL B 88 1.95 -34.54 12.72
CA VAL B 88 2.91 -34.74 13.82
C VAL B 88 2.78 -33.66 14.89
N ILE B 89 2.12 -32.57 14.53
CA ILE B 89 1.75 -31.52 15.48
C ILE B 89 0.31 -31.16 15.17
N GLY B 90 -0.54 -31.18 16.19
CA GLY B 90 -1.96 -31.02 15.96
C GLY B 90 -2.80 -30.76 17.18
N GLU B 91 -4.02 -31.26 17.16
CA GLU B 91 -5.02 -30.92 18.16
C GLU B 91 -4.96 -31.82 19.39
N GLY B 92 -4.22 -32.91 19.30
CA GLY B 92 -4.17 -33.86 20.40
C GLY B 92 -3.94 -35.27 19.92
N GLU B 93 -3.95 -36.21 20.86
CA GLU B 93 -3.76 -37.62 20.55
C GLU B 93 -5.04 -38.23 19.98
N ARG B 94 -4.88 -39.28 19.19
CA ARG B 94 -6.04 -40.02 18.73
C ARG B 94 -6.80 -40.53 19.96
N ASP B 95 -8.11 -40.64 19.85
CA ASP B 95 -8.96 -41.04 20.98
C ASP B 95 -9.16 -39.90 21.99
N ASP B 96 -8.66 -38.72 21.63
CA ASP B 96 -8.95 -37.49 22.38
C ASP B 96 -9.44 -36.39 21.43
N ALA B 97 -8.53 -35.86 20.63
CA ALA B 97 -8.89 -34.93 19.56
C ALA B 97 -9.51 -35.71 18.41
N PRO B 98 -10.68 -35.28 17.95
CA PRO B 98 -11.38 -35.94 16.84
C PRO B 98 -10.79 -35.67 15.45
N MET B 99 -10.14 -34.53 15.26
CA MET B 99 -9.71 -34.12 13.92
C MET B 99 -8.29 -33.54 13.95
N LEU B 100 -7.46 -33.99 13.01
CA LEU B 100 -6.08 -33.55 12.93
C LEU B 100 -5.36 -33.89 14.23
N TYR B 101 -5.54 -35.14 14.64
CA TYR B 101 -4.85 -35.66 15.80
C TYR B 101 -3.48 -36.18 15.38
N ILE B 102 -2.59 -36.30 16.36
CA ILE B 102 -1.24 -36.78 16.11
C ILE B 102 -1.25 -38.20 15.55
N GLY B 103 -0.70 -38.36 14.36
CA GLY B 103 -0.69 -39.66 13.70
C GLY B 103 -1.69 -39.76 12.56
N GLU B 104 -2.68 -38.87 12.56
CA GLU B 104 -3.73 -38.94 11.56
C GLU B 104 -3.19 -38.84 10.14
N GLU B 105 -3.76 -39.64 9.25
CA GLU B 105 -3.36 -39.66 7.86
C GLU B 105 -4.26 -38.71 7.06
N VAL B 106 -3.64 -37.85 6.26
CA VAL B 106 -4.36 -36.87 5.47
C VAL B 106 -3.83 -36.88 4.07
N GLY B 107 -4.68 -36.56 3.11
CA GLY B 107 -4.31 -36.59 1.71
C GLY B 107 -4.86 -37.82 1.01
N ILE B 108 -5.08 -37.69 -0.29
CA ILE B 108 -5.63 -38.76 -1.10
C ILE B 108 -4.69 -39.94 -1.19
N CYS B 109 -3.41 -39.66 -1.45
CA CYS B 109 -2.37 -40.71 -1.57
C CYS B 109 -2.13 -41.44 -0.25
N THR B 110 -3.03 -41.23 0.71
CA THR B 110 -3.01 -41.93 1.99
C THR B 110 -3.89 -43.20 1.92
N ARG B 111 -4.70 -43.28 0.87
CA ARG B 111 -5.55 -44.45 0.64
C ARG B 111 -4.73 -45.71 0.32
N GLU B 112 -5.32 -46.88 0.53
CA GLU B 112 -4.62 -48.14 0.24
C GLU B 112 -4.42 -48.27 -1.27
N ASP B 113 -5.43 -47.83 -2.01
CA ASP B 113 -5.43 -47.87 -3.46
C ASP B 113 -4.36 -46.95 -4.09
N ALA B 114 -3.75 -46.10 -3.27
CA ALA B 114 -2.97 -44.93 -3.72
C ALA B 114 -1.97 -45.12 -4.87
N LYS B 115 -1.22 -46.21 -4.86
CA LYS B 115 -0.22 -46.45 -5.91
C LYS B 115 -0.86 -46.41 -7.31
N SER B 116 -2.15 -46.70 -7.39
CA SER B 116 -2.89 -46.72 -8.65
C SER B 116 -3.28 -45.32 -9.13
N PHE B 117 -3.31 -44.35 -8.21
CA PHE B 117 -3.86 -43.03 -8.51
C PHE B 117 -2.89 -41.89 -8.24
N CYS B 118 -1.74 -42.22 -7.65
CA CYS B 118 -0.76 -41.21 -7.27
C CYS B 118 0.63 -41.51 -7.88
N ASN B 119 1.35 -40.45 -8.27
CA ASN B 119 2.73 -40.58 -8.74
C ASN B 119 3.76 -40.56 -7.58
N PRO B 120 5.03 -40.89 -7.88
CA PRO B 120 6.10 -40.99 -6.89
C PRO B 120 6.30 -39.74 -6.03
N ASP B 121 6.28 -38.55 -6.64
CA ASP B 121 6.34 -37.32 -5.85
C ASP B 121 5.17 -37.19 -4.89
N GLU B 122 3.98 -37.51 -5.37
CA GLU B 122 2.76 -37.41 -4.55
C GLU B 122 2.71 -38.45 -3.44
N LEU B 123 3.38 -39.59 -3.63
CA LEU B 123 3.34 -40.66 -2.65
C LEU B 123 4.40 -40.52 -1.56
N VAL B 124 5.26 -39.50 -1.68
CA VAL B 124 6.26 -39.25 -0.64
C VAL B 124 5.56 -39.03 0.69
N GLU B 125 6.02 -39.74 1.72
CA GLU B 125 5.49 -39.54 3.05
C GLU B 125 5.97 -38.18 3.55
N ILE B 126 5.03 -37.35 3.96
CA ILE B 126 5.35 -36.03 4.48
C ILE B 126 4.74 -35.87 5.86
N ASP B 127 5.50 -35.22 6.74
CA ASP B 127 5.00 -34.86 8.06
C ASP B 127 4.50 -33.43 8.05
N ILE B 128 3.35 -33.23 8.70
CA ILE B 128 2.63 -31.96 8.70
C ILE B 128 2.37 -31.44 10.11
N ALA B 129 2.73 -30.18 10.35
CA ALA B 129 2.41 -29.51 11.60
C ALA B 129 1.29 -28.49 11.32
N VAL B 130 0.17 -28.60 12.05
CA VAL B 130 -0.94 -27.71 11.80
C VAL B 130 -1.26 -26.92 13.06
N ASP B 131 -1.76 -25.71 12.85
CA ASP B 131 -2.37 -24.90 13.88
C ASP B 131 -3.44 -24.10 13.16
N PRO B 132 -4.58 -24.74 12.88
CA PRO B 132 -5.68 -24.23 12.04
C PRO B 132 -6.17 -22.92 12.57
N CYS B 133 -6.10 -22.74 13.88
CA CYS B 133 -6.56 -21.51 14.49
C CYS B 133 -5.61 -21.06 15.60
N GLU B 134 -4.57 -20.35 15.23
CA GLU B 134 -3.65 -19.88 16.23
C GLU B 134 -4.06 -18.53 16.81
N GLY B 135 -4.45 -18.57 18.06
CA GLY B 135 -5.02 -17.44 18.75
C GLY B 135 -6.52 -17.56 18.73
N THR B 136 -7.02 -18.67 19.24
CA THR B 136 -8.43 -18.97 19.24
C THR B 136 -9.24 -17.93 19.99
N ASN B 137 -8.67 -17.39 21.03
CA ASN B 137 -9.32 -16.32 21.79
C ASN B 137 -9.27 -14.96 21.09
N LEU B 138 -8.20 -14.70 20.35
CA LEU B 138 -8.14 -13.52 19.49
C LEU B 138 -9.33 -13.50 18.55
N VAL B 139 -9.62 -14.66 17.93
CA VAL B 139 -10.77 -14.76 17.05
C VAL B 139 -12.07 -14.54 17.80
N ALA B 140 -12.25 -15.21 18.94
CA ALA B 140 -13.49 -15.07 19.70
C ALA B 140 -13.78 -13.62 20.11
N TYR B 141 -12.73 -12.84 20.35
CA TYR B 141 -12.90 -11.46 20.80
C TYR B 141 -12.78 -10.41 19.69
N GLY B 142 -12.54 -10.86 18.46
CA GLY B 142 -12.38 -9.97 17.32
C GLY B 142 -11.10 -9.16 17.43
N GLN B 143 -10.04 -9.80 17.88
CA GLN B 143 -8.78 -9.12 18.15
C GLN B 143 -7.67 -9.53 17.20
N ASN B 144 -6.69 -8.64 17.04
CA ASN B 144 -5.64 -8.83 16.06
C ASN B 144 -4.67 -9.97 16.34
N GLY B 145 -4.15 -10.58 15.29
CA GLY B 145 -3.00 -11.46 15.41
C GLY B 145 -3.26 -12.95 15.30
N SER B 146 -4.45 -13.34 14.87
CA SER B 146 -4.77 -14.76 14.73
C SER B 146 -4.65 -15.19 13.27
N MET B 147 -4.26 -16.43 13.05
CA MET B 147 -4.09 -16.93 11.69
C MET B 147 -4.33 -18.43 11.64
N ALA B 148 -4.61 -18.92 10.43
CA ALA B 148 -4.61 -20.35 10.15
C ALA B 148 -3.23 -20.65 9.60
N VAL B 149 -2.55 -21.62 10.21
CA VAL B 149 -1.15 -21.87 9.87
C VAL B 149 -0.75 -23.36 9.81
N LEU B 150 0.22 -23.68 8.96
CA LEU B 150 0.71 -25.05 8.86
C LEU B 150 2.15 -25.10 8.35
N ALA B 151 2.82 -26.24 8.56
CA ALA B 151 4.18 -26.44 8.11
C ALA B 151 4.38 -27.88 7.66
N ILE B 152 5.25 -28.08 6.67
CA ILE B 152 5.40 -29.39 6.06
C ILE B 152 6.86 -29.74 5.82
N SER B 153 7.16 -31.03 5.83
CA SER B 153 8.48 -31.52 5.51
C SER B 153 8.34 -32.98 5.17
N GLU B 154 9.43 -33.60 4.71
CA GLU B 154 9.46 -35.06 4.57
C GLU B 154 9.31 -35.69 5.96
N LYS B 155 8.88 -36.94 5.98
CA LYS B 155 8.74 -37.68 7.23
C LYS B 155 9.96 -37.48 8.11
N GLY B 156 9.74 -37.16 9.38
CA GLY B 156 10.83 -36.93 10.31
C GLY B 156 11.47 -35.56 10.20
N GLY B 157 11.00 -34.75 9.25
CA GLY B 157 11.58 -33.45 8.96
C GLY B 157 11.15 -32.31 9.86
N LEU B 158 10.22 -32.57 10.78
CA LEU B 158 9.77 -31.60 11.78
C LEU B 158 9.79 -32.16 13.20
N PHE B 159 10.36 -31.39 14.13
CA PHE B 159 10.34 -31.77 15.54
C PHE B 159 8.92 -31.96 16.03
N ALA B 160 8.57 -33.20 16.38
CA ALA B 160 7.23 -33.49 16.90
C ALA B 160 7.09 -33.06 18.34
N ALA B 161 6.99 -31.75 18.56
CA ALA B 161 7.01 -31.20 19.90
C ALA B 161 5.85 -31.65 20.77
N PRO B 162 6.13 -31.90 22.06
CA PRO B 162 5.10 -32.23 23.04
C PRO B 162 4.33 -30.98 23.47
N ASP B 163 3.20 -31.15 24.14
CA ASP B 163 2.42 -30.00 24.61
C ASP B 163 3.04 -29.36 25.85
N PHE B 164 4.26 -28.87 25.72
CA PHE B 164 4.95 -28.18 26.82
C PHE B 164 5.24 -26.75 26.38
N TYR B 165 5.76 -25.93 27.29
CA TYR B 165 6.15 -24.57 26.94
C TYR B 165 7.55 -24.51 26.39
N MET B 166 7.81 -23.47 25.60
CA MET B 166 9.10 -23.31 24.94
C MET B 166 9.61 -21.90 25.07
N LYS B 167 10.82 -21.75 25.60
CA LYS B 167 11.47 -20.45 25.61
C LYS B 167 11.98 -20.15 24.21
N LYS B 168 11.75 -18.94 23.72
CA LYS B 168 12.05 -18.60 22.31
C LYS B 168 12.85 -17.32 22.13
N LEU B 169 13.69 -17.33 21.10
CA LEU B 169 14.33 -16.12 20.62
C LEU B 169 14.21 -16.08 19.11
N ALA B 170 13.47 -15.10 18.60
CA ALA B 170 13.37 -14.85 17.16
C ALA B 170 13.98 -13.49 16.86
N ALA B 171 14.67 -13.38 15.73
CA ALA B 171 15.32 -12.14 15.34
C ALA B 171 15.51 -12.23 13.84
N PRO B 172 15.82 -11.09 13.20
CA PRO B 172 15.88 -11.01 11.74
C PRO B 172 17.14 -11.64 11.18
N PRO B 173 17.14 -11.96 9.88
CA PRO B 173 18.28 -12.60 9.24
C PRO B 173 19.61 -11.92 9.54
N ALA B 174 19.66 -10.59 9.46
CA ALA B 174 20.90 -9.88 9.81
C ALA B 174 21.47 -10.26 11.18
N ALA B 175 20.60 -10.74 12.08
CA ALA B 175 21.03 -11.12 13.42
C ALA B 175 21.24 -12.63 13.61
N LYS B 176 20.91 -13.43 12.60
CA LYS B 176 21.00 -14.89 12.72
C LYS B 176 22.38 -15.39 13.17
N GLY B 177 22.40 -16.17 14.23
CA GLY B 177 23.64 -16.71 14.73
C GLY B 177 24.39 -15.74 15.62
N HIS B 178 23.99 -14.48 15.65
CA HIS B 178 24.67 -13.50 16.49
C HIS B 178 24.03 -13.31 17.86
N VAL B 179 22.72 -13.17 17.89
CA VAL B 179 22.03 -13.24 19.18
C VAL B 179 22.05 -14.71 19.62
N ASP B 180 21.73 -14.97 20.88
CA ASP B 180 21.61 -16.35 21.32
C ASP B 180 20.68 -16.48 22.52
N ILE B 181 19.86 -17.52 22.49
CA ILE B 181 18.82 -17.74 23.49
C ILE B 181 19.34 -17.85 24.93
N ASP B 182 20.59 -18.28 25.11
CA ASP B 182 21.14 -18.36 26.47
C ASP B 182 21.68 -17.03 26.97
N LYS B 183 21.86 -16.05 26.09
CA LYS B 183 22.27 -14.72 26.51
C LYS B 183 21.11 -14.01 27.17
N SER B 184 21.42 -13.06 28.05
CA SER B 184 20.40 -12.23 28.66
C SER B 184 19.73 -11.36 27.60
N ALA B 185 18.56 -10.85 27.94
CA ALA B 185 17.87 -9.94 27.05
C ALA B 185 18.75 -8.72 26.81
N THR B 186 19.37 -8.24 27.88
CA THR B 186 20.23 -7.09 27.78
C THR B 186 21.29 -7.32 26.71
N GLU B 187 21.97 -8.46 26.77
CA GLU B 187 23.05 -8.67 25.82
C GLU B 187 22.54 -8.90 24.41
N ASN B 188 21.40 -9.58 24.27
CA ASN B 188 20.83 -9.78 22.95
C ASN B 188 20.44 -8.45 22.31
N LEU B 189 19.94 -7.51 23.12
CA LEU B 189 19.56 -6.19 22.61
C LEU B 189 20.77 -5.41 22.08
N LYS B 190 21.91 -5.48 22.80
CA LYS B 190 23.10 -4.80 22.33
C LYS B 190 23.52 -5.39 21.00
N ILE B 191 23.47 -6.71 20.93
CA ILE B 191 23.83 -7.43 19.72
C ILE B 191 22.90 -7.07 18.57
N LEU B 192 21.59 -7.06 18.85
CA LEU B 192 20.60 -6.65 17.84
C LEU B 192 20.93 -5.27 17.35
N SER B 193 21.22 -4.37 18.29
CA SER B 193 21.57 -2.99 17.96
C SER B 193 22.69 -2.90 16.92
N ASP B 194 23.76 -3.65 17.13
CA ASP B 194 24.86 -3.70 16.16
CA ASP B 194 24.84 -3.65 16.15
C ASP B 194 24.42 -4.31 14.83
N CYS B 195 23.76 -5.47 14.89
CA CYS B 195 23.36 -6.19 13.68
C CYS B 195 22.38 -5.43 12.79
N LEU B 196 21.43 -4.75 13.41
CA LEU B 196 20.36 -4.08 12.65
C LEU B 196 20.71 -2.61 12.47
N ASN B 197 21.94 -2.26 12.86
CA ASN B 197 22.46 -0.91 12.70
C ASN B 197 21.46 0.15 13.15
N ARG B 198 21.08 0.07 14.42
CA ARG B 198 20.17 1.05 15.01
C ARG B 198 20.24 0.99 16.52
N SER B 199 19.79 2.04 17.18
CA SER B 199 19.87 2.09 18.64
C SER B 199 18.86 1.16 19.28
N ILE B 200 19.13 0.75 20.52
CA ILE B 200 18.18 -0.05 21.29
C ILE B 200 16.81 0.64 21.41
N GLU B 201 16.81 1.97 21.48
CA GLU B 201 15.54 2.72 21.53
C GLU B 201 14.81 2.59 20.20
N GLU B 202 15.55 2.22 19.15
CA GLU B 202 14.96 2.06 17.83
C GLU B 202 14.58 0.60 17.55
N LEU B 203 14.58 -0.21 18.61
CA LEU B 203 14.17 -1.62 18.50
C LEU B 203 12.83 -1.84 19.18
N VAL B 204 12.06 -2.80 18.67
CA VAL B 204 10.80 -3.20 19.27
C VAL B 204 10.80 -4.71 19.52
N VAL B 205 10.50 -5.11 20.75
CA VAL B 205 10.51 -6.52 21.10
C VAL B 205 9.10 -6.95 21.47
N VAL B 206 8.68 -8.11 20.94
CA VAL B 206 7.39 -8.69 21.31
C VAL B 206 7.54 -9.68 22.46
N VAL B 207 6.65 -9.61 23.44
CA VAL B 207 6.68 -10.51 24.59
C VAL B 207 5.24 -10.82 24.96
N MET B 208 4.95 -12.06 25.30
CA MET B 208 3.59 -12.38 25.68
C MET B 208 3.27 -11.71 27.02
N ASP B 209 2.08 -11.13 27.13
CA ASP B 209 1.63 -10.54 28.38
C ASP B 209 1.29 -11.67 29.35
N ARG B 210 2.29 -12.12 30.12
CA ARG B 210 2.11 -13.25 31.03
C ARG B 210 2.89 -12.97 32.30
N PRO B 211 2.37 -13.43 33.45
CA PRO B 211 3.08 -13.19 34.71
C PRO B 211 4.51 -13.77 34.70
N ARG B 212 4.70 -14.89 34.02
CA ARG B 212 6.02 -15.53 33.91
C ARG B 212 7.08 -14.62 33.27
N HIS B 213 6.66 -13.47 32.75
CA HIS B 213 7.56 -12.62 31.98
C HIS B 213 7.81 -11.28 32.66
N LYS B 214 7.28 -11.15 33.87
CA LYS B 214 7.45 -9.93 34.65
C LYS B 214 8.88 -9.43 34.65
N GLU B 215 9.82 -10.29 35.06
CA GLU B 215 11.22 -9.87 35.14
C GLU B 215 11.82 -9.60 33.77
N LEU B 216 11.48 -10.42 32.80
CA LEU B 216 12.02 -10.29 31.45
C LEU B 216 11.63 -8.96 30.83
N ILE B 217 10.34 -8.63 30.95
CA ILE B 217 9.81 -7.37 30.48
C ILE B 217 10.50 -6.21 31.18
N GLN B 218 10.61 -6.30 32.51
CA GLN B 218 11.35 -5.30 33.27
C GLN B 218 12.75 -5.08 32.67
N GLU B 219 13.43 -6.17 32.33
CA GLU B 219 14.79 -6.08 31.82
C GLU B 219 14.82 -5.39 30.45
N ILE B 220 13.91 -5.79 29.57
CA ILE B 220 13.86 -5.18 28.25
C ILE B 220 13.61 -3.67 28.40
N ARG B 221 12.66 -3.32 29.26
CA ARG B 221 12.38 -1.92 29.57
C ARG B 221 13.61 -1.17 30.04
N ASN B 222 14.31 -1.73 31.03
CA ASN B 222 15.52 -1.10 31.56
C ASN B 222 16.57 -0.85 30.49
N ALA B 223 16.73 -1.81 29.59
CA ALA B 223 17.70 -1.72 28.52
C ALA B 223 17.33 -0.63 27.50
N GLY B 224 16.06 -0.23 27.48
CA GLY B 224 15.65 0.90 26.66
C GLY B 224 14.86 0.61 25.39
N ALA B 225 14.70 -0.67 25.07
CA ALA B 225 13.91 -1.06 23.90
C ALA B 225 12.42 -0.78 24.11
N ARG B 226 11.68 -0.57 23.03
CA ARG B 226 10.23 -0.49 23.15
C ARG B 226 9.66 -1.92 23.08
N VAL B 227 8.43 -2.06 23.55
CA VAL B 227 7.83 -3.39 23.70
C VAL B 227 6.40 -3.45 23.18
N ARG B 228 6.06 -4.56 22.53
CA ARG B 228 4.66 -4.88 22.25
C ARG B 228 4.32 -6.09 23.06
N LEU B 229 3.41 -5.91 24.02
CA LEU B 229 2.85 -7.03 24.78
C LEU B 229 1.63 -7.60 24.04
N ILE B 230 1.60 -8.92 23.88
CA ILE B 230 0.49 -9.56 23.20
C ILE B 230 -0.21 -10.49 24.16
N SER B 231 -1.50 -10.64 23.98
CA SER B 231 -2.29 -11.45 24.87
C SER B 231 -2.32 -12.90 24.39
N ASP B 232 -2.01 -13.10 23.11
CA ASP B 232 -1.97 -14.41 22.46
C ASP B 232 -1.30 -14.27 21.09
N GLY B 233 -0.98 -15.42 20.49
CA GLY B 233 -0.51 -15.49 19.12
C GLY B 233 0.96 -15.18 18.88
N ASP B 234 1.86 -16.05 19.34
CA ASP B 234 3.29 -15.75 19.19
C ASP B 234 3.94 -16.33 17.92
N VAL B 235 3.16 -17.00 17.08
CA VAL B 235 3.64 -17.43 15.77
C VAL B 235 3.84 -16.22 14.86
N SER B 236 2.83 -15.36 14.79
CA SER B 236 2.95 -14.13 14.02
C SER B 236 4.10 -13.25 14.53
N ALA B 237 4.21 -13.11 15.84
CA ALA B 237 5.28 -12.29 16.40
C ALA B 237 6.65 -12.75 15.95
N ALA B 238 6.91 -14.04 16.04
CA ALA B 238 8.23 -14.57 15.69
C ALA B 238 8.59 -14.30 14.22
N ILE B 239 7.67 -14.60 13.32
CA ILE B 239 7.92 -14.45 11.89
C ILE B 239 7.99 -12.98 11.45
N SER B 240 7.32 -12.10 12.18
CA SER B 240 7.35 -10.67 11.88
C SER B 240 8.75 -10.11 11.93
N CYS B 241 9.60 -10.72 12.75
CA CYS B 241 11.00 -10.33 12.86
C CYS B 241 11.76 -10.41 11.56
N ALA B 242 11.34 -11.32 10.69
CA ALA B 242 12.07 -11.59 9.45
C ALA B 242 11.93 -10.49 8.40
N PHE B 243 10.83 -9.74 8.44
CA PHE B 243 10.57 -8.75 7.41
C PHE B 243 10.81 -7.32 7.88
N SER B 244 11.65 -6.59 7.16
CA SER B 244 11.80 -5.15 7.40
C SER B 244 10.52 -4.45 6.98
N GLY B 245 10.01 -3.61 7.86
CA GLY B 245 8.73 -2.94 7.63
C GLY B 245 7.69 -3.29 8.66
N THR B 246 7.97 -4.30 9.48
CA THR B 246 7.03 -4.68 10.51
C THR B 246 7.25 -3.88 11.78
N ASN B 247 8.41 -3.24 11.89
CA ASN B 247 8.74 -2.53 13.13
C ASN B 247 8.69 -3.48 14.33
N ILE B 248 8.96 -4.76 14.07
CA ILE B 248 9.17 -5.76 15.11
C ILE B 248 10.50 -6.46 14.87
N HIS B 249 11.35 -6.51 15.88
CA HIS B 249 12.73 -6.92 15.62
C HIS B 249 13.16 -8.17 16.37
N ALA B 250 12.48 -8.47 17.46
CA ALA B 250 12.74 -9.72 18.18
C ALA B 250 11.48 -10.18 18.89
N LEU B 251 11.42 -11.49 19.10
CA LEU B 251 10.47 -12.09 20.03
C LEU B 251 11.31 -12.70 21.15
N MET B 252 10.91 -12.43 22.40
CA MET B 252 11.54 -13.07 23.54
C MET B 252 10.49 -13.65 24.49
N GLY B 253 10.84 -14.76 25.14
CA GLY B 253 10.01 -15.30 26.18
C GLY B 253 9.55 -16.72 25.94
N ILE B 254 8.53 -17.13 26.67
CA ILE B 254 8.06 -18.50 26.63
C ILE B 254 6.66 -18.56 26.06
N GLY B 255 6.46 -19.44 25.08
CA GLY B 255 5.15 -19.76 24.55
C GLY B 255 5.02 -21.26 24.39
N ALA B 256 4.03 -21.69 23.63
CA ALA B 256 3.80 -23.12 23.41
C ALA B 256 4.86 -23.70 22.45
N ALA B 257 5.30 -24.92 22.75
CA ALA B 257 6.30 -25.61 21.94
C ALA B 257 5.89 -25.88 20.48
N PRO B 258 4.70 -26.46 20.26
CA PRO B 258 4.32 -26.75 18.88
C PRO B 258 4.29 -25.48 18.02
N GLU B 259 3.78 -24.38 18.57
CA GLU B 259 3.78 -23.11 17.86
C GLU B 259 5.20 -22.72 17.48
N GLY B 260 6.16 -23.08 18.34
CA GLY B 260 7.57 -22.83 18.11
C GLY B 260 8.12 -23.50 16.87
N VAL B 261 7.67 -24.74 16.61
CA VAL B 261 8.17 -25.50 15.48
C VAL B 261 7.64 -24.93 14.18
N ILE B 262 6.35 -24.64 14.17
CA ILE B 262 5.74 -24.04 13.00
C ILE B 262 6.42 -22.71 12.67
N SER B 263 6.76 -21.95 13.72
CA SER B 263 7.49 -20.71 13.56
C SER B 263 8.87 -20.96 12.98
N ALA B 264 9.55 -21.97 13.53
CA ALA B 264 10.89 -22.32 13.07
C ALA B 264 10.90 -22.72 11.59
N ALA B 265 9.84 -23.39 11.12
CA ALA B 265 9.81 -23.79 9.71
C ALA B 265 9.89 -22.56 8.81
N ALA B 266 9.13 -21.53 9.16
CA ALA B 266 9.12 -20.30 8.37
C ALA B 266 10.47 -19.61 8.45
N MET B 267 11.03 -19.52 9.66
CA MET B 267 12.28 -18.80 9.85
C MET B 267 13.44 -19.48 9.12
N ARG B 268 13.39 -20.80 9.05
CA ARG B 268 14.42 -21.54 8.35
C ARG B 268 14.41 -21.23 6.86
N CYS B 269 13.23 -21.15 6.27
CA CYS B 269 13.12 -20.79 4.85
C CYS B 269 13.53 -19.35 4.57
N LEU B 270 13.27 -18.45 5.52
CA LEU B 270 13.56 -17.02 5.35
C LEU B 270 15.01 -16.64 5.76
N GLY B 271 15.69 -17.52 6.48
CA GLY B 271 17.03 -17.24 6.92
C GLY B 271 17.01 -16.45 8.20
N GLY B 272 15.87 -16.51 8.89
CA GLY B 272 15.68 -15.75 10.11
C GLY B 272 16.30 -16.49 11.27
N HIS B 273 16.44 -15.81 12.41
CA HIS B 273 16.91 -16.48 13.62
C HIS B 273 15.73 -16.99 14.45
N PHE B 274 15.79 -18.27 14.81
CA PHE B 274 14.85 -18.84 15.78
C PHE B 274 15.48 -19.99 16.56
N GLN B 275 15.52 -19.83 17.88
CA GLN B 275 15.95 -20.90 18.75
C GLN B 275 14.87 -21.17 19.78
N GLY B 276 14.78 -22.40 20.23
CA GLY B 276 13.80 -22.80 21.21
C GLY B 276 14.36 -23.78 22.24
N GLN B 277 13.77 -23.77 23.43
CA GLN B 277 14.19 -24.68 24.47
C GLN B 277 12.99 -25.08 25.30
N LEU B 278 12.71 -26.38 25.37
CA LEU B 278 11.60 -26.86 26.19
C LEU B 278 11.67 -26.38 27.63
N ILE B 279 10.54 -25.90 28.15
CA ILE B 279 10.42 -25.51 29.55
C ILE B 279 9.39 -26.40 30.21
N TYR B 280 9.83 -27.16 31.21
CA TYR B 280 9.00 -28.18 31.84
C TYR B 280 8.93 -27.98 33.35
N ASP B 281 9.40 -26.83 33.82
CA ASP B 281 9.44 -26.50 35.24
C ASP B 281 8.24 -25.67 35.71
N PRO B 282 7.43 -26.21 36.64
CA PRO B 282 6.23 -25.54 37.15
C PRO B 282 6.52 -24.26 37.93
N GLU B 283 7.71 -24.17 38.52
CA GLU B 283 8.11 -22.96 39.22
C GLU B 283 8.21 -21.78 38.26
N VAL B 284 8.64 -22.07 37.04
CA VAL B 284 8.72 -21.10 35.95
C VAL B 284 7.37 -20.90 35.24
N VAL B 285 6.74 -22.02 34.88
CA VAL B 285 5.44 -22.01 34.22
C VAL B 285 4.75 -23.36 34.44
N LYS B 286 3.43 -23.32 34.63
CA LYS B 286 2.65 -24.52 34.94
C LYS B 286 1.71 -24.91 33.79
N THR B 287 1.58 -26.23 33.56
CA THR B 287 0.76 -26.76 32.46
C THR B 287 -0.70 -26.99 32.83
N GLY B 288 -1.04 -26.69 34.09
CA GLY B 288 -2.40 -26.93 34.57
C GLY B 288 -2.60 -28.37 35.03
N LEU B 289 -1.54 -29.17 34.94
CA LEU B 289 -1.57 -30.53 35.48
C LEU B 289 -1.71 -30.48 37.00
N ILE B 290 -2.42 -31.46 37.56
CA ILE B 290 -2.62 -31.54 39.00
C ILE B 290 -1.38 -32.09 39.69
N GLY B 291 -0.94 -31.42 40.76
CA GLY B 291 0.30 -31.81 41.41
C GLY B 291 1.39 -31.99 40.38
N GLU B 292 1.42 -31.09 39.40
CA GLU B 292 2.42 -31.11 38.35
C GLU B 292 3.80 -30.85 38.95
N SER B 293 4.78 -31.66 38.57
CA SER B 293 6.13 -31.45 39.09
C SER B 293 7.17 -31.60 38.00
N ARG B 294 8.30 -30.94 38.21
CA ARG B 294 9.42 -31.01 37.30
C ARG B 294 9.81 -32.47 37.10
N GLU B 295 9.94 -33.21 38.20
CA GLU B 295 10.32 -34.62 38.12
C GLU B 295 9.28 -35.39 37.32
N GLY B 296 8.01 -35.05 37.53
CA GLY B 296 6.94 -35.68 36.78
C GLY B 296 7.11 -35.38 35.30
N ASN B 297 7.29 -34.10 34.98
CA ASN B 297 7.44 -33.66 33.61
C ASN B 297 8.57 -34.36 32.85
N LEU B 298 9.71 -34.56 33.50
CA LEU B 298 10.85 -35.26 32.90
C LEU B 298 10.54 -36.71 32.53
N GLU B 299 9.87 -37.42 33.42
CA GLU B 299 9.45 -38.79 33.16
C GLU B 299 8.60 -38.82 31.89
N ARG B 300 7.55 -38.00 31.85
CA ARG B 300 6.73 -37.90 30.66
C ARG B 300 7.57 -37.59 29.42
N LEU B 301 8.60 -36.75 29.58
CA LEU B 301 9.48 -36.38 28.47
C LEU B 301 10.40 -37.52 28.06
N ALA B 302 10.94 -38.21 29.06
CA ALA B 302 11.78 -39.37 28.81
C ALA B 302 11.02 -40.44 28.02
N SER B 303 9.81 -40.74 28.48
CA SER B 303 8.96 -41.73 27.83
C SER B 303 8.78 -41.46 26.33
N MET B 304 8.84 -40.20 25.93
CA MET B 304 8.62 -39.82 24.54
C MET B 304 9.91 -39.82 23.74
N GLY B 305 10.99 -40.24 24.37
CA GLY B 305 12.24 -40.38 23.67
C GLY B 305 13.00 -39.07 23.58
N ILE B 306 12.69 -38.15 24.49
CA ILE B 306 13.42 -36.90 24.56
C ILE B 306 14.55 -37.03 25.58
N LYS B 307 15.76 -37.23 25.06
CA LYS B 307 16.92 -37.52 25.88
C LYS B 307 17.36 -36.30 26.68
N ASN B 308 17.51 -35.17 25.99
CA ASN B 308 17.95 -33.92 26.62
C ASN B 308 16.85 -32.87 26.68
N PRO B 309 16.13 -32.81 27.81
CA PRO B 309 15.03 -31.87 28.03
C PRO B 309 15.49 -30.43 28.00
N ASP B 310 16.74 -30.19 28.38
CA ASP B 310 17.28 -28.84 28.43
C ASP B 310 17.98 -28.45 27.15
N GLN B 311 17.76 -29.22 26.09
CA GLN B 311 18.43 -28.95 24.84
C GLN B 311 17.94 -27.67 24.17
N VAL B 312 18.87 -26.95 23.55
CA VAL B 312 18.56 -25.77 22.75
C VAL B 312 18.58 -26.17 21.28
N TYR B 313 17.47 -25.92 20.59
CA TYR B 313 17.39 -26.14 19.14
C TYR B 313 17.37 -24.81 18.39
N ASN B 314 18.11 -24.73 17.29
CA ASN B 314 17.90 -23.62 16.35
C ASN B 314 16.90 -24.07 15.31
N CSO B 315 16.52 -23.20 14.39
CA CSO B 315 15.38 -23.59 13.56
CB CSO B 315 14.58 -22.43 12.95
SG CSO B 315 15.65 -21.23 12.15
C CSO B 315 15.70 -24.67 12.55
O CSO B 315 14.81 -25.42 12.17
OD CSO B 315 16.34 -21.89 10.66
N GLU B 316 16.97 -24.77 12.14
CA GLU B 316 17.36 -25.84 11.23
C GLU B 316 17.19 -27.21 11.91
N GLU B 317 17.30 -27.24 13.23
CA GLU B 317 17.08 -28.47 13.98
C GLU B 317 15.59 -28.70 14.26
N LEU B 318 14.81 -27.63 14.43
CA LEU B 318 13.37 -27.79 14.65
C LEU B 318 12.63 -28.11 13.34
N ALA B 319 13.15 -27.61 12.23
CA ALA B 319 12.63 -27.94 10.92
C ALA B 319 13.83 -28.39 10.12
N CSO B 320 14.17 -29.65 10.27
CA CSO B 320 15.43 -30.22 9.80
CB CSO B 320 15.99 -31.16 10.87
SG CSO B 320 14.88 -32.57 11.10
C CSO B 320 15.32 -30.98 8.48
O CSO B 320 16.33 -31.31 7.88
OD CSO B 320 13.82 -32.28 12.51
N GLY B 321 14.10 -31.24 8.03
CA GLY B 321 13.88 -31.97 6.80
C GLY B 321 14.52 -31.36 5.57
N GLU B 322 14.60 -32.14 4.50
CA GLU B 322 15.21 -31.70 3.23
C GLU B 322 14.38 -30.57 2.60
N THR B 323 13.06 -30.70 2.70
CA THR B 323 12.14 -29.72 2.16
C THR B 323 11.33 -29.16 3.32
N VAL B 324 11.09 -27.86 3.31
CA VAL B 324 10.22 -27.23 4.30
C VAL B 324 9.25 -26.29 3.60
N LEU B 325 7.96 -26.50 3.88
CA LEU B 325 6.91 -25.58 3.43
C LEU B 325 6.18 -24.96 4.63
N PHE B 326 5.82 -23.70 4.50
CA PHE B 326 5.10 -22.99 5.55
C PHE B 326 3.98 -22.19 4.90
N ALA B 327 2.81 -22.21 5.50
CA ALA B 327 1.70 -21.44 4.94
C ALA B 327 0.85 -20.84 6.04
N ALA B 328 0.51 -19.57 5.87
CA ALA B 328 -0.34 -18.88 6.83
C ALA B 328 -1.35 -18.00 6.13
N CYS B 329 -2.51 -17.86 6.76
CA CYS B 329 -3.52 -16.90 6.29
C CYS B 329 -4.15 -16.18 7.48
N GLY B 330 -4.27 -14.87 7.36
CA GLY B 330 -4.82 -14.08 8.45
C GLY B 330 -6.28 -14.38 8.70
N ILE B 331 -6.64 -14.54 9.98
CA ILE B 331 -8.04 -14.64 10.37
C ILE B 331 -8.52 -13.23 10.71
N THR B 332 -8.03 -12.69 11.82
CA THR B 332 -8.17 -11.29 12.14
C THR B 332 -6.91 -10.58 11.62
N PRO B 333 -6.94 -9.25 11.51
CA PRO B 333 -5.79 -8.49 10.99
C PRO B 333 -4.55 -8.60 11.88
N GLY B 334 -3.37 -8.57 11.29
CA GLY B 334 -2.13 -8.66 12.05
C GLY B 334 -0.99 -8.01 11.31
N THR B 335 0.23 -8.21 11.80
CA THR B 335 1.39 -7.52 11.25
C THR B 335 1.75 -7.90 9.83
N LEU B 336 1.68 -9.20 9.56
CA LEU B 336 2.12 -9.72 8.28
C LEU B 336 0.97 -9.92 7.30
N MET B 337 -0.25 -10.04 7.81
CA MET B 337 -1.38 -10.41 6.98
C MET B 337 -2.65 -9.72 7.42
N GLU B 338 -3.33 -9.12 6.45
CA GLU B 338 -4.66 -8.59 6.65
C GLU B 338 -5.63 -9.69 7.12
N GLY B 339 -6.71 -9.33 7.80
CA GLY B 339 -7.65 -10.35 8.28
C GLY B 339 -8.65 -10.73 7.19
N VAL B 340 -9.53 -11.68 7.47
CA VAL B 340 -10.57 -11.99 6.50
C VAL B 340 -11.66 -10.91 6.48
N ARG B 341 -12.04 -10.51 5.27
CA ARG B 341 -13.06 -9.51 5.04
C ARG B 341 -14.23 -10.07 4.21
N PHE B 342 -15.45 -9.94 4.74
CA PHE B 342 -16.63 -10.36 4.01
C PHE B 342 -17.37 -9.12 3.52
N PHE B 343 -17.64 -9.08 2.22
CA PHE B 343 -18.32 -7.95 1.63
C PHE B 343 -19.39 -8.44 0.66
N HIS B 344 -20.12 -7.51 0.06
CA HIS B 344 -21.18 -7.87 -0.87
C HIS B 344 -20.56 -8.47 -2.12
N GLY B 345 -20.73 -9.77 -2.29
CA GLY B 345 -20.25 -10.42 -3.49
C GLY B 345 -19.05 -11.32 -3.27
N GLY B 346 -18.54 -11.38 -2.06
CA GLY B 346 -17.42 -12.28 -1.80
C GLY B 346 -16.64 -12.06 -0.54
N VAL B 347 -15.39 -12.54 -0.57
CA VAL B 347 -14.52 -12.58 0.59
C VAL B 347 -13.11 -12.21 0.14
N ARG B 348 -12.32 -11.58 1.02
CA ARG B 348 -10.92 -11.33 0.69
C ARG B 348 -9.97 -11.82 1.80
N THR B 349 -8.90 -12.50 1.39
CA THR B 349 -7.95 -13.08 2.33
C THR B 349 -6.55 -12.68 1.95
N GLN B 350 -5.64 -12.68 2.92
CA GLN B 350 -4.24 -12.54 2.63
C GLN B 350 -3.43 -13.63 3.32
N SER B 351 -2.56 -14.28 2.57
CA SER B 351 -1.77 -15.39 3.10
C SER B 351 -0.31 -15.17 2.83
N LEU B 352 0.52 -15.78 3.66
CA LEU B 352 1.96 -15.83 3.43
C LEU B 352 2.36 -17.29 3.27
N VAL B 353 2.97 -17.61 2.13
CA VAL B 353 3.37 -18.98 1.82
C VAL B 353 4.85 -19.02 1.45
N ILE B 354 5.60 -19.91 2.11
CA ILE B 354 7.05 -19.91 1.96
C ILE B 354 7.53 -21.33 1.67
N SER B 355 8.49 -21.45 0.76
CA SER B 355 8.99 -22.76 0.35
C SER B 355 10.52 -22.77 0.21
N SER B 356 11.18 -23.65 0.97
CA SER B 356 12.62 -23.81 0.81
C SER B 356 12.93 -24.39 -0.56
N GLN B 357 11.99 -25.13 -1.13
CA GLN B 357 12.16 -25.81 -2.41
C GLN B 357 12.24 -24.84 -3.59
N SER B 358 11.34 -23.89 -3.67
CA SER B 358 11.37 -22.90 -4.74
C SER B 358 12.08 -21.66 -4.24
N SER B 359 12.39 -21.67 -2.94
CA SER B 359 13.08 -20.56 -2.29
C SER B 359 12.31 -19.24 -2.48
N THR B 360 11.02 -19.28 -2.16
CA THR B 360 10.13 -18.15 -2.35
C THR B 360 9.39 -17.76 -1.09
N ALA B 361 9.05 -16.48 -1.02
CA ALA B 361 8.16 -15.98 0.00
C ALA B 361 7.05 -15.29 -0.75
N ARG B 362 5.84 -15.85 -0.65
CA ARG B 362 4.67 -15.37 -1.40
C ARG B 362 3.58 -14.77 -0.52
N PHE B 363 3.24 -13.53 -0.80
CA PHE B 363 2.04 -12.93 -0.26
C PHE B 363 0.94 -13.10 -1.29
N VAL B 364 -0.17 -13.67 -0.83
CA VAL B 364 -1.26 -14.00 -1.72
C VAL B 364 -2.52 -13.29 -1.29
N ASP B 365 -2.97 -12.40 -2.16
CA ASP B 365 -4.11 -11.55 -1.89
C ASP B 365 -5.23 -12.03 -2.80
N THR B 366 -6.20 -12.74 -2.21
CA THR B 366 -7.22 -13.43 -2.98
C THR B 366 -8.62 -12.83 -2.78
N VAL B 367 -9.23 -12.43 -3.90
CA VAL B 367 -10.63 -12.05 -3.88
C VAL B 367 -11.44 -13.29 -4.21
N HIS B 368 -12.19 -13.81 -3.25
CA HIS B 368 -13.04 -14.96 -3.53
C HIS B 368 -14.40 -14.48 -4.04
N MET B 369 -14.59 -14.51 -5.35
CA MET B 369 -15.84 -14.02 -5.96
C MET B 369 -16.95 -15.05 -5.78
N LYS B 370 -17.83 -14.80 -4.84
CA LYS B 370 -18.83 -15.79 -4.47
C LYS B 370 -20.12 -15.64 -5.25
N GLU B 371 -20.52 -14.40 -5.53
CA GLU B 371 -21.77 -14.18 -6.22
C GLU B 371 -21.72 -13.00 -7.18
N SER B 372 -20.93 -13.14 -8.24
CA SER B 372 -20.90 -12.16 -9.32
C SER B 372 -20.88 -10.68 -8.89
N PRO B 373 -19.88 -10.29 -8.08
CA PRO B 373 -19.84 -8.91 -7.57
C PRO B 373 -19.86 -7.84 -8.66
N LYS B 374 -20.69 -6.82 -8.51
CA LYS B 374 -20.74 -5.75 -9.51
C LYS B 374 -19.54 -4.84 -9.34
N VAL B 375 -18.93 -4.87 -8.16
CA VAL B 375 -17.72 -4.08 -7.92
C VAL B 375 -16.63 -4.99 -7.43
N ILE B 376 -15.45 -4.88 -8.02
CA ILE B 376 -14.27 -5.56 -7.48
C ILE B 376 -13.19 -4.53 -7.17
N GLN B 377 -12.80 -4.40 -5.91
CA GLN B 377 -11.75 -3.46 -5.52
C GLN B 377 -10.36 -3.99 -5.87
N LEU B 378 -9.50 -3.11 -6.36
CA LEU B 378 -8.08 -3.44 -6.58
C LEU B 378 -7.38 -3.88 -5.29
N HIS B 379 -7.72 -3.23 -4.19
CA HIS B 379 -7.13 -3.53 -2.90
C HIS B 379 -8.20 -3.78 -1.85
N GLY C 33 -11.85 -36.88 -17.69
CA GLY C 33 -11.85 -36.06 -16.50
C GLY C 33 -12.16 -34.60 -16.76
N SER C 34 -11.67 -33.72 -15.89
CA SER C 34 -11.89 -32.29 -16.04
C SER C 34 -10.59 -31.51 -15.76
N VAL C 35 -10.48 -30.29 -16.30
CA VAL C 35 -9.29 -29.47 -16.10
C VAL C 35 -8.81 -29.52 -14.63
N ASP C 36 -7.57 -29.95 -14.44
CA ASP C 36 -7.00 -30.13 -13.10
C ASP C 36 -7.03 -28.83 -12.31
N SER C 37 -7.62 -28.88 -11.13
CA SER C 37 -7.85 -27.71 -10.31
C SER C 37 -6.56 -26.98 -10.07
N THR C 38 -5.55 -27.81 -9.92
CA THR C 38 -4.19 -27.43 -9.64
C THR C 38 -3.46 -26.59 -10.68
N LEU C 39 -3.83 -26.74 -11.92
CA LEU C 39 -3.28 -25.95 -13.01
C LEU C 39 -3.45 -24.45 -12.77
N GLY C 40 -4.60 -24.08 -12.18
CA GLY C 40 -4.89 -22.68 -11.89
C GLY C 40 -3.87 -22.06 -10.98
N LEU C 41 -3.19 -22.87 -10.17
CA LEU C 41 -2.14 -22.37 -9.30
C LEU C 41 -0.80 -22.38 -10.02
N GLU C 42 -0.56 -23.48 -10.71
CA GLU C 42 0.73 -23.73 -11.31
C GLU C 42 1.16 -22.67 -12.32
N ILE C 43 0.19 -22.07 -13.01
CA ILE C 43 0.49 -21.05 -14.00
C ILE C 43 1.14 -19.80 -13.40
N ILE C 44 1.04 -19.64 -12.09
CA ILE C 44 1.76 -18.59 -11.39
C ILE C 44 3.26 -18.64 -11.76
N GLU C 45 3.82 -19.84 -11.75
CA GLU C 45 5.26 -19.98 -11.98
C GLU C 45 5.57 -19.80 -13.45
N VAL C 46 4.60 -20.13 -14.29
CA VAL C 46 4.78 -19.94 -15.71
C VAL C 46 5.02 -18.46 -16.03
N VAL C 47 4.08 -17.61 -15.65
CA VAL C 47 4.20 -16.19 -15.98
C VAL C 47 5.31 -15.52 -15.18
N GLU C 48 5.53 -15.97 -13.96
CA GLU C 48 6.63 -15.44 -13.16
C GLU C 48 7.98 -15.59 -13.85
N GLN C 49 8.31 -16.81 -14.26
CA GLN C 49 9.61 -17.06 -14.88
C GLN C 49 9.76 -16.35 -16.22
N ALA C 50 8.68 -16.28 -16.98
CA ALA C 50 8.75 -15.62 -18.28
C ALA C 50 9.00 -14.13 -18.07
N ALA C 51 8.34 -13.56 -17.07
CA ALA C 51 8.51 -12.13 -16.80
C ALA C 51 9.91 -11.81 -16.26
N ILE C 52 10.39 -12.65 -15.35
CA ILE C 52 11.73 -12.45 -14.83
C ILE C 52 12.78 -12.48 -15.94
N ALA C 53 12.64 -13.41 -16.87
CA ALA C 53 13.57 -13.48 -17.99
C ALA C 53 13.52 -12.21 -18.82
N SER C 54 12.33 -11.83 -19.26
CA SER C 54 12.16 -10.69 -20.15
C SER C 54 12.61 -9.41 -19.45
N ALA C 55 12.42 -9.36 -18.13
CA ALA C 55 12.71 -8.16 -17.36
C ALA C 55 14.20 -7.84 -17.29
N LYS C 56 15.04 -8.82 -17.57
CA LYS C 56 16.49 -8.58 -17.60
C LYS C 56 16.87 -7.73 -18.80
N TRP C 57 15.97 -7.63 -19.76
CA TRP C 57 16.24 -6.83 -20.94
C TRP C 57 15.60 -5.45 -20.90
N MET C 58 15.12 -5.05 -19.72
CA MET C 58 14.42 -3.77 -19.56
C MET C 58 15.31 -2.60 -19.94
N GLY C 59 14.91 -1.87 -20.99
CA GLY C 59 15.62 -0.68 -21.41
C GLY C 59 16.89 -0.96 -22.19
N LYS C 60 17.09 -2.22 -22.59
CA LYS C 60 18.30 -2.58 -23.33
C LYS C 60 18.16 -2.46 -24.84
N GLY C 61 17.00 -2.00 -25.30
CA GLY C 61 16.81 -1.71 -26.70
C GLY C 61 16.79 -2.92 -27.61
N GLU C 62 16.38 -4.06 -27.07
CA GLU C 62 16.26 -5.26 -27.89
C GLU C 62 14.90 -5.90 -27.68
N LYS C 63 13.93 -5.47 -28.46
CA LYS C 63 12.57 -5.94 -28.27
C LYS C 63 12.46 -7.42 -28.62
N ASN C 64 13.26 -7.87 -29.57
CA ASN C 64 13.18 -9.25 -29.99
C ASN C 64 13.80 -10.23 -29.00
N THR C 65 14.91 -9.84 -28.38
CA THR C 65 15.49 -10.62 -27.29
C THR C 65 14.54 -10.67 -26.09
N ALA C 66 14.00 -9.52 -25.72
CA ALA C 66 13.05 -9.44 -24.61
C ALA C 66 11.92 -10.44 -24.83
N ASP C 67 11.48 -10.53 -26.07
CA ASP C 67 10.39 -11.40 -26.47
C ASP C 67 10.88 -12.85 -26.42
N GLN C 68 12.05 -13.09 -27.00
CA GLN C 68 12.57 -14.44 -27.17
C GLN C 68 12.75 -15.14 -25.83
N VAL C 69 13.40 -14.46 -24.89
CA VAL C 69 13.70 -15.09 -23.61
C VAL C 69 12.44 -15.37 -22.82
N ALA C 70 11.39 -14.59 -23.06
CA ALA C 70 10.11 -14.81 -22.39
C ALA C 70 9.40 -16.00 -23.00
N VAL C 71 9.47 -16.11 -24.31
CA VAL C 71 8.91 -17.25 -25.03
C VAL C 71 9.55 -18.55 -24.56
N GLU C 72 10.87 -18.53 -24.48
CA GLU C 72 11.63 -19.69 -24.05
C GLU C 72 11.33 -20.10 -22.60
N ALA C 73 11.31 -19.13 -21.69
CA ALA C 73 10.99 -19.41 -20.29
C ALA C 73 9.57 -19.93 -20.14
N MET C 74 8.62 -19.32 -20.84
CA MET C 74 7.23 -19.76 -20.75
C MET C 74 7.07 -21.19 -21.28
N ARG C 75 7.71 -21.49 -22.41
CA ARG C 75 7.64 -22.82 -23.01
C ARG C 75 8.28 -23.89 -22.12
N GLU C 76 9.47 -23.60 -21.60
CA GLU C 76 10.15 -24.53 -20.71
C GLU C 76 9.32 -24.90 -19.49
N ARG C 77 8.73 -23.90 -18.85
CA ARG C 77 7.99 -24.14 -17.61
C ARG C 77 6.66 -24.83 -17.87
N MET C 78 6.02 -24.51 -18.99
CA MET C 78 4.80 -25.19 -19.38
C MET C 78 5.05 -26.67 -19.64
N ASN C 79 6.16 -26.99 -20.31
CA ASN C 79 6.49 -28.39 -20.58
C ASN C 79 6.82 -29.22 -19.36
N LYS C 80 6.86 -28.60 -18.19
CA LYS C 80 7.11 -29.31 -16.95
C LYS C 80 5.82 -29.57 -16.18
N ILE C 81 4.72 -29.15 -16.75
CA ILE C 81 3.42 -29.30 -16.14
C ILE C 81 2.78 -30.57 -16.66
N HIS C 82 2.12 -31.31 -15.78
CA HIS C 82 1.38 -32.50 -16.20
C HIS C 82 0.05 -32.06 -16.79
N MET C 83 0.07 -31.64 -18.05
CA MET C 83 -1.14 -31.20 -18.72
C MET C 83 -1.03 -31.58 -20.19
N ARG C 84 -2.12 -31.46 -20.92
CA ARG C 84 -2.11 -31.85 -22.31
C ARG C 84 -2.64 -30.70 -23.16
N GLY C 85 -1.74 -29.77 -23.48
CA GLY C 85 -2.14 -28.49 -24.04
C GLY C 85 -1.81 -28.32 -25.49
N ARG C 86 -2.60 -27.45 -26.14
CA ARG C 86 -2.35 -27.03 -27.51
C ARG C 86 -2.34 -25.51 -27.60
N ILE C 87 -1.31 -24.96 -28.22
CA ILE C 87 -1.23 -23.52 -28.44
C ILE C 87 -2.23 -23.14 -29.54
N VAL C 88 -3.19 -22.27 -29.21
CA VAL C 88 -4.16 -21.78 -30.20
C VAL C 88 -3.94 -20.29 -30.47
N ILE C 89 -3.21 -19.63 -29.57
CA ILE C 89 -2.74 -18.26 -29.79
C ILE C 89 -1.32 -18.19 -29.28
N GLY C 90 -0.41 -17.66 -30.10
CA GLY C 90 1.01 -17.75 -29.81
C GLY C 90 1.87 -16.90 -30.72
N GLU C 91 3.06 -17.38 -31.04
CA GLU C 91 4.04 -16.56 -31.74
C GLU C 91 3.90 -16.53 -33.26
N GLY C 92 3.07 -17.40 -33.80
CA GLY C 92 2.92 -17.47 -35.24
C GLY C 92 2.50 -18.85 -35.68
N GLU C 93 2.43 -19.04 -36.99
CA GLU C 93 2.18 -20.36 -37.56
C GLU C 93 3.42 -21.24 -37.51
N ARG C 94 3.22 -22.55 -37.57
CA ARG C 94 4.30 -23.51 -37.36
C ARG C 94 5.63 -23.16 -38.02
N ASP C 95 5.57 -22.64 -39.24
CA ASP C 95 6.82 -22.40 -39.95
C ASP C 95 7.27 -20.94 -39.97
N ASP C 96 6.63 -20.12 -39.16
CA ASP C 96 7.13 -18.77 -38.93
C ASP C 96 7.76 -18.70 -37.54
N ALA C 97 7.18 -19.45 -36.60
CA ALA C 97 7.66 -19.41 -35.22
C ALA C 97 8.15 -20.75 -34.69
N PRO C 98 9.42 -20.80 -34.28
CA PRO C 98 10.01 -22.03 -33.74
C PRO C 98 9.39 -22.48 -32.43
N MET C 99 8.96 -21.55 -31.59
CA MET C 99 8.48 -21.89 -30.26
C MET C 99 7.13 -21.25 -29.99
N LEU C 100 6.25 -22.01 -29.34
CA LEU C 100 4.89 -21.54 -29.04
C LEU C 100 4.14 -21.08 -30.29
N TYR C 101 4.33 -21.83 -31.37
CA TYR C 101 3.57 -21.66 -32.61
C TYR C 101 2.16 -22.24 -32.48
N ILE C 102 1.27 -21.82 -33.36
CA ILE C 102 -0.10 -22.33 -33.33
C ILE C 102 -0.20 -23.80 -33.71
N GLY C 103 -0.81 -24.58 -32.82
CA GLY C 103 -0.89 -26.02 -32.96
C GLY C 103 0.10 -26.79 -32.09
N GLU C 104 1.13 -26.12 -31.59
CA GLU C 104 2.16 -26.80 -30.80
C GLU C 104 1.57 -27.48 -29.58
N GLU C 105 2.09 -28.67 -29.27
CA GLU C 105 1.70 -29.40 -28.08
C GLU C 105 2.69 -29.10 -26.97
N VAL C 106 2.16 -28.75 -25.80
CA VAL C 106 2.98 -28.42 -24.65
C VAL C 106 2.41 -29.12 -23.43
N GLY C 107 3.29 -29.64 -22.58
CA GLY C 107 2.88 -30.40 -21.42
C GLY C 107 3.45 -31.80 -21.40
N ILE C 108 3.91 -32.22 -20.24
CA ILE C 108 4.42 -33.57 -20.06
C ILE C 108 3.49 -34.58 -20.71
N CYS C 109 2.18 -34.37 -20.57
CA CYS C 109 1.20 -35.37 -20.99
C CYS C 109 0.89 -35.36 -22.47
N THR C 110 1.61 -34.55 -23.24
CA THR C 110 1.54 -34.61 -24.69
C THR C 110 2.56 -35.60 -25.26
N ARG C 111 3.49 -36.05 -24.40
CA ARG C 111 4.54 -36.98 -24.80
C ARG C 111 4.05 -38.42 -24.70
N GLU C 112 4.10 -39.17 -25.79
CA GLU C 112 3.65 -40.55 -25.72
C GLU C 112 4.44 -41.33 -24.66
N ASP C 113 5.73 -41.05 -24.55
CA ASP C 113 6.56 -41.78 -23.60
C ASP C 113 6.25 -41.45 -22.14
N ALA C 114 5.49 -40.40 -21.91
CA ALA C 114 5.24 -40.00 -20.53
C ALA C 114 3.77 -40.08 -20.12
N LYS C 115 2.88 -40.23 -21.10
CA LYS C 115 1.43 -40.26 -20.85
C LYS C 115 1.01 -41.21 -19.73
N SER C 116 1.66 -42.37 -19.65
CA SER C 116 1.39 -43.33 -18.59
C SER C 116 1.52 -42.70 -17.21
N PHE C 117 2.31 -41.64 -17.10
CA PHE C 117 2.55 -40.99 -15.81
C PHE C 117 1.49 -39.96 -15.45
N CYS C 118 0.51 -39.79 -16.32
CA CYS C 118 -0.47 -38.74 -16.13
C CYS C 118 -1.80 -39.31 -15.70
N ASN C 119 -2.48 -38.64 -14.76
CA ASN C 119 -3.81 -39.05 -14.36
C ASN C 119 -4.85 -38.51 -15.33
N PRO C 120 -6.10 -39.00 -15.24
CA PRO C 120 -7.13 -38.67 -16.24
C PRO C 120 -7.40 -37.17 -16.36
N ASP C 121 -7.36 -36.45 -15.25
CA ASP C 121 -7.56 -35.01 -15.27
C ASP C 121 -6.44 -34.31 -16.04
N GLU C 122 -5.23 -34.78 -15.83
CA GLU C 122 -4.06 -34.20 -16.46
C GLU C 122 -4.05 -34.46 -17.96
N LEU C 123 -4.74 -35.53 -18.37
CA LEU C 123 -4.84 -35.93 -19.77
C LEU C 123 -5.95 -35.23 -20.56
N VAL C 124 -6.75 -34.42 -19.87
CA VAL C 124 -7.80 -33.64 -20.52
C VAL C 124 -7.19 -32.63 -21.49
N GLU C 125 -7.66 -32.63 -22.72
CA GLU C 125 -7.11 -31.72 -23.71
C GLU C 125 -7.54 -30.29 -23.42
N ILE C 126 -6.55 -29.40 -23.32
CA ILE C 126 -6.83 -28.01 -23.04
C ILE C 126 -6.19 -27.16 -24.13
N ASP C 127 -6.82 -26.03 -24.42
CA ASP C 127 -6.27 -25.05 -25.35
C ASP C 127 -5.65 -23.88 -24.59
N ILE C 128 -4.51 -23.40 -25.12
CA ILE C 128 -3.73 -22.37 -24.44
C ILE C 128 -3.43 -21.16 -25.32
N ALA C 129 -3.68 -19.97 -24.77
CA ALA C 129 -3.34 -18.71 -25.44
C ALA C 129 -2.19 -18.06 -24.69
N VAL C 130 -1.09 -17.83 -25.40
CA VAL C 130 0.08 -17.25 -24.75
C VAL C 130 0.46 -15.91 -25.35
N ASP C 131 1.03 -15.05 -24.52
CA ASP C 131 1.66 -13.83 -24.98
C ASP C 131 2.78 -13.54 -23.99
N PRO C 132 3.92 -14.23 -24.18
CA PRO C 132 5.02 -14.22 -23.21
C PRO C 132 5.55 -12.82 -22.94
N CYS C 133 5.51 -11.97 -23.96
CA CYS C 133 5.95 -10.60 -23.81
C CYS C 133 4.95 -9.63 -24.44
N GLU C 134 3.93 -9.27 -23.67
CA GLU C 134 2.96 -8.28 -24.07
C GLU C 134 3.55 -6.89 -23.90
N GLY C 135 3.98 -6.31 -25.02
CA GLY C 135 4.63 -5.01 -25.01
C GLY C 135 6.14 -5.10 -25.19
N THR C 136 6.57 -5.74 -26.26
CA THR C 136 8.00 -5.97 -26.47
C THR C 136 8.81 -4.68 -26.47
N ASN C 137 8.28 -3.66 -27.10
CA ASN C 137 8.92 -2.37 -27.13
C ASN C 137 8.82 -1.57 -25.83
N LEU C 138 7.84 -1.88 -25.03
CA LEU C 138 7.74 -1.34 -23.68
C LEU C 138 8.95 -1.84 -22.88
N VAL C 139 9.21 -3.14 -22.99
CA VAL C 139 10.34 -3.72 -22.31
C VAL C 139 11.61 -3.11 -22.87
N ALA C 140 11.76 -3.11 -24.19
CA ALA C 140 13.00 -2.64 -24.81
C ALA C 140 13.35 -1.22 -24.36
N TYR C 141 12.34 -0.40 -24.13
CA TYR C 141 12.53 1.00 -23.77
C TYR C 141 12.44 1.23 -22.26
N GLY C 142 12.10 0.19 -21.51
CA GLY C 142 11.89 0.34 -20.08
C GLY C 142 10.73 1.28 -19.77
N GLN C 143 9.62 1.07 -20.48
CA GLN C 143 8.41 1.82 -20.19
C GLN C 143 7.30 0.95 -19.64
N ASN C 144 6.40 1.57 -18.89
CA ASN C 144 5.31 0.90 -18.19
C ASN C 144 4.31 0.18 -19.08
N GLY C 145 3.66 -0.85 -18.52
CA GLY C 145 2.54 -1.50 -19.17
C GLY C 145 2.76 -2.87 -19.80
N SER C 146 3.92 -3.50 -19.57
CA SER C 146 4.18 -4.81 -20.18
C SER C 146 4.04 -5.97 -19.19
N MET C 147 3.78 -7.15 -19.71
CA MET C 147 3.53 -8.31 -18.88
C MET C 147 3.70 -9.60 -19.65
N ALA C 148 3.89 -10.69 -18.92
CA ALA C 148 3.89 -12.03 -19.46
C ALA C 148 2.52 -12.58 -19.13
N VAL C 149 1.81 -13.06 -20.13
CA VAL C 149 0.41 -13.43 -19.91
C VAL C 149 -0.04 -14.66 -20.71
N LEU C 150 -1.00 -15.39 -20.16
CA LEU C 150 -1.56 -16.54 -20.86
C LEU C 150 -3.00 -16.77 -20.41
N ALA C 151 -3.77 -17.50 -21.22
CA ALA C 151 -5.08 -18.00 -20.82
C ALA C 151 -5.24 -19.46 -21.22
N ILE C 152 -6.08 -20.18 -20.49
CA ILE C 152 -6.34 -21.59 -20.73
C ILE C 152 -7.84 -21.90 -20.63
N SER C 153 -8.31 -22.75 -21.53
CA SER C 153 -9.64 -23.34 -21.42
C SER C 153 -9.52 -24.78 -21.90
N GLU C 154 -10.54 -25.60 -21.71
CA GLU C 154 -10.49 -26.92 -22.29
C GLU C 154 -10.56 -26.76 -23.80
N LYS C 155 -10.26 -27.81 -24.54
CA LYS C 155 -10.22 -27.73 -26.00
C LYS C 155 -11.44 -27.04 -26.62
N GLY C 156 -11.18 -26.10 -27.52
CA GLY C 156 -12.26 -25.38 -28.17
C GLY C 156 -12.80 -24.19 -27.39
N GLY C 157 -12.39 -24.06 -26.12
CA GLY C 157 -12.90 -23.02 -25.24
C GLY C 157 -12.29 -21.64 -25.34
N LEU C 158 -11.37 -21.43 -26.27
CA LEU C 158 -10.78 -20.12 -26.51
C LEU C 158 -10.80 -19.81 -28.00
N PHE C 159 -11.25 -18.63 -28.37
CA PHE C 159 -11.33 -18.27 -29.79
C PHE C 159 -9.92 -18.15 -30.35
N ALA C 160 -9.62 -18.98 -31.33
CA ALA C 160 -8.31 -18.98 -31.96
C ALA C 160 -8.17 -17.83 -32.92
N ALA C 161 -8.12 -16.61 -32.39
CA ALA C 161 -8.08 -15.41 -33.23
C ALA C 161 -6.93 -15.39 -34.24
N PRO C 162 -7.22 -14.93 -35.46
CA PRO C 162 -6.19 -14.73 -36.48
C PRO C 162 -5.39 -13.49 -36.14
N ASP C 163 -4.21 -13.31 -36.74
CA ASP C 163 -3.42 -12.11 -36.45
C ASP C 163 -3.96 -10.90 -37.21
N PHE C 164 -5.21 -10.53 -36.93
CA PHE C 164 -5.83 -9.36 -37.51
C PHE C 164 -6.05 -8.35 -36.40
N TYR C 165 -6.34 -7.12 -36.77
CA TYR C 165 -6.74 -6.12 -35.80
C TYR C 165 -8.14 -6.38 -35.26
N MET C 166 -8.43 -5.84 -34.09
CA MET C 166 -9.71 -6.07 -33.45
C MET C 166 -10.20 -4.79 -32.76
N LYS C 167 -11.42 -4.40 -33.09
CA LYS C 167 -12.06 -3.29 -32.41
C LYS C 167 -12.53 -3.79 -31.05
N LYS C 168 -12.21 -3.02 -30.01
CA LYS C 168 -12.47 -3.43 -28.63
C LYS C 168 -13.21 -2.39 -27.80
N LEU C 169 -14.07 -2.89 -26.92
CA LEU C 169 -14.67 -2.12 -25.83
C LEU C 169 -14.59 -2.92 -24.53
N ALA C 170 -13.73 -2.49 -23.61
CA ALA C 170 -13.68 -3.10 -22.27
C ALA C 170 -14.27 -2.12 -21.26
N ALA C 171 -14.95 -2.65 -20.24
CA ALA C 171 -15.59 -1.83 -19.21
C ALA C 171 -15.81 -2.69 -17.97
N PRO C 172 -16.07 -2.05 -16.82
CA PRO C 172 -16.15 -2.74 -15.53
C PRO C 172 -17.41 -3.58 -15.39
N PRO C 173 -17.41 -4.49 -14.41
CA PRO C 173 -18.59 -5.36 -14.23
C PRO C 173 -19.91 -4.59 -14.12
N ALA C 174 -19.91 -3.41 -13.52
CA ALA C 174 -21.15 -2.66 -13.36
C ALA C 174 -21.74 -2.16 -14.71
N ALA C 175 -20.92 -2.10 -15.74
CA ALA C 175 -21.37 -1.61 -17.04
C ALA C 175 -21.62 -2.77 -18.01
N LYS C 176 -21.29 -3.98 -17.59
CA LYS C 176 -21.40 -5.15 -18.45
C LYS C 176 -22.79 -5.33 -19.04
N GLY C 177 -22.86 -5.39 -20.37
CA GLY C 177 -24.11 -5.63 -21.04
C GLY C 177 -24.87 -4.35 -21.28
N HIS C 178 -24.49 -3.30 -20.56
CA HIS C 178 -25.13 -1.99 -20.72
C HIS C 178 -24.45 -1.15 -21.81
N VAL C 179 -23.13 -1.03 -21.73
CA VAL C 179 -22.37 -0.41 -22.82
C VAL C 179 -22.41 -1.40 -23.97
N ASP C 180 -22.13 -0.93 -25.19
CA ASP C 180 -22.06 -1.83 -26.33
C ASP C 180 -21.17 -1.29 -27.44
N ILE C 181 -20.41 -2.18 -28.06
CA ILE C 181 -19.38 -1.82 -29.01
C ILE C 181 -19.93 -1.08 -30.23
N ASP C 182 -21.17 -1.37 -30.58
CA ASP C 182 -21.79 -0.74 -31.74
C ASP C 182 -22.28 0.69 -31.48
N LYS C 183 -22.48 1.04 -30.21
CA LYS C 183 -22.84 2.40 -29.87
C LYS C 183 -21.63 3.31 -30.04
N SER C 184 -21.88 4.61 -30.17
CA SER C 184 -20.81 5.59 -30.27
C SER C 184 -20.06 5.70 -28.95
N ALA C 185 -18.86 6.26 -29.00
CA ALA C 185 -18.07 6.49 -27.80
C ALA C 185 -18.83 7.42 -26.87
N THR C 186 -19.48 8.42 -27.46
CA THR C 186 -20.23 9.39 -26.70
C THR C 186 -21.37 8.74 -25.92
N GLU C 187 -22.12 7.86 -26.58
CA GLU C 187 -23.18 7.15 -25.90
C GLU C 187 -22.67 6.21 -24.81
N ASN C 188 -21.60 5.48 -25.11
CA ASN C 188 -21.02 4.56 -24.13
C ASN C 188 -20.55 5.34 -22.89
N LEU C 189 -19.98 6.52 -23.09
CA LEU C 189 -19.54 7.34 -21.97
C LEU C 189 -20.74 7.73 -21.09
N LYS C 190 -21.82 8.14 -21.73
CA LYS C 190 -23.01 8.48 -20.99
C LYS C 190 -23.50 7.26 -20.20
N ILE C 191 -23.54 6.11 -20.84
CA ILE C 191 -23.94 4.88 -20.15
C ILE C 191 -22.99 4.53 -19.00
N LEU C 192 -21.68 4.63 -19.22
CA LEU C 192 -20.70 4.40 -18.17
C LEU C 192 -20.98 5.33 -17.02
N SER C 193 -21.24 6.59 -17.35
CA SER C 193 -21.62 7.60 -16.34
C SER C 193 -22.72 7.07 -15.43
N ASP C 194 -23.83 6.61 -16.00
N ASP C 194 -23.82 6.63 -16.01
CA ASP C 194 -24.93 6.11 -15.19
CA ASP C 194 -24.91 6.11 -15.21
C ASP C 194 -24.54 4.85 -14.42
C ASP C 194 -24.49 4.88 -14.42
N CYS C 195 -23.81 3.95 -15.08
CA CYS C 195 -23.49 2.66 -14.48
C CYS C 195 -22.50 2.78 -13.34
N LEU C 196 -21.52 3.65 -13.50
CA LEU C 196 -20.49 3.81 -12.49
C LEU C 196 -20.83 4.95 -11.52
N ASN C 197 -22.02 5.50 -11.65
CA ASN C 197 -22.47 6.56 -10.75
C ASN C 197 -21.44 7.68 -10.58
N ARG C 198 -21.04 8.26 -11.69
CA ARG C 198 -20.09 9.37 -11.68
C ARG C 198 -20.17 10.14 -13.00
N SER C 199 -19.69 11.38 -13.01
CA SER C 199 -19.75 12.20 -14.21
C SER C 199 -18.80 11.75 -15.33
N ILE C 200 -19.08 12.15 -16.57
CA ILE C 200 -18.18 11.83 -17.65
C ILE C 200 -16.78 12.38 -17.36
N GLU C 201 -16.69 13.51 -16.66
CA GLU C 201 -15.42 14.15 -16.31
C GLU C 201 -14.65 13.35 -15.27
N GLU C 202 -15.37 12.46 -14.59
CA GLU C 202 -14.80 11.57 -13.61
C GLU C 202 -14.51 10.18 -14.19
N LEU C 203 -14.60 10.05 -15.51
CA LEU C 203 -14.20 8.83 -16.18
C LEU C 203 -12.83 8.99 -16.85
N VAL C 204 -12.10 7.89 -16.96
CA VAL C 204 -10.85 7.85 -17.72
C VAL C 204 -10.93 6.73 -18.78
N VAL C 205 -10.68 7.09 -20.02
CA VAL C 205 -10.64 6.11 -21.11
C VAL C 205 -9.20 5.91 -21.58
N VAL C 206 -8.79 4.64 -21.74
CA VAL C 206 -7.48 4.33 -22.30
C VAL C 206 -7.66 4.10 -23.79
N VAL C 207 -6.82 4.73 -24.61
CA VAL C 207 -6.87 4.54 -26.05
C VAL C 207 -5.44 4.43 -26.56
N MET C 208 -5.21 3.54 -27.51
CA MET C 208 -3.87 3.45 -28.08
C MET C 208 -3.56 4.67 -28.92
N ASP C 209 -2.38 5.23 -28.70
CA ASP C 209 -1.90 6.37 -29.46
C ASP C 209 -1.55 5.91 -30.87
N ARG C 210 -2.51 6.03 -31.77
CA ARG C 210 -2.40 5.55 -33.15
C ARG C 210 -3.19 6.47 -34.05
N PRO C 211 -2.67 6.74 -35.26
CA PRO C 211 -3.39 7.58 -36.23
C PRO C 211 -4.81 7.06 -36.46
N ARG C 212 -5.00 5.75 -36.40
CA ARG C 212 -6.32 5.17 -36.61
C ARG C 212 -7.32 5.62 -35.56
N HIS C 213 -6.83 6.31 -34.52
CA HIS C 213 -7.67 6.67 -33.38
C HIS C 213 -7.89 8.17 -33.22
N LYS C 214 -7.50 8.95 -34.23
CA LYS C 214 -7.64 10.40 -34.16
C LYS C 214 -9.08 10.87 -33.93
N GLU C 215 -10.01 10.51 -34.82
CA GLU C 215 -11.37 10.97 -34.66
C GLU C 215 -11.93 10.48 -33.32
N LEU C 216 -11.67 9.20 -33.00
CA LEU C 216 -12.14 8.60 -31.75
C LEU C 216 -11.66 9.35 -30.50
N ILE C 217 -10.37 9.67 -30.46
CA ILE C 217 -9.80 10.38 -29.33
C ILE C 217 -10.45 11.76 -29.20
N GLN C 218 -10.70 12.39 -30.33
CA GLN C 218 -11.32 13.71 -30.34
C GLN C 218 -12.74 13.60 -29.79
N GLU C 219 -13.46 12.56 -30.18
CA GLU C 219 -14.84 12.37 -29.73
C GLU C 219 -14.92 12.22 -28.21
N ILE C 220 -13.99 11.44 -27.67
CA ILE C 220 -13.95 11.18 -26.23
C ILE C 220 -13.62 12.47 -25.47
N ARG C 221 -12.67 13.25 -26.00
CA ARG C 221 -12.34 14.54 -25.41
C ARG C 221 -13.55 15.49 -25.40
N ASN C 222 -14.20 15.65 -26.55
CA ASN C 222 -15.37 16.52 -26.63
C ASN C 222 -16.51 16.13 -25.70
N ALA C 223 -16.61 14.83 -25.40
CA ALA C 223 -17.66 14.33 -24.53
C ALA C 223 -17.35 14.70 -23.07
N GLY C 224 -16.10 15.02 -22.79
CA GLY C 224 -15.69 15.49 -21.47
C GLY C 224 -14.80 14.54 -20.68
N ALA C 225 -14.61 13.33 -21.18
CA ALA C 225 -13.83 12.33 -20.46
C ALA C 225 -12.32 12.59 -20.51
N ARG C 226 -11.63 12.20 -19.46
CA ARG C 226 -10.18 12.20 -19.46
C ARG C 226 -9.65 10.96 -20.19
N VAL C 227 -8.41 11.03 -20.66
CA VAL C 227 -7.84 9.99 -21.50
C VAL C 227 -6.41 9.65 -21.11
N ARG C 228 -6.06 8.39 -21.25
CA ARG C 228 -4.67 7.92 -21.24
C ARG C 228 -4.29 7.37 -22.57
N LEU C 229 -3.35 8.00 -23.22
CA LEU C 229 -2.88 7.43 -24.49
C LEU C 229 -1.70 6.50 -24.18
N ILE C 230 -1.79 5.26 -24.64
CA ILE C 230 -0.72 4.29 -24.42
C ILE C 230 0.01 3.96 -25.73
N SER C 231 1.31 3.74 -25.64
CA SER C 231 2.11 3.46 -26.83
C SER C 231 2.02 2.01 -27.25
N ASP C 232 1.62 1.14 -26.32
CA ASP C 232 1.54 -0.29 -26.53
C ASP C 232 0.88 -0.93 -25.33
N GLY C 233 0.44 -2.18 -25.50
CA GLY C 233 0.00 -3.01 -24.40
C GLY C 233 -1.42 -2.82 -23.92
N ASP C 234 -2.38 -3.22 -24.74
CA ASP C 234 -3.77 -2.96 -24.42
C ASP C 234 -4.46 -4.16 -23.75
N VAL C 235 -3.67 -5.16 -23.34
CA VAL C 235 -4.19 -6.21 -22.48
C VAL C 235 -4.35 -5.67 -21.05
N SER C 236 -3.26 -5.12 -20.52
CA SER C 236 -3.29 -4.45 -19.23
C SER C 236 -4.44 -3.43 -19.16
N ALA C 237 -4.52 -2.53 -20.14
CA ALA C 237 -5.58 -1.53 -20.20
C ALA C 237 -6.98 -2.11 -20.09
N ALA C 238 -7.27 -3.15 -20.87
CA ALA C 238 -8.61 -3.74 -20.86
C ALA C 238 -8.94 -4.27 -19.48
N ILE C 239 -7.99 -4.98 -18.89
CA ILE C 239 -8.23 -5.63 -17.62
C ILE C 239 -8.30 -4.64 -16.45
N SER C 240 -7.58 -3.53 -16.58
CA SER C 240 -7.59 -2.49 -15.56
C SER C 240 -9.00 -1.91 -15.31
N CYS C 241 -9.86 -2.01 -16.33
CA CYS C 241 -11.23 -1.54 -16.23
C CYS C 241 -12.04 -2.30 -15.19
N ALA C 242 -11.61 -3.52 -14.89
CA ALA C 242 -12.41 -4.37 -13.99
C ALA C 242 -12.25 -3.97 -12.54
N PHE C 243 -11.13 -3.35 -12.18
CA PHE C 243 -10.80 -3.10 -10.78
C PHE C 243 -10.98 -1.65 -10.37
N SER C 244 -11.93 -1.43 -9.48
CA SER C 244 -12.08 -0.14 -8.82
C SER C 244 -10.78 0.15 -8.11
N GLY C 245 -10.17 1.29 -8.42
CA GLY C 245 -8.89 1.62 -7.86
C GLY C 245 -7.85 1.97 -8.90
N THR C 246 -8.06 1.52 -10.14
CA THR C 246 -7.12 1.78 -11.21
C THR C 246 -7.30 3.15 -11.86
N ASN C 247 -8.44 3.79 -11.60
CA ASN C 247 -8.77 5.05 -12.24
C ASN C 247 -8.73 4.91 -13.75
N ILE C 248 -9.08 3.72 -14.23
CA ILE C 248 -9.31 3.49 -15.65
C ILE C 248 -10.67 2.80 -15.78
N HIS C 249 -11.55 3.33 -16.62
CA HIS C 249 -12.93 2.84 -16.63
C HIS C 249 -13.37 2.16 -17.92
N ALA C 250 -12.66 2.44 -19.00
CA ALA C 250 -12.94 1.78 -20.26
C ALA C 250 -11.72 1.75 -21.16
N LEU C 251 -11.71 0.78 -22.07
CA LEU C 251 -10.79 0.73 -23.20
C LEU C 251 -11.64 0.85 -24.44
N MET C 252 -11.28 1.77 -25.32
CA MET C 252 -11.95 1.88 -26.60
C MET C 252 -10.91 1.88 -27.72
N GLY C 253 -11.27 1.29 -28.85
CA GLY C 253 -10.46 1.43 -30.06
C GLY C 253 -9.98 0.11 -30.61
N ILE C 254 -9.06 0.19 -31.57
CA ILE C 254 -8.57 -1.01 -32.24
C ILE C 254 -7.17 -1.41 -31.76
N GLY C 255 -7.07 -2.65 -31.29
CA GLY C 255 -5.77 -3.26 -31.03
C GLY C 255 -5.69 -4.60 -31.73
N ALA C 256 -4.80 -5.47 -31.26
CA ALA C 256 -4.61 -6.76 -31.93
C ALA C 256 -5.57 -7.81 -31.38
N ALA C 257 -6.05 -8.69 -32.25
CA ALA C 257 -7.08 -9.65 -31.88
C ALA C 257 -6.67 -10.70 -30.85
N PRO C 258 -5.54 -11.40 -31.09
CA PRO C 258 -5.10 -12.41 -30.12
C PRO C 258 -5.08 -11.86 -28.70
N GLU C 259 -4.59 -10.63 -28.56
CA GLU C 259 -4.57 -9.93 -27.29
C GLU C 259 -5.98 -9.79 -26.70
N GLY C 260 -6.96 -9.53 -27.57
CA GLY C 260 -8.34 -9.33 -27.16
C GLY C 260 -8.94 -10.55 -26.51
N VAL C 261 -8.64 -11.71 -27.08
CA VAL C 261 -9.10 -13.00 -26.56
C VAL C 261 -8.52 -13.23 -25.18
N ILE C 262 -7.22 -12.99 -25.06
CA ILE C 262 -6.54 -13.13 -23.78
C ILE C 262 -7.19 -12.20 -22.75
N SER C 263 -7.45 -10.96 -23.15
CA SER C 263 -8.14 -10.01 -22.28
C SER C 263 -9.53 -10.53 -21.90
N ALA C 264 -10.29 -11.03 -22.88
CA ALA C 264 -11.65 -11.48 -22.65
C ALA C 264 -11.72 -12.63 -21.65
N ALA C 265 -10.69 -13.47 -21.64
CA ALA C 265 -10.61 -14.57 -20.70
C ALA C 265 -10.59 -14.04 -19.26
N ALA C 266 -9.75 -13.03 -19.01
CA ALA C 266 -9.74 -12.37 -17.71
C ALA C 266 -11.12 -11.79 -17.39
N MET C 267 -11.65 -10.98 -18.31
CA MET C 267 -12.93 -10.32 -18.10
C MET C 267 -14.10 -11.29 -17.92
N ARG C 268 -14.13 -12.42 -18.61
CA ARG C 268 -15.19 -13.37 -18.40
C ARG C 268 -15.16 -13.90 -16.99
N CYS C 269 -13.98 -14.15 -16.45
CA CYS C 269 -13.90 -14.65 -15.08
C CYS C 269 -14.30 -13.59 -14.05
N LEU C 270 -13.96 -12.33 -14.34
CA LEU C 270 -14.20 -11.22 -13.42
C LEU C 270 -15.59 -10.61 -13.61
N GLY C 271 -16.31 -11.08 -14.62
CA GLY C 271 -17.62 -10.52 -14.92
C GLY C 271 -17.51 -9.16 -15.57
N GLY C 272 -16.33 -8.83 -16.09
CA GLY C 272 -16.13 -7.55 -16.75
C GLY C 272 -16.74 -7.52 -18.14
N HIS C 273 -16.96 -6.33 -18.70
CA HIS C 273 -17.44 -6.22 -20.08
C HIS C 273 -16.27 -6.29 -21.07
N PHE C 274 -16.39 -7.16 -22.06
CA PHE C 274 -15.44 -7.13 -23.17
C PHE C 274 -16.05 -7.62 -24.47
N GLN C 275 -16.14 -6.73 -25.44
CA GLN C 275 -16.54 -7.13 -26.78
C GLN C 275 -15.46 -6.84 -27.78
N GLY C 276 -15.39 -7.67 -28.80
CA GLY C 276 -14.45 -7.48 -29.88
C GLY C 276 -15.04 -7.72 -31.25
N GLN C 277 -14.46 -7.06 -32.24
CA GLN C 277 -14.89 -7.21 -33.61
C GLN C 277 -13.68 -7.12 -34.53
N LEU C 278 -13.47 -8.16 -35.34
CA LEU C 278 -12.34 -8.20 -36.26
C LEU C 278 -12.39 -7.07 -37.28
N ILE C 279 -11.25 -6.41 -37.46
CA ILE C 279 -11.13 -5.40 -38.49
C ILE C 279 -10.23 -5.94 -39.57
N TYR C 280 -10.67 -5.85 -40.82
CA TYR C 280 -9.94 -6.43 -41.93
C TYR C 280 -9.88 -5.45 -43.11
N ASP C 281 -10.50 -4.29 -42.96
CA ASP C 281 -10.46 -3.27 -44.00
C ASP C 281 -9.24 -2.37 -43.81
N PRO C 282 -8.27 -2.47 -44.73
CA PRO C 282 -6.98 -1.76 -44.64
C PRO C 282 -7.15 -0.25 -44.67
N GLU C 283 -8.31 0.22 -45.11
CA GLU C 283 -8.62 1.65 -45.02
C GLU C 283 -8.67 2.10 -43.56
N VAL C 284 -9.31 1.30 -42.70
CA VAL C 284 -9.45 1.63 -41.30
C VAL C 284 -8.10 1.53 -40.59
N VAL C 285 -7.47 0.37 -40.75
CA VAL C 285 -6.13 0.13 -40.23
C VAL C 285 -5.46 -0.88 -41.14
N LYS C 286 -4.14 -0.80 -41.28
CA LYS C 286 -3.44 -1.73 -42.16
C LYS C 286 -2.42 -2.60 -41.42
N THR C 287 -2.39 -3.88 -41.79
CA THR C 287 -1.42 -4.83 -41.25
C THR C 287 -0.02 -4.47 -41.77
N GLY C 288 0.04 -4.02 -43.02
CA GLY C 288 1.29 -3.59 -43.61
C GLY C 288 1.80 -4.48 -44.73
N LEU C 289 1.22 -5.67 -44.84
CA LEU C 289 1.59 -6.59 -45.91
C LEU C 289 1.36 -5.94 -47.27
N ILE C 290 2.26 -6.21 -48.21
CA ILE C 290 2.03 -5.83 -49.60
C ILE C 290 0.99 -6.78 -50.19
N GLY C 291 -0.28 -6.46 -50.00
CA GLY C 291 -1.38 -7.23 -50.55
C GLY C 291 -2.19 -6.36 -51.48
N GLU C 292 -3.01 -5.48 -50.91
CA GLU C 292 -3.30 -5.47 -49.48
C GLU C 292 -4.70 -4.92 -49.37
N SER C 293 -5.69 -5.80 -49.53
CA SER C 293 -7.05 -5.31 -49.71
C SER C 293 -8.08 -6.00 -48.84
N ARG C 294 -9.23 -5.34 -48.73
CA ARG C 294 -10.36 -5.83 -47.99
C ARG C 294 -10.82 -7.18 -48.53
N GLU C 295 -10.82 -7.29 -49.85
CA GLU C 295 -11.20 -8.54 -50.51
C GLU C 295 -10.21 -9.65 -50.18
N GLY C 296 -8.92 -9.34 -50.25
CA GLY C 296 -7.89 -10.32 -49.97
C GLY C 296 -8.00 -10.88 -48.56
N ASN C 297 -8.05 -10.00 -47.57
CA ASN C 297 -8.20 -10.39 -46.18
C ASN C 297 -9.48 -11.17 -45.95
N LEU C 298 -10.55 -10.74 -46.62
CA LEU C 298 -11.82 -11.43 -46.55
C LEU C 298 -11.66 -12.86 -47.07
N GLU C 299 -10.83 -13.02 -48.08
CA GLU C 299 -10.55 -14.33 -48.64
C GLU C 299 -9.80 -15.21 -47.64
N ARG C 300 -8.75 -14.66 -47.04
CA ARG C 300 -7.97 -15.39 -46.04
C ARG C 300 -8.83 -15.81 -44.85
N LEU C 301 -9.69 -14.90 -44.40
CA LEU C 301 -10.53 -15.11 -43.24
C LEU C 301 -11.57 -16.21 -43.49
N ALA C 302 -12.18 -16.16 -44.66
CA ALA C 302 -13.14 -17.18 -45.07
C ALA C 302 -12.48 -18.55 -45.08
N SER C 303 -11.26 -18.61 -45.57
CA SER C 303 -10.53 -19.86 -45.69
C SER C 303 -9.99 -20.35 -44.35
N MET C 304 -10.00 -19.47 -43.34
CA MET C 304 -9.61 -19.84 -41.99
C MET C 304 -10.81 -20.41 -41.23
N GLY C 305 -11.96 -20.46 -41.91
CA GLY C 305 -13.15 -20.98 -41.29
C GLY C 305 -13.96 -19.95 -40.51
N ILE C 306 -13.66 -18.67 -40.73
CA ILE C 306 -14.43 -17.59 -40.11
C ILE C 306 -15.59 -17.21 -41.00
N LYS C 307 -16.79 -17.61 -40.60
CA LYS C 307 -17.97 -17.43 -41.45
C LYS C 307 -18.48 -15.99 -41.54
N ASN C 308 -18.53 -15.29 -40.41
CA ASN C 308 -19.01 -13.90 -40.38
C ASN C 308 -17.94 -12.92 -39.91
N PRO C 309 -17.25 -12.27 -40.85
CA PRO C 309 -16.09 -11.44 -40.52
C PRO C 309 -16.47 -10.22 -39.67
N ASP C 310 -17.68 -9.74 -39.84
CA ASP C 310 -18.12 -8.54 -39.15
C ASP C 310 -18.79 -8.88 -37.84
N GLN C 311 -18.82 -10.16 -37.51
CA GLN C 311 -19.44 -10.61 -36.27
C GLN C 311 -18.85 -9.92 -35.05
N VAL C 312 -19.73 -9.52 -34.11
CA VAL C 312 -19.31 -9.01 -32.82
C VAL C 312 -19.26 -10.15 -31.82
N TYR C 313 -18.16 -10.25 -31.07
CA TYR C 313 -18.07 -11.31 -30.06
C TYR C 313 -18.14 -10.70 -28.69
N ASN C 314 -19.01 -11.24 -27.85
CA ASN C 314 -18.91 -10.83 -26.48
C ASN C 314 -17.87 -11.68 -25.77
N CYS C 315 -17.60 -11.26 -24.56
CA CYS C 315 -16.62 -11.85 -23.69
C CYS C 315 -16.80 -13.37 -23.51
N GLU C 316 -18.04 -13.85 -23.38
CA GLU C 316 -18.31 -15.29 -23.26
C GLU C 316 -18.12 -16.05 -24.56
N GLU C 317 -18.05 -15.34 -25.67
CA GLU C 317 -17.88 -16.02 -26.96
C GLU C 317 -16.41 -16.14 -27.32
N LEU C 318 -15.60 -15.17 -26.91
CA LEU C 318 -14.15 -15.20 -27.14
C LEU C 318 -13.47 -16.17 -26.20
N ALA C 319 -14.04 -16.31 -25.01
CA ALA C 319 -13.56 -17.27 -24.02
C ALA C 319 -14.76 -18.09 -23.59
N CYS C 320 -15.06 -19.15 -24.35
CA CYS C 320 -16.35 -19.85 -24.25
C CYS C 320 -16.39 -21.13 -23.44
N GLY C 321 -15.23 -21.70 -23.14
CA GLY C 321 -15.21 -22.97 -22.42
C GLY C 321 -15.82 -22.96 -21.04
N GLU C 322 -16.01 -24.15 -20.49
CA GLU C 322 -16.53 -24.32 -19.14
C GLU C 322 -15.53 -23.87 -18.10
N THR C 323 -14.24 -24.00 -18.39
CA THR C 323 -13.20 -23.55 -17.49
C THR C 323 -12.29 -22.57 -18.21
N VAL C 324 -12.07 -21.42 -17.58
CA VAL C 324 -11.16 -20.41 -18.09
C VAL C 324 -10.17 -20.09 -16.99
N LEU C 325 -8.89 -20.07 -17.33
CA LEU C 325 -7.83 -19.67 -16.42
C LEU C 325 -7.07 -18.50 -17.06
N PHE C 326 -6.56 -17.60 -16.24
CA PHE C 326 -5.80 -16.47 -16.76
C PHE C 326 -4.66 -16.16 -15.80
N ALA C 327 -3.48 -15.87 -16.35
CA ALA C 327 -2.33 -15.58 -15.52
C ALA C 327 -1.49 -14.50 -16.16
N ALA C 328 -1.12 -13.49 -15.38
CA ALA C 328 -0.26 -12.43 -15.87
C ALA C 328 0.76 -12.08 -14.79
N CYS C 329 1.94 -11.67 -15.23
CA CYS C 329 2.94 -11.17 -14.31
C CYS C 329 3.60 -9.96 -14.95
N GLY C 330 3.69 -8.88 -14.19
CA GLY C 330 4.26 -7.66 -14.71
C GLY C 330 5.73 -7.79 -15.07
N ILE C 331 6.09 -7.27 -16.23
CA ILE C 331 7.49 -7.18 -16.63
C ILE C 331 7.99 -5.80 -16.21
N THR C 332 7.50 -4.75 -16.86
CA THR C 332 7.72 -3.40 -16.37
C THR C 332 6.54 -3.01 -15.50
N PRO C 333 6.67 -1.92 -14.72
CA PRO C 333 5.56 -1.55 -13.84
C PRO C 333 4.33 -1.18 -14.66
N GLY C 334 3.14 -1.45 -14.13
CA GLY C 334 1.91 -1.13 -14.82
C GLY C 334 0.76 -0.88 -13.86
N THR C 335 -0.44 -0.72 -14.41
CA THR C 335 -1.62 -0.35 -13.61
C THR C 335 -2.07 -1.44 -12.64
N LEU C 336 -2.03 -2.70 -13.09
CA LEU C 336 -2.47 -3.82 -12.26
C LEU C 336 -1.33 -4.45 -11.47
N MET C 337 -0.14 -4.44 -12.04
CA MET C 337 0.95 -5.17 -11.44
C MET C 337 2.25 -4.39 -11.42
N GLU C 338 2.95 -4.53 -10.31
CA GLU C 338 4.28 -3.96 -10.19
C GLU C 338 5.23 -4.65 -11.18
N GLY C 339 6.31 -3.99 -11.57
CA GLY C 339 7.27 -4.58 -12.48
C GLY C 339 8.20 -5.54 -11.75
N VAL C 340 9.03 -6.26 -12.51
CA VAL C 340 10.05 -7.09 -11.90
C VAL C 340 11.18 -6.22 -11.32
N ARG C 341 11.57 -6.46 -10.08
CA ARG C 341 12.65 -5.72 -9.43
C ARG C 341 13.81 -6.65 -9.06
N PHE C 342 15.03 -6.27 -9.46
CA PHE C 342 16.23 -7.00 -9.05
C PHE C 342 16.96 -6.26 -7.93
N PHE C 343 17.19 -6.97 -6.82
CA PHE C 343 17.89 -6.37 -5.70
C PHE C 343 18.93 -7.35 -5.16
N HIS C 344 19.74 -6.87 -4.21
CA HIS C 344 20.79 -7.68 -3.61
C HIS C 344 20.21 -8.87 -2.87
N GLY C 345 20.34 -10.06 -3.44
CA GLY C 345 19.83 -11.25 -2.78
C GLY C 345 18.52 -11.78 -3.33
N GLY C 346 17.98 -11.14 -4.37
CA GLY C 346 16.88 -11.74 -5.09
C GLY C 346 16.09 -10.86 -6.04
N VAL C 347 14.89 -11.33 -6.33
CA VAL C 347 13.99 -10.73 -7.33
C VAL C 347 12.62 -10.69 -6.70
N ARG C 348 11.82 -9.68 -7.05
CA ARG C 348 10.43 -9.64 -6.60
C ARG C 348 9.49 -9.46 -7.78
N THR C 349 8.39 -10.20 -7.79
CA THR C 349 7.44 -10.12 -8.90
C THR C 349 6.01 -9.94 -8.39
N GLN C 350 5.14 -9.45 -9.28
CA GLN C 350 3.72 -9.41 -8.97
C GLN C 350 2.87 -9.96 -10.11
N SER C 351 2.05 -10.94 -9.78
CA SER C 351 1.21 -11.60 -10.75
C SER C 351 -0.26 -11.47 -10.36
N LEU C 352 -1.12 -11.57 -11.38
CA LEU C 352 -2.55 -11.70 -11.18
C LEU C 352 -3.02 -13.01 -11.82
N VAL C 353 -3.65 -13.86 -11.04
CA VAL C 353 -4.12 -15.16 -11.54
C VAL C 353 -5.60 -15.32 -11.26
N ILE C 354 -6.34 -15.60 -12.32
CA ILE C 354 -7.78 -15.66 -12.25
C ILE C 354 -8.25 -17.01 -12.77
N SER C 355 -9.16 -17.63 -12.02
CA SER C 355 -9.68 -18.95 -12.38
C SER C 355 -11.18 -18.98 -12.21
N SER C 356 -11.91 -19.37 -13.25
CA SER C 356 -13.37 -19.53 -13.13
C SER C 356 -13.71 -20.74 -12.27
N GLN C 357 -12.76 -21.66 -12.17
CA GLN C 357 -12.96 -22.90 -11.44
C GLN C 357 -13.06 -22.63 -9.94
N SER C 358 -12.06 -21.95 -9.38
CA SER C 358 -12.09 -21.57 -7.97
C SER C 358 -12.88 -20.28 -7.79
N SER C 359 -13.25 -19.68 -8.92
CA SER C 359 -13.87 -18.36 -8.88
C SER C 359 -13.06 -17.37 -8.00
N THR C 360 -11.78 -17.20 -8.32
CA THR C 360 -10.88 -16.35 -7.55
C THR C 360 -10.07 -15.40 -8.44
N ALA C 361 -9.75 -14.24 -7.88
CA ALA C 361 -8.76 -13.35 -8.47
C ALA C 361 -7.65 -13.19 -7.45
N ARG C 362 -6.46 -13.71 -7.76
CA ARG C 362 -5.35 -13.67 -6.81
C ARG C 362 -4.23 -12.78 -7.31
N PHE C 363 -3.80 -11.87 -6.45
CA PHE C 363 -2.58 -11.15 -6.69
C PHE C 363 -1.50 -11.88 -5.91
N VAL C 364 -0.42 -12.19 -6.60
CA VAL C 364 0.67 -12.95 -5.98
C VAL C 364 1.94 -12.10 -5.96
N ASP C 365 2.31 -11.65 -4.77
CA ASP C 365 3.54 -10.90 -4.59
C ASP C 365 4.64 -11.85 -4.10
N THR C 366 5.59 -12.15 -4.98
CA THR C 366 6.59 -13.17 -4.70
C THR C 366 7.99 -12.59 -4.51
N VAL C 367 8.59 -12.90 -3.38
CA VAL C 367 9.99 -12.60 -3.17
C VAL C 367 10.76 -13.85 -3.53
N HIS C 368 11.54 -13.77 -4.61
CA HIS C 368 12.36 -14.88 -5.02
C HIS C 368 13.74 -14.74 -4.39
N MET C 369 13.98 -15.54 -3.36
CA MET C 369 15.22 -15.45 -2.57
C MET C 369 16.37 -16.18 -3.23
N LYS C 370 17.30 -15.44 -3.78
CA LYS C 370 18.31 -16.01 -4.63
C LYS C 370 19.54 -16.43 -3.91
N GLU C 371 20.04 -15.64 -2.99
CA GLU C 371 21.22 -16.07 -2.29
C GLU C 371 21.22 -15.62 -0.87
N SER C 372 20.36 -16.23 -0.08
CA SER C 372 20.22 -15.91 1.35
C SER C 372 20.27 -14.43 1.75
N PRO C 373 19.33 -13.61 1.27
CA PRO C 373 19.35 -12.17 1.57
C PRO C 373 19.39 -11.85 3.08
N LYS C 374 20.26 -10.92 3.48
CA LYS C 374 20.34 -10.52 4.88
C LYS C 374 19.16 -9.63 5.28
N VAL C 375 18.58 -8.96 4.30
CA VAL C 375 17.42 -8.14 4.55
C VAL C 375 16.28 -8.57 3.63
N ILE C 376 15.11 -8.81 4.21
CA ILE C 376 13.92 -9.11 3.41
C ILE C 376 12.83 -8.07 3.68
N GLN C 377 12.53 -7.25 2.67
CA GLN C 377 11.51 -6.20 2.82
C GLN C 377 10.11 -6.76 2.78
N LEU C 378 9.26 -6.26 3.67
CA LEU C 378 7.84 -6.61 3.71
C LEU C 378 7.11 -6.28 2.40
N HIS C 379 7.47 -5.17 1.77
CA HIS C 379 6.82 -4.75 0.53
C HIS C 379 7.84 -4.48 -0.54
N SER D 34 13.61 35.57 9.85
CA SER D 34 13.68 34.17 9.39
C SER D 34 12.43 33.66 8.65
N VAL D 35 12.63 32.83 7.63
CA VAL D 35 11.52 32.26 6.83
C VAL D 35 10.48 31.61 7.74
N ASP D 36 9.21 31.86 7.45
CA ASP D 36 8.11 31.40 8.29
C ASP D 36 7.97 29.89 8.29
N SER D 37 7.95 29.27 9.47
CA SER D 37 7.79 27.81 9.55
C SER D 37 6.53 27.35 8.86
N THR D 38 5.55 28.25 8.83
CA THR D 38 4.22 27.91 8.32
C THR D 38 4.21 27.76 6.80
N LEU D 39 5.11 28.45 6.12
CA LEU D 39 5.20 28.39 4.66
C LEU D 39 5.42 26.94 4.14
N GLY D 40 6.25 26.19 4.86
CA GLY D 40 6.51 24.80 4.55
C GLY D 40 5.26 23.93 4.54
N LEU D 41 4.19 24.37 5.19
CA LEU D 41 2.92 23.66 5.11
C LEU D 41 1.98 24.27 4.06
N GLU D 42 1.96 25.60 3.97
CA GLU D 42 1.07 26.29 3.04
C GLU D 42 1.34 25.93 1.59
N ILE D 43 2.56 25.51 1.28
CA ILE D 43 2.89 25.18 -0.11
C ILE D 43 2.24 23.87 -0.53
N ILE D 44 1.72 23.12 0.45
CA ILE D 44 0.90 21.96 0.15
C ILE D 44 -0.28 22.35 -0.73
N GLU D 45 -0.99 23.40 -0.33
CA GLU D 45 -2.17 23.84 -1.09
C GLU D 45 -1.79 24.43 -2.46
N VAL D 46 -0.63 25.07 -2.53
CA VAL D 46 -0.17 25.62 -3.79
C VAL D 46 -0.04 24.53 -4.87
N VAL D 47 0.72 23.48 -4.58
CA VAL D 47 0.94 22.44 -5.57
C VAL D 47 -0.31 21.58 -5.81
N GLU D 48 -1.09 21.34 -4.76
CA GLU D 48 -2.35 20.63 -4.91
C GLU D 48 -3.30 21.32 -5.90
N GLN D 49 -3.55 22.61 -5.70
CA GLN D 49 -4.45 23.36 -6.57
C GLN D 49 -3.98 23.43 -8.03
N ALA D 50 -2.70 23.71 -8.21
CA ALA D 50 -2.10 23.73 -9.53
C ALA D 50 -2.28 22.37 -10.21
N ALA D 51 -1.97 21.31 -9.46
CA ALA D 51 -2.07 19.94 -9.99
C ALA D 51 -3.49 19.64 -10.41
N ILE D 52 -4.44 19.96 -9.55
CA ILE D 52 -5.83 19.63 -9.82
C ILE D 52 -6.32 20.30 -11.10
N ALA D 53 -6.01 21.59 -11.24
CA ALA D 53 -6.44 22.33 -12.42
C ALA D 53 -5.88 21.71 -13.68
N SER D 54 -4.61 21.32 -13.63
CA SER D 54 -3.89 20.78 -14.77
C SER D 54 -4.39 19.37 -15.13
N ALA D 55 -4.62 18.55 -14.10
CA ALA D 55 -5.13 17.19 -14.30
C ALA D 55 -6.45 17.15 -15.04
N LYS D 56 -7.22 18.24 -14.99
CA LYS D 56 -8.50 18.29 -15.70
C LYS D 56 -8.28 18.13 -17.19
N TRP D 57 -7.05 18.35 -17.63
CA TRP D 57 -6.75 18.27 -19.05
C TRP D 57 -5.97 17.01 -19.44
N MET D 58 -5.92 16.03 -18.54
CA MET D 58 -5.24 14.77 -18.81
C MET D 58 -5.74 14.05 -20.07
N GLY D 59 -4.88 13.93 -21.06
CA GLY D 59 -5.23 13.26 -22.29
C GLY D 59 -6.04 14.09 -23.30
N LYS D 60 -6.26 15.37 -23.00
CA LYS D 60 -7.10 16.22 -23.85
C LYS D 60 -6.33 16.80 -25.03
N GLY D 61 -5.02 16.58 -25.07
CA GLY D 61 -4.21 16.96 -26.21
C GLY D 61 -3.88 18.44 -26.29
N GLU D 62 -3.94 19.11 -25.15
CA GLU D 62 -3.65 20.54 -25.13
C GLU D 62 -2.59 20.81 -24.08
N LYS D 63 -1.32 20.72 -24.47
CA LYS D 63 -0.24 20.90 -23.50
C LYS D 63 -0.14 22.32 -23.01
N ASN D 64 -0.53 23.26 -23.85
CA ASN D 64 -0.48 24.66 -23.45
C ASN D 64 -1.61 25.03 -22.50
N THR D 65 -2.78 24.41 -22.66
CA THR D 65 -3.87 24.59 -21.70
C THR D 65 -3.48 23.99 -20.36
N ALA D 66 -3.06 22.73 -20.38
CA ALA D 66 -2.60 22.06 -19.17
C ALA D 66 -1.57 22.91 -18.46
N ASP D 67 -0.68 23.51 -19.24
CA ASP D 67 0.32 24.40 -18.70
C ASP D 67 -0.29 25.66 -18.08
N GLN D 68 -1.11 26.37 -18.87
CA GLN D 68 -1.69 27.65 -18.47
C GLN D 68 -2.50 27.59 -17.17
N VAL D 69 -3.39 26.60 -17.06
CA VAL D 69 -4.27 26.56 -15.90
C VAL D 69 -3.48 26.31 -14.63
N ALA D 70 -2.46 25.46 -14.73
CA ALA D 70 -1.56 25.19 -13.61
C ALA D 70 -0.82 26.46 -13.17
N VAL D 71 -0.28 27.18 -14.15
CA VAL D 71 0.38 28.45 -13.89
C VAL D 71 -0.54 29.40 -13.14
N GLU D 72 -1.77 29.53 -13.61
CA GLU D 72 -2.72 30.42 -12.96
C GLU D 72 -3.11 29.98 -11.53
N ALA D 73 -3.49 28.72 -11.36
CA ALA D 73 -3.82 28.25 -10.01
C ALA D 73 -2.66 28.45 -9.04
N MET D 74 -1.44 28.16 -9.48
CA MET D 74 -0.28 28.26 -8.59
C MET D 74 -0.06 29.71 -8.18
N ARG D 75 -0.13 30.61 -9.16
CA ARG D 75 0.01 32.05 -8.89
C ARG D 75 -1.06 32.55 -7.95
N GLU D 76 -2.30 32.18 -8.25
CA GLU D 76 -3.44 32.60 -7.44
C GLU D 76 -3.27 32.12 -6.01
N ARG D 77 -2.89 30.87 -5.82
CA ARG D 77 -2.70 30.39 -4.47
C ARG D 77 -1.56 31.05 -3.76
N MET D 78 -0.46 31.25 -4.46
CA MET D 78 0.69 31.94 -3.88
C MET D 78 0.36 33.35 -3.41
N ASN D 79 -0.49 34.06 -4.14
CA ASN D 79 -0.85 35.42 -3.77
C ASN D 79 -1.79 35.54 -2.58
N LYS D 80 -2.20 34.41 -2.02
CA LYS D 80 -3.00 34.41 -0.80
C LYS D 80 -2.11 34.19 0.43
N ILE D 81 -0.84 33.94 0.18
CA ILE D 81 0.08 33.69 1.29
C ILE D 81 0.76 34.97 1.78
N HIS D 82 0.88 35.09 3.09
CA HIS D 82 1.66 36.17 3.70
C HIS D 82 3.15 35.88 3.54
N MET D 83 3.67 36.12 2.35
CA MET D 83 5.08 35.94 2.07
C MET D 83 5.55 37.05 1.13
N ARG D 84 6.86 37.23 1.07
CA ARG D 84 7.43 38.27 0.23
C ARG D 84 8.30 37.61 -0.80
N GLY D 85 7.68 37.17 -1.88
CA GLY D 85 8.34 36.31 -2.83
C GLY D 85 8.71 36.99 -4.12
N ARG D 86 9.83 36.56 -4.69
CA ARG D 86 10.26 36.94 -6.01
C ARG D 86 10.51 35.68 -6.83
N ILE D 87 9.96 35.62 -8.04
CA ILE D 87 10.18 34.49 -8.93
C ILE D 87 11.55 34.57 -9.63
N VAL D 88 12.40 33.58 -9.37
CA VAL D 88 13.72 33.53 -9.96
C VAL D 88 13.82 32.45 -11.02
N ILE D 89 12.87 31.53 -10.98
CA ILE D 89 12.70 30.52 -12.04
C ILE D 89 11.21 30.39 -12.31
N GLY D 90 10.84 30.52 -13.58
CA GLY D 90 9.44 30.49 -13.94
C GLY D 90 9.16 30.44 -15.42
N GLU D 91 8.15 31.18 -15.85
CA GLU D 91 7.56 30.97 -17.16
C GLU D 91 8.23 31.70 -18.31
N GLY D 92 9.08 32.68 -18.00
CA GLY D 92 9.75 33.44 -19.04
C GLY D 92 9.99 34.87 -18.58
N GLU D 93 10.44 35.72 -19.50
CA GLU D 93 10.64 37.12 -19.18
C GLU D 93 9.32 37.85 -19.19
N ARG D 94 9.24 38.96 -18.45
CA ARG D 94 8.02 39.75 -18.32
C ARG D 94 7.35 39.99 -19.68
N ASP D 95 8.16 40.35 -20.67
CA ASP D 95 7.64 40.58 -22.01
C ASP D 95 7.04 39.31 -22.62
N ASP D 96 7.74 38.18 -22.47
CA ASP D 96 7.33 36.90 -23.04
C ASP D 96 6.16 36.21 -22.31
N ALA D 97 6.17 36.30 -20.98
CA ALA D 97 5.23 35.53 -20.15
C ALA D 97 4.45 36.40 -19.18
N PRO D 98 3.11 36.36 -19.28
CA PRO D 98 2.18 37.15 -18.47
C PRO D 98 2.14 36.79 -17.00
N MET D 99 2.33 35.52 -16.68
CA MET D 99 2.22 35.06 -15.29
C MET D 99 3.43 34.23 -14.84
N LEU D 100 3.86 34.47 -13.59
CA LEU D 100 5.03 33.82 -13.02
C LEU D 100 6.29 34.03 -13.90
N TYR D 101 6.47 35.28 -14.34
CA TYR D 101 7.64 35.65 -15.13
C TYR D 101 8.80 35.96 -14.18
N ILE D 102 10.02 35.92 -14.70
CA ILE D 102 11.20 36.22 -13.91
C ILE D 102 11.12 37.63 -13.33
N GLY D 103 11.32 37.73 -12.02
CA GLY D 103 11.28 39.03 -11.37
C GLY D 103 9.95 39.35 -10.72
N GLU D 104 8.91 38.60 -11.06
CA GLU D 104 7.58 38.90 -10.53
C GLU D 104 7.50 38.78 -9.01
N GLU D 105 6.82 39.74 -8.40
CA GLU D 105 6.58 39.72 -6.97
C GLU D 105 5.31 38.94 -6.72
N VAL D 106 5.36 38.00 -5.77
CA VAL D 106 4.20 37.21 -5.42
C VAL D 106 4.07 37.17 -3.91
N GLY D 107 2.83 37.13 -3.44
CA GLY D 107 2.59 37.05 -2.01
C GLY D 107 2.03 38.34 -1.44
N ILE D 108 1.19 38.22 -0.43
CA ILE D 108 0.59 39.39 0.21
C ILE D 108 1.60 40.41 0.74
N CYS D 109 2.72 39.93 1.26
CA CYS D 109 3.72 40.81 1.86
C CYS D 109 4.64 41.53 0.86
N THR D 110 4.29 41.46 -0.42
CA THR D 110 4.98 42.26 -1.43
C THR D 110 4.22 43.56 -1.64
N ARG D 111 3.03 43.64 -1.06
CA ARG D 111 2.22 44.86 -1.14
C ARG D 111 2.92 46.04 -0.46
N GLU D 112 2.66 47.25 -0.95
CA GLU D 112 3.29 48.46 -0.42
C GLU D 112 2.95 48.68 1.05
N ASP D 113 1.78 48.24 1.48
CA ASP D 113 1.37 48.37 2.87
C ASP D 113 1.85 47.24 3.80
N ALA D 114 2.75 46.38 3.31
CA ALA D 114 3.11 45.15 4.00
C ALA D 114 3.51 45.27 5.48
N LYS D 115 4.29 46.29 5.81
CA LYS D 115 4.74 46.49 7.18
C LYS D 115 3.57 46.50 8.15
N SER D 116 2.43 47.02 7.70
CA SER D 116 1.26 47.17 8.60
C SER D 116 0.45 45.88 8.87
N PHE D 117 0.62 44.85 8.03
CA PHE D 117 -0.16 43.61 8.21
C PHE D 117 0.63 42.31 8.07
N CYS D 118 1.96 42.40 8.02
CA CYS D 118 2.82 41.21 7.93
C CYS D 118 3.83 41.28 9.05
N ASN D 119 4.02 40.17 9.76
CA ASN D 119 5.04 40.10 10.81
C ASN D 119 6.42 39.97 10.18
N PRO D 120 7.50 40.07 11.00
CA PRO D 120 8.87 40.08 10.45
C PRO D 120 9.24 38.83 9.65
N ASP D 121 8.84 37.64 10.12
CA ASP D 121 9.14 36.41 9.38
C ASP D 121 8.43 36.34 8.03
N GLU D 122 7.20 36.86 7.97
CA GLU D 122 6.43 36.91 6.73
C GLU D 122 7.05 37.89 5.74
N LEU D 123 7.82 38.85 6.27
CA LEU D 123 8.41 39.90 5.46
C LEU D 123 9.81 39.56 4.93
N VAL D 124 10.34 38.41 5.33
CA VAL D 124 11.64 37.98 4.79
C VAL D 124 11.53 37.82 3.28
N GLU D 125 12.45 38.41 2.55
CA GLU D 125 12.47 38.25 1.11
C GLU D 125 12.87 36.81 0.79
N ILE D 126 12.07 36.14 -0.04
CA ILE D 126 12.41 34.78 -0.45
C ILE D 126 12.38 34.68 -1.98
N ASP D 127 13.21 33.78 -2.52
CA ASP D 127 13.17 33.51 -3.94
C ASP D 127 12.44 32.19 -4.19
N ILE D 128 11.78 32.13 -5.34
CA ILE D 128 10.89 31.02 -5.65
C ILE D 128 11.12 30.50 -7.06
N ALA D 129 11.28 29.18 -7.19
CA ALA D 129 11.40 28.55 -8.50
C ALA D 129 10.11 27.80 -8.73
N VAL D 130 9.45 28.07 -9.85
CA VAL D 130 8.20 27.37 -10.12
C VAL D 130 8.25 26.62 -11.43
N ASP D 131 7.50 25.53 -11.45
CA ASP D 131 7.27 24.75 -12.64
C ASP D 131 5.87 24.17 -12.43
N PRO D 132 4.85 25.01 -12.68
CA PRO D 132 3.45 24.69 -12.40
C PRO D 132 3.02 23.40 -13.08
N CYS D 133 3.56 23.13 -14.26
CA CYS D 133 3.22 21.91 -14.99
C CYS D 133 4.50 21.31 -15.59
N GLU D 134 5.14 20.46 -14.84
CA GLU D 134 6.33 19.85 -15.33
C GLU D 134 5.99 18.58 -16.11
N GLY D 135 6.09 18.67 -17.42
CA GLY D 135 5.66 17.65 -18.32
C GLY D 135 4.33 18.00 -18.97
N THR D 136 4.27 19.16 -19.60
CA THR D 136 3.04 19.62 -20.28
C THR D 136 2.51 18.59 -21.26
N ASN D 137 3.41 17.98 -22.02
CA ASN D 137 2.98 16.95 -22.97
C ASN D 137 2.62 15.59 -22.34
N LEU D 138 3.21 15.27 -21.20
CA LEU D 138 2.82 14.06 -20.48
C LEU D 138 1.35 14.22 -20.11
N VAL D 139 0.98 15.42 -19.69
CA VAL D 139 -0.42 15.68 -19.34
C VAL D 139 -1.37 15.57 -20.54
N ALA D 140 -0.97 16.20 -21.64
CA ALA D 140 -1.77 16.26 -22.85
C ALA D 140 -2.05 14.88 -23.43
N TYR D 141 -1.11 13.97 -23.23
CA TYR D 141 -1.24 12.58 -23.68
C TYR D 141 -1.74 11.63 -22.60
N GLY D 142 -1.87 12.14 -21.39
CA GLY D 142 -2.27 11.31 -20.26
C GLY D 142 -1.24 10.23 -19.97
N GLN D 143 0.03 10.63 -19.93
CA GLN D 143 1.13 9.72 -19.65
C GLN D 143 1.80 10.03 -18.33
N ASN D 144 2.32 8.98 -17.69
CA ASN D 144 2.94 9.09 -16.37
C ASN D 144 4.11 10.10 -16.29
N GLY D 145 4.28 10.72 -15.12
CA GLY D 145 5.50 11.42 -14.81
C GLY D 145 5.43 12.92 -14.60
N SER D 146 4.24 13.50 -14.74
CA SER D 146 4.07 14.95 -14.71
C SER D 146 3.68 15.43 -13.33
N MET D 147 4.04 16.67 -13.00
CA MET D 147 3.78 17.19 -11.67
C MET D 147 3.75 18.71 -11.64
N ALA D 148 3.05 19.24 -10.64
CA ALA D 148 3.18 20.64 -10.29
C ALA D 148 4.23 20.71 -9.19
N VAL D 149 5.20 21.59 -9.34
CA VAL D 149 6.33 21.64 -8.44
C VAL D 149 6.91 23.05 -8.21
N LEU D 150 7.53 23.24 -7.05
CA LEU D 150 8.19 24.51 -6.74
C LEU D 150 9.24 24.33 -5.65
N ALA D 151 10.20 25.26 -5.63
CA ALA D 151 11.20 25.30 -4.58
C ALA D 151 11.28 26.73 -4.03
N ILE D 152 11.76 26.87 -2.78
CA ILE D 152 11.86 28.19 -2.16
C ILE D 152 13.11 28.30 -1.29
N SER D 153 13.76 29.47 -1.35
CA SER D 153 14.82 29.77 -0.39
C SER D 153 14.80 31.26 -0.08
N GLU D 154 15.61 31.71 0.88
CA GLU D 154 15.81 33.14 1.07
C GLU D 154 16.34 33.72 -0.22
N LYS D 155 16.13 35.02 -0.40
CA LYS D 155 16.72 35.71 -1.54
C LYS D 155 18.16 35.28 -1.75
N GLY D 156 18.51 34.93 -2.98
CA GLY D 156 19.85 34.51 -3.32
C GLY D 156 20.05 33.02 -3.17
N GLY D 157 19.08 32.36 -2.53
CA GLY D 157 19.20 30.95 -2.16
C GLY D 157 19.02 29.90 -3.24
N LEU D 158 18.58 30.31 -4.43
CA LEU D 158 18.40 29.37 -5.54
C LEU D 158 19.05 29.90 -6.81
N PHE D 159 19.83 29.05 -7.45
CA PHE D 159 20.47 29.44 -8.70
C PHE D 159 19.42 29.77 -9.74
N ALA D 160 19.37 31.04 -10.13
CA ALA D 160 18.44 31.49 -11.15
C ALA D 160 18.91 31.05 -12.52
N ALA D 161 18.73 29.77 -12.82
CA ALA D 161 19.18 29.21 -14.09
C ALA D 161 18.53 29.85 -15.31
N PRO D 162 19.33 30.04 -16.36
CA PRO D 162 18.84 30.43 -17.68
C PRO D 162 18.15 29.24 -18.33
N ASP D 163 17.36 29.45 -19.36
N ASP D 163 17.37 29.45 -19.38
CA ASP D 163 16.66 28.35 -20.00
CA ASP D 163 16.64 28.35 -19.97
C ASP D 163 17.55 27.64 -21.01
C ASP D 163 17.49 27.54 -20.96
N PHE D 164 18.72 27.23 -20.54
CA PHE D 164 19.62 26.39 -21.32
C PHE D 164 19.56 24.94 -20.81
N TYR D 165 20.23 24.03 -21.50
CA TYR D 165 20.27 22.64 -21.06
C TYR D 165 21.29 22.43 -19.94
N MET D 166 21.17 21.30 -19.26
CA MET D 166 22.03 21.00 -18.11
C MET D 166 22.30 19.51 -18.04
N LYS D 167 23.57 19.13 -18.09
CA LYS D 167 23.95 17.76 -17.83
C LYS D 167 23.70 17.52 -16.33
N LYS D 168 23.14 16.35 -16.00
CA LYS D 168 22.79 16.03 -14.62
C LYS D 168 23.25 14.63 -14.22
N LEU D 169 23.55 14.48 -12.93
CA LEU D 169 23.78 13.19 -12.32
C LEU D 169 23.02 13.20 -11.00
N ALA D 170 21.98 12.39 -10.88
CA ALA D 170 21.29 12.26 -9.58
C ALA D 170 21.56 10.86 -9.04
N ALA D 171 21.71 10.75 -7.71
CA ALA D 171 21.93 9.45 -7.08
C ALA D 171 21.43 9.48 -5.63
N PRO D 172 21.27 8.29 -5.01
CA PRO D 172 20.78 8.21 -3.62
C PRO D 172 21.78 8.76 -2.62
N PRO D 173 21.29 9.09 -1.41
CA PRO D 173 22.16 9.59 -0.35
C PRO D 173 23.36 8.69 -0.12
N ALA D 174 23.20 7.37 -0.23
CA ALA D 174 24.32 6.47 0.03
C ALA D 174 25.47 6.70 -0.93
N ALA D 175 25.19 7.28 -2.09
CA ALA D 175 26.20 7.50 -3.12
C ALA D 175 26.66 8.94 -3.18
N LYS D 176 26.12 9.78 -2.31
CA LYS D 176 26.41 11.22 -2.38
C LYS D 176 27.89 11.46 -2.17
N GLY D 177 28.51 12.14 -3.14
CA GLY D 177 29.92 12.47 -3.05
C GLY D 177 30.81 11.43 -3.70
N HIS D 178 30.33 10.19 -3.74
CA HIS D 178 31.13 9.11 -4.32
C HIS D 178 31.01 9.04 -5.84
N VAL D 179 29.79 9.09 -6.36
CA VAL D 179 29.62 9.29 -7.81
C VAL D 179 30.05 10.73 -8.14
N ASP D 180 30.40 10.97 -9.40
CA ASP D 180 30.67 12.33 -9.81
C ASP D 180 30.29 12.53 -11.25
N ILE D 181 29.77 13.72 -11.56
CA ILE D 181 29.25 14.03 -12.89
C ILE D 181 30.32 14.00 -13.98
N ASP D 182 31.57 14.28 -13.59
CA ASP D 182 32.68 14.23 -14.54
C ASP D 182 33.18 12.82 -14.90
N LYS D 183 32.89 11.83 -14.05
CA LYS D 183 33.22 10.45 -14.38
C LYS D 183 32.34 9.93 -15.51
N SER D 184 32.76 8.84 -16.15
CA SER D 184 31.94 8.21 -17.19
C SER D 184 30.76 7.48 -16.53
N ALA D 185 29.74 7.18 -17.32
CA ALA D 185 28.60 6.41 -16.81
C ALA D 185 29.13 5.08 -16.30
N THR D 186 30.11 4.54 -17.01
CA THR D 186 30.71 3.27 -16.65
C THR D 186 31.38 3.31 -15.28
N GLU D 187 32.14 4.37 -14.99
CA GLU D 187 32.75 4.54 -13.66
CA GLU D 187 32.74 4.48 -13.67
C GLU D 187 31.68 4.69 -12.59
N ASN D 188 30.73 5.59 -12.84
CA ASN D 188 29.66 5.88 -11.89
C ASN D 188 28.85 4.63 -11.52
N LEU D 189 28.62 3.76 -12.49
CA LEU D 189 27.87 2.53 -12.26
C LEU D 189 28.59 1.57 -11.30
N LYS D 190 29.90 1.43 -11.48
CA LYS D 190 30.74 0.70 -10.54
C LYS D 190 30.67 1.31 -9.15
N ILE D 191 30.67 2.64 -9.07
CA ILE D 191 30.67 3.32 -7.79
C ILE D 191 29.31 3.14 -7.14
N LEU D 192 28.26 3.28 -7.94
CA LEU D 192 26.91 3.02 -7.48
C LEU D 192 26.78 1.61 -6.92
N SER D 193 27.26 0.62 -7.67
CA SER D 193 27.20 -0.77 -7.24
C SER D 193 27.77 -0.98 -5.85
N ASP D 194 28.98 -0.46 -5.61
CA ASP D 194 29.62 -0.53 -4.31
CA ASP D 194 29.61 -0.55 -4.31
C ASP D 194 28.80 0.23 -3.26
N CYS D 195 28.43 1.47 -3.57
CA CYS D 195 27.70 2.29 -2.61
C CYS D 195 26.34 1.74 -2.23
N LEU D 196 25.66 1.13 -3.18
CA LEU D 196 24.30 0.65 -2.94
C LEU D 196 24.29 -0.84 -2.65
N ASN D 197 25.48 -1.42 -2.60
CA ASN D 197 25.65 -2.81 -2.24
C ASN D 197 24.75 -3.72 -3.08
N ARG D 198 24.89 -3.62 -4.40
CA ARG D 198 24.15 -4.49 -5.29
C ARG D 198 24.87 -4.47 -6.63
N SER D 199 24.64 -5.49 -7.45
CA SER D 199 25.30 -5.55 -8.74
C SER D 199 24.78 -4.50 -9.71
N ILE D 200 25.56 -4.20 -10.74
CA ILE D 200 25.15 -3.24 -11.76
C ILE D 200 23.86 -3.68 -12.43
N GLU D 201 23.71 -4.99 -12.65
CA GLU D 201 22.48 -5.55 -13.21
C GLU D 201 21.29 -5.35 -12.26
N GLU D 202 21.59 -5.02 -11.00
CA GLU D 202 20.56 -4.76 -10.03
C GLU D 202 20.31 -3.25 -9.92
N LEU D 203 20.94 -2.48 -10.81
CA LEU D 203 20.67 -1.04 -10.89
C LEU D 203 19.74 -0.70 -12.04
N VAL D 204 18.97 0.37 -11.85
CA VAL D 204 18.15 0.94 -12.90
C VAL D 204 18.48 2.42 -13.05
N VAL D 205 18.78 2.84 -14.28
CA VAL D 205 19.14 4.21 -14.56
C VAL D 205 18.10 4.86 -15.46
N VAL D 206 17.58 6.03 -15.07
CA VAL D 206 16.66 6.79 -15.93
C VAL D 206 17.45 7.70 -16.86
N VAL D 207 17.07 7.74 -18.13
CA VAL D 207 17.70 8.60 -19.12
C VAL D 207 16.61 9.09 -20.06
N MET D 208 16.65 10.36 -20.45
CA MET D 208 15.64 10.87 -21.38
C MET D 208 15.81 10.30 -22.79
N ASP D 209 14.70 9.94 -23.42
CA ASP D 209 14.70 9.38 -24.76
C ASP D 209 14.95 10.50 -25.78
N ARG D 210 16.22 10.72 -26.09
CA ARG D 210 16.64 11.83 -26.94
C ARG D 210 17.84 11.42 -27.79
N PRO D 211 17.91 11.90 -29.02
CA PRO D 211 19.06 11.58 -29.88
C PRO D 211 20.39 11.91 -29.19
N ARG D 212 20.44 13.01 -28.45
CA ARG D 212 21.67 13.41 -27.76
C ARG D 212 22.22 12.37 -26.78
N HIS D 213 21.41 11.37 -26.47
CA HIS D 213 21.78 10.43 -25.42
C HIS D 213 22.14 9.06 -25.97
N LYS D 214 22.14 8.94 -27.29
CA LYS D 214 22.40 7.65 -27.95
C LYS D 214 23.62 6.93 -27.37
N GLU D 215 24.76 7.61 -27.38
CA GLU D 215 25.98 6.99 -26.87
C GLU D 215 25.87 6.72 -25.38
N LEU D 216 25.39 7.71 -24.63
CA LEU D 216 25.18 7.56 -23.19
C LEU D 216 24.38 6.28 -22.87
N ILE D 217 23.30 6.08 -23.60
CA ILE D 217 22.43 4.94 -23.38
C ILE D 217 23.18 3.65 -23.69
N GLN D 218 23.85 3.63 -24.84
CA GLN D 218 24.63 2.46 -25.25
C GLN D 218 25.67 2.06 -24.21
N GLU D 219 26.34 3.05 -23.63
CA GLU D 219 27.34 2.79 -22.59
C GLU D 219 26.72 2.18 -21.33
N ILE D 220 25.57 2.71 -20.93
CA ILE D 220 24.92 2.20 -19.72
C ILE D 220 24.50 0.75 -19.95
N ARG D 221 23.96 0.50 -21.14
CA ARG D 221 23.61 -0.84 -21.57
C ARG D 221 24.82 -1.77 -21.58
N ASN D 222 25.93 -1.31 -22.13
CA ASN D 222 27.14 -2.12 -22.17
C ASN D 222 27.63 -2.46 -20.77
N ALA D 223 27.44 -1.56 -19.82
CA ALA D 223 27.91 -1.81 -18.46
C ALA D 223 27.02 -2.81 -17.70
N GLY D 224 25.80 -3.01 -18.18
CA GLY D 224 24.94 -4.03 -17.62
C GLY D 224 23.77 -3.59 -16.74
N ALA D 225 23.60 -2.28 -16.58
CA ALA D 225 22.46 -1.76 -15.80
C ALA D 225 21.19 -1.80 -16.63
N ARG D 226 20.05 -1.90 -15.96
CA ARG D 226 18.78 -1.79 -16.68
C ARG D 226 18.43 -0.30 -16.85
N VAL D 227 17.61 -0.01 -17.85
CA VAL D 227 17.32 1.38 -18.18
C VAL D 227 15.82 1.67 -18.29
N ARG D 228 15.40 2.80 -17.74
CA ARG D 228 14.07 3.33 -18.00
C ARG D 228 14.22 4.58 -18.86
N LEU D 229 13.74 4.54 -20.10
CA LEU D 229 13.76 5.73 -20.96
C LEU D 229 12.47 6.51 -20.80
N ILE D 230 12.57 7.82 -20.56
CA ILE D 230 11.38 8.67 -20.38
C ILE D 230 11.20 9.66 -21.54
N SER D 231 9.94 9.92 -21.92
CA SER D 231 9.66 10.86 -22.99
C SER D 231 9.79 12.31 -22.52
N ASP D 232 9.66 12.52 -21.22
CA ASP D 232 9.62 13.82 -20.61
C ASP D 232 9.65 13.64 -19.10
N GLY D 233 10.01 14.68 -18.35
CA GLY D 233 9.80 14.70 -16.92
C GLY D 233 10.95 14.18 -16.07
N ASP D 234 12.08 14.88 -16.10
CA ASP D 234 13.24 14.39 -15.39
C ASP D 234 13.35 14.95 -13.97
N VAL D 235 12.39 15.75 -13.55
CA VAL D 235 12.36 16.19 -12.15
C VAL D 235 12.01 14.99 -11.28
N SER D 236 10.93 14.30 -11.63
CA SER D 236 10.53 13.07 -10.96
C SER D 236 11.66 12.05 -10.95
N ALA D 237 12.32 11.89 -12.09
CA ALA D 237 13.41 10.93 -12.22
C ALA D 237 14.53 11.20 -11.21
N ALA D 238 15.04 12.43 -11.23
CA ALA D 238 16.06 12.84 -10.29
C ALA D 238 15.70 12.50 -8.85
N ILE D 239 14.50 12.86 -8.43
CA ILE D 239 14.18 12.75 -7.01
C ILE D 239 13.90 11.31 -6.58
N SER D 240 13.38 10.50 -7.50
CA SER D 240 13.14 9.07 -7.22
C SER D 240 14.40 8.29 -6.81
N CYS D 241 15.58 8.77 -7.20
CA CYS D 241 16.83 8.16 -6.74
C CYS D 241 16.97 8.24 -5.23
N ALA D 242 16.30 9.19 -4.61
CA ALA D 242 16.52 9.44 -3.20
C ALA D 242 15.80 8.43 -2.31
N PHE D 243 14.73 7.85 -2.82
CA PHE D 243 13.91 6.93 -2.02
C PHE D 243 14.06 5.47 -2.40
N SER D 244 14.50 4.66 -1.45
CA SER D 244 14.54 3.24 -1.65
C SER D 244 13.11 2.73 -1.77
N GLY D 245 12.84 1.96 -2.84
CA GLY D 245 11.51 1.44 -3.12
C GLY D 245 10.99 1.88 -4.48
N THR D 246 11.66 2.86 -5.08
CA THR D 246 11.27 3.35 -6.40
C THR D 246 11.89 2.50 -7.49
N ASN D 247 12.89 1.68 -7.14
CA ASN D 247 13.63 0.87 -8.11
C ASN D 247 14.27 1.73 -9.20
N ILE D 248 14.66 2.94 -8.81
CA ILE D 248 15.39 3.86 -9.67
C ILE D 248 16.62 4.35 -8.91
N HIS D 249 17.79 4.28 -9.53
CA HIS D 249 19.01 4.47 -8.73
C HIS D 249 19.87 5.65 -9.16
N ALA D 250 19.72 6.05 -10.41
CA ALA D 250 20.42 7.23 -10.89
C ALA D 250 19.68 7.85 -12.06
N LEU D 251 19.84 9.16 -12.21
CA LEU D 251 19.49 9.85 -13.45
C LEU D 251 20.79 10.33 -14.06
N MET D 252 20.94 10.09 -15.37
CA MET D 252 22.11 10.55 -16.10
C MET D 252 21.66 11.17 -17.40
N GLY D 253 22.34 12.23 -17.81
CA GLY D 253 22.06 12.85 -19.09
C GLY D 253 21.71 14.33 -19.00
N ILE D 254 21.28 14.87 -20.12
CA ILE D 254 21.03 16.30 -20.25
C ILE D 254 19.53 16.53 -20.26
N GLY D 255 19.07 17.41 -19.35
CA GLY D 255 17.71 17.92 -19.36
C GLY D 255 17.76 19.44 -19.32
N ALA D 256 16.62 20.07 -19.03
CA ALA D 256 16.54 21.53 -18.90
C ALA D 256 17.10 22.01 -17.56
N ALA D 257 17.79 23.14 -17.57
CA ALA D 257 18.49 23.61 -16.38
C ALA D 257 17.59 24.03 -15.21
N PRO D 258 16.50 24.77 -15.49
CA PRO D 258 15.61 25.19 -14.39
C PRO D 258 15.06 24.00 -13.63
N GLU D 259 14.58 22.99 -14.36
CA GLU D 259 14.14 21.73 -13.75
C GLU D 259 15.23 21.17 -12.83
N GLY D 260 16.48 21.24 -13.27
CA GLY D 260 17.61 20.80 -12.48
C GLY D 260 17.77 21.51 -11.13
N VAL D 261 17.57 22.82 -11.11
CA VAL D 261 17.64 23.57 -9.87
C VAL D 261 16.55 23.12 -8.90
N ILE D 262 15.34 22.97 -9.43
CA ILE D 262 14.21 22.55 -8.64
C ILE D 262 14.47 21.16 -8.06
N SER D 263 15.06 20.28 -8.86
CA SER D 263 15.48 18.95 -8.40
C SER D 263 16.50 19.05 -7.28
N ALA D 264 17.50 19.90 -7.49
CA ALA D 264 18.59 20.07 -6.51
C ALA D 264 18.03 20.45 -5.15
N ALA D 265 16.97 21.25 -5.16
CA ALA D 265 16.37 21.71 -3.91
C ALA D 265 15.82 20.54 -3.09
N ALA D 266 15.14 19.63 -3.76
CA ALA D 266 14.63 18.46 -3.06
C ALA D 266 15.80 17.59 -2.59
N MET D 267 16.76 17.35 -3.48
CA MET D 267 17.90 16.48 -3.17
C MET D 267 18.78 17.02 -2.05
N ARG D 268 18.95 18.35 -2.01
CA ARG D 268 19.71 18.96 -0.94
C ARG D 268 19.05 18.74 0.42
N CYS D 269 17.71 18.74 0.47
CA CYS D 269 17.00 18.48 1.72
C CYS D 269 17.04 17.00 2.07
N LEU D 270 17.10 16.14 1.06
CA LEU D 270 17.05 14.69 1.30
C LEU D 270 18.44 14.06 1.55
N GLY D 271 19.50 14.81 1.29
CA GLY D 271 20.83 14.24 1.39
C GLY D 271 21.20 13.50 0.12
N GLY D 272 20.38 13.69 -0.92
CA GLY D 272 20.63 13.07 -2.20
C GLY D 272 21.78 13.71 -2.95
N HIS D 273 22.38 12.94 -3.85
CA HIS D 273 23.41 13.47 -4.70
C HIS D 273 22.76 14.11 -5.91
N PHE D 274 23.13 15.36 -6.20
CA PHE D 274 22.71 15.99 -7.43
C PHE D 274 23.73 17.01 -7.94
N GLN D 275 24.27 16.74 -9.13
CA GLN D 275 25.17 17.69 -9.77
C GLN D 275 24.63 18.11 -11.12
N GLY D 276 24.88 19.36 -11.47
CA GLY D 276 24.52 19.87 -12.77
C GLY D 276 25.60 20.72 -13.40
N GLN D 277 25.57 20.75 -14.73
CA GLN D 277 26.50 21.56 -15.49
C GLN D 277 25.79 22.03 -16.74
N LEU D 278 25.86 23.33 -17.01
CA LEU D 278 25.17 23.92 -18.13
C LEU D 278 25.76 23.43 -19.44
N ILE D 279 24.88 23.07 -20.38
CA ILE D 279 25.29 22.70 -21.73
C ILE D 279 24.78 23.77 -22.69
N TYR D 280 25.70 24.39 -23.42
CA TYR D 280 25.33 25.55 -24.25
C TYR D 280 25.87 25.49 -25.68
N ASP D 281 26.31 24.31 -26.09
CA ASP D 281 26.80 24.09 -27.44
C ASP D 281 25.76 23.35 -28.28
N PRO D 282 25.28 23.99 -29.36
CA PRO D 282 24.29 23.40 -30.27
C PRO D 282 24.76 22.08 -30.84
N GLU D 283 26.06 21.94 -31.07
CA GLU D 283 26.63 20.67 -31.50
C GLU D 283 26.14 19.49 -30.64
N VAL D 284 26.08 19.69 -29.32
CA VAL D 284 25.59 18.68 -28.39
C VAL D 284 24.05 18.61 -28.39
N VAL D 285 23.41 19.71 -28.02
CA VAL D 285 21.96 19.81 -28.11
C VAL D 285 21.57 21.24 -28.48
N LYS D 286 20.50 21.39 -29.27
CA LYS D 286 20.08 22.71 -29.73
C LYS D 286 18.85 23.26 -29.00
N THR D 287 18.85 24.57 -28.79
CA THR D 287 17.74 25.26 -28.15
C THR D 287 16.75 25.75 -29.20
N GLY D 288 17.20 25.75 -30.45
CA GLY D 288 16.37 26.18 -31.56
C GLY D 288 16.57 27.61 -31.99
N LEU D 289 17.53 28.31 -31.39
CA LEU D 289 17.84 29.67 -31.81
C LEU D 289 18.30 29.64 -33.26
N ILE D 290 17.69 30.50 -34.09
CA ILE D 290 17.97 30.52 -35.51
C ILE D 290 19.46 30.75 -35.79
N GLY D 291 20.06 31.68 -35.05
CA GLY D 291 21.48 31.96 -35.15
C GLY D 291 22.22 31.40 -33.96
N GLU D 292 21.62 30.38 -33.36
CA GLU D 292 22.20 29.70 -32.22
C GLU D 292 23.61 29.23 -32.55
N SER D 293 24.56 29.69 -31.76
CA SER D 293 25.95 29.28 -31.91
C SER D 293 26.58 29.15 -30.54
N ARG D 294 27.65 28.35 -30.45
CA ARG D 294 28.33 28.18 -29.19
C ARG D 294 28.79 29.53 -28.66
N GLU D 295 29.46 30.30 -29.50
CA GLU D 295 29.92 31.62 -29.09
C GLU D 295 28.73 32.54 -28.79
N GLY D 296 27.66 32.39 -29.58
CA GLY D 296 26.45 33.14 -29.33
C GLY D 296 25.95 32.95 -27.90
N ASN D 297 25.85 31.69 -27.49
CA ASN D 297 25.33 31.36 -26.17
C ASN D 297 26.20 31.82 -25.01
N LEU D 298 27.52 31.84 -25.23
CA LEU D 298 28.47 32.26 -24.22
C LEU D 298 28.33 33.75 -23.91
N GLU D 299 28.16 34.55 -24.95
CA GLU D 299 27.98 35.98 -24.78
C GLU D 299 26.70 36.22 -23.97
N ARG D 300 25.69 35.43 -24.26
CA ARG D 300 24.42 35.51 -23.53
C ARG D 300 24.62 35.16 -22.05
N LEU D 301 25.45 34.15 -21.80
CA LEU D 301 25.71 33.69 -20.45
C LEU D 301 26.48 34.74 -19.63
N ALA D 302 27.47 35.34 -20.27
CA ALA D 302 28.30 36.35 -19.63
C ALA D 302 27.45 37.54 -19.23
N SER D 303 26.63 38.00 -20.16
CA SER D 303 25.71 39.09 -19.88
C SER D 303 24.92 38.85 -18.59
N MET D 304 24.46 37.62 -18.40
CA MET D 304 23.65 37.27 -17.22
C MET D 304 24.48 37.21 -15.95
N GLY D 305 25.79 37.34 -16.07
CA GLY D 305 26.66 37.34 -14.91
C GLY D 305 27.22 35.98 -14.55
N ILE D 306 27.07 35.03 -15.46
CA ILE D 306 27.62 33.69 -15.26
C ILE D 306 29.08 33.68 -15.71
N LYS D 307 29.99 33.71 -14.75
CA LYS D 307 31.43 33.79 -15.05
C LYS D 307 31.99 32.56 -15.78
N ASN D 308 31.75 31.36 -15.23
CA ASN D 308 32.23 30.14 -15.89
CA ASN D 308 32.24 30.13 -15.85
C ASN D 308 31.12 29.19 -16.32
N PRO D 309 30.81 29.22 -17.63
CA PRO D 309 29.74 28.44 -18.27
C PRO D 309 29.90 26.94 -18.09
N ASP D 310 31.13 26.49 -17.91
CA ASP D 310 31.41 25.06 -17.78
C ASP D 310 31.50 24.61 -16.32
N GLN D 311 31.30 25.52 -15.40
CA GLN D 311 31.31 25.20 -13.97
C GLN D 311 30.40 24.02 -13.63
N VAL D 312 30.91 23.12 -12.79
CA VAL D 312 30.09 22.01 -12.31
C VAL D 312 29.47 22.41 -10.98
N TYR D 313 28.14 22.43 -10.96
CA TYR D 313 27.43 22.85 -9.77
C TYR D 313 27.06 21.69 -8.87
N ASN D 314 27.33 21.90 -7.60
CA ASN D 314 26.96 21.01 -6.52
C ASN D 314 25.50 21.21 -6.17
N CYS D 315 24.91 20.18 -5.57
CA CYS D 315 23.56 20.25 -5.06
C CYS D 315 23.39 21.45 -4.12
N GLU D 316 24.33 21.57 -3.17
CA GLU D 316 24.37 22.65 -2.19
C GLU D 316 24.62 24.02 -2.85
N GLU D 317 25.03 24.00 -4.11
CA GLU D 317 25.37 25.24 -4.81
C GLU D 317 24.23 25.69 -5.71
N LEU D 318 23.42 24.73 -6.16
CA LEU D 318 22.22 25.04 -6.92
C LEU D 318 21.10 25.51 -6.00
N ALA D 319 21.03 24.96 -4.79
CA ALA D 319 20.11 25.43 -3.78
C ALA D 319 20.90 25.71 -2.52
N CYS D 320 21.43 26.93 -2.44
CA CYS D 320 22.46 27.27 -1.47
C CYS D 320 21.96 28.05 -0.27
N GLY D 321 20.67 28.40 -0.29
CA GLY D 321 20.10 29.20 0.79
C GLY D 321 20.17 28.49 2.13
N GLU D 322 20.09 29.26 3.19
CA GLU D 322 20.06 28.69 4.54
C GLU D 322 18.84 27.78 4.72
N THR D 323 17.70 28.19 4.18
CA THR D 323 16.46 27.44 4.29
C THR D 323 15.96 27.04 2.91
N VAL D 324 15.66 25.76 2.72
CA VAL D 324 15.12 25.31 1.44
C VAL D 324 13.80 24.58 1.62
N LEU D 325 12.83 24.93 0.79
CA LEU D 325 11.54 24.27 0.78
C LEU D 325 11.30 23.72 -0.61
N PHE D 326 10.60 22.59 -0.67
CA PHE D 326 10.26 21.93 -1.93
C PHE D 326 8.85 21.38 -1.82
N ALA D 327 8.06 21.57 -2.87
CA ALA D 327 6.71 21.03 -2.89
C ALA D 327 6.37 20.51 -4.28
N ALA D 328 5.78 19.33 -4.32
CA ALA D 328 5.35 18.75 -5.59
C ALA D 328 4.05 18.01 -5.39
N CYS D 329 3.24 17.96 -6.45
CA CYS D 329 2.02 17.17 -6.43
C CYS D 329 1.85 16.48 -7.76
N GLY D 330 1.57 15.19 -7.76
CA GLY D 330 1.34 14.47 -9.01
C GLY D 330 0.19 15.01 -9.84
N ILE D 331 0.40 15.12 -11.15
CA ILE D 331 -0.68 15.45 -12.07
C ILE D 331 -1.19 14.12 -12.65
N THR D 332 -0.35 13.47 -13.45
CA THR D 332 -0.58 12.09 -13.84
C THR D 332 0.20 11.20 -12.87
N PRO D 333 -0.07 9.88 -12.86
CA PRO D 333 0.63 9.05 -11.87
C PRO D 333 2.14 9.01 -12.10
N GLY D 334 2.90 8.82 -11.04
CA GLY D 334 4.33 8.66 -11.20
C GLY D 334 4.98 7.82 -10.13
N THR D 335 6.30 7.74 -10.19
CA THR D 335 7.11 6.91 -9.30
C THR D 335 6.99 7.32 -7.82
N LEU D 336 6.89 8.63 -7.58
CA LEU D 336 6.82 9.18 -6.23
C LEU D 336 5.41 9.56 -5.79
N MET D 337 4.58 9.99 -6.73
CA MET D 337 3.27 10.52 -6.40
C MET D 337 2.20 10.01 -7.35
N GLU D 338 1.11 9.56 -6.76
CA GLU D 338 -0.01 9.09 -7.55
C GLU D 338 -0.63 10.30 -8.29
N GLY D 339 -1.34 10.06 -9.38
CA GLY D 339 -1.97 11.14 -10.12
C GLY D 339 -3.22 11.72 -9.44
N VAL D 340 -3.66 12.85 -9.95
CA VAL D 340 -4.98 13.38 -9.55
C VAL D 340 -6.11 12.48 -10.04
N ARG D 341 -6.95 12.05 -9.11
CA ARG D 341 -8.13 11.24 -9.43
C ARG D 341 -9.43 12.01 -9.17
N PHE D 342 -10.30 12.08 -10.18
CA PHE D 342 -11.63 12.63 -10.01
C PHE D 342 -12.69 11.52 -9.90
N PHE D 343 -13.47 11.57 -8.82
CA PHE D 343 -14.49 10.56 -8.56
C PHE D 343 -15.77 11.23 -8.07
N HIS D 344 -16.79 10.42 -7.82
CA HIS D 344 -18.11 10.91 -7.42
C HIS D 344 -18.01 11.54 -6.03
N GLY D 345 -18.12 12.86 -5.99
CA GLY D 345 -18.09 13.56 -4.73
C GLY D 345 -16.77 14.20 -4.34
N GLY D 346 -15.76 14.12 -5.21
CA GLY D 346 -14.51 14.79 -4.91
C GLY D 346 -13.31 14.44 -5.74
N VAL D 347 -12.14 14.73 -5.18
CA VAL D 347 -10.87 14.65 -5.88
C VAL D 347 -9.83 14.15 -4.90
N ARG D 348 -8.85 13.39 -5.40
CA ARG D 348 -7.77 12.93 -4.54
C ARG D 348 -6.40 13.24 -5.16
N THR D 349 -5.48 13.77 -4.35
CA THR D 349 -4.15 14.12 -4.83
C THR D 349 -3.05 13.54 -3.92
N GLN D 350 -1.85 13.43 -4.45
CA GLN D 350 -0.72 13.06 -3.59
C GLN D 350 0.43 14.01 -3.79
N SER D 351 0.94 14.52 -2.68
CA SER D 351 2.00 15.53 -2.71
C SER D 351 3.20 15.09 -1.88
N LEU D 352 4.37 15.56 -2.27
CA LEU D 352 5.58 15.43 -1.48
C LEU D 352 6.09 16.81 -1.14
N VAL D 353 6.18 17.08 0.15
CA VAL D 353 6.63 18.39 0.63
C VAL D 353 7.82 18.22 1.56
N ILE D 354 8.93 18.87 1.23
CA ILE D 354 10.18 18.69 1.96
C ILE D 354 10.72 20.03 2.46
N SER D 355 11.12 20.07 3.72
CA SER D 355 11.63 21.30 4.34
C SER D 355 12.93 21.04 5.09
N SER D 356 13.97 21.81 4.77
CA SER D 356 15.21 21.79 5.54
C SER D 356 14.96 22.40 6.92
N GLN D 357 13.97 23.26 7.04
CA GLN D 357 13.71 23.94 8.29
C GLN D 357 13.16 23.02 9.37
N SER D 358 12.18 22.19 9.01
CA SER D 358 11.63 21.23 9.96
C SER D 358 12.31 19.89 9.78
N SER D 359 13.16 19.81 8.76
CA SER D 359 13.87 18.58 8.42
C SER D 359 12.90 17.38 8.26
N THR D 360 11.91 17.57 7.40
CA THR D 360 10.87 16.56 7.18
C THR D 360 10.63 16.30 5.69
N ALA D 361 10.29 15.05 5.39
CA ALA D 361 9.79 14.70 4.06
C ALA D 361 8.36 14.22 4.26
N ARG D 362 7.39 14.97 3.71
CA ARG D 362 5.98 14.69 3.92
C ARG D 362 5.23 14.25 2.68
N PHE D 363 4.66 13.05 2.72
CA PHE D 363 3.74 12.60 1.67
C PHE D 363 2.33 12.94 2.11
N VAL D 364 1.65 13.73 1.30
CA VAL D 364 0.34 14.19 1.67
C VAL D 364 -0.72 13.65 0.71
N ASP D 365 -1.61 12.83 1.27
CA ASP D 365 -2.67 12.18 0.50
C ASP D 365 -3.97 12.84 0.89
N THR D 366 -4.53 13.63 -0.02
CA THR D 366 -5.66 14.49 0.32
C THR D 366 -6.90 14.11 -0.45
N VAL D 367 -7.96 13.78 0.31
CA VAL D 367 -9.29 13.66 -0.25
C VAL D 367 -9.94 15.05 -0.23
N HIS D 368 -10.15 15.61 -1.41
CA HIS D 368 -10.89 16.87 -1.54
C HIS D 368 -12.40 16.58 -1.67
N MET D 369 -13.12 16.80 -0.57
CA MET D 369 -14.54 16.46 -0.51
C MET D 369 -15.36 17.62 -1.04
N LYS D 370 -15.93 17.44 -2.21
CA LYS D 370 -16.52 18.55 -2.95
C LYS D 370 -18.03 18.54 -2.86
N GLU D 371 -18.63 17.36 -2.81
CA GLU D 371 -20.08 17.26 -2.85
C GLU D 371 -20.63 16.27 -1.83
N SER D 372 -20.21 16.37 -0.56
CA SER D 372 -20.71 15.47 0.47
C SER D 372 -20.81 14.01 0.03
N PRO D 373 -19.65 13.43 -0.30
CA PRO D 373 -19.61 12.07 -0.85
C PRO D 373 -20.16 11.04 0.12
N LYS D 374 -21.12 10.24 -0.32
CA LYS D 374 -21.72 9.23 0.56
C LYS D 374 -20.74 8.08 0.79
N VAL D 375 -19.75 7.96 -0.09
CA VAL D 375 -18.68 6.99 0.09
C VAL D 375 -17.30 7.65 0.12
N ILE D 376 -16.50 7.32 1.12
CA ILE D 376 -15.13 7.82 1.21
C ILE D 376 -14.12 6.68 1.36
N GLN D 377 -13.30 6.47 0.34
CA GLN D 377 -12.28 5.42 0.38
C GLN D 377 -11.09 5.77 1.27
N LEU D 378 -10.71 4.84 2.14
CA LEU D 378 -9.51 4.97 2.95
C LEU D 378 -8.27 5.23 2.08
N HIS D 379 -8.19 4.56 0.93
CA HIS D 379 -7.05 4.70 0.04
C HIS D 379 -7.50 5.07 -1.36
MG MG E . -10.17 3.72 30.10
MG MG F . -9.01 8.95 25.76
MG MG G . -5.07 12.28 27.60
P1 FBP H . -7.58 6.24 28.38
O1P FBP H . -6.84 6.98 27.31
O2P FBP H . -6.65 5.34 29.16
O3P FBP H . -8.18 7.23 29.33
O1 FBP H . -8.75 5.36 27.69
C1 FBP H . -9.55 5.94 26.68
C2 FBP H . -10.86 5.19 26.47
O2 FBP H . -10.57 3.82 26.08
C3 FBP H . -11.76 5.87 25.44
O3 FBP H . -11.47 5.40 24.15
C4 FBP H . -13.15 5.42 25.87
O4 FBP H . -14.14 6.34 25.46
C5 FBP H . -13.00 5.35 27.38
O5 FBP H . -11.63 5.17 27.65
C6 FBP H . -13.79 4.22 28.03
O6 FBP H . -13.64 4.35 29.43
P2 FBP H . -13.73 3.08 30.43
O4P FBP H . -14.88 2.17 30.05
O5P FBP H . -13.92 3.55 31.85
O6P FBP H . -12.47 2.27 30.28
P AMP I . 11.48 -1.50 10.56
O1P AMP I . 12.90 -1.50 10.11
O2P AMP I . 10.68 -2.78 10.43
O3P AMP I . 11.45 -1.12 12.02
O5' AMP I . 10.70 -0.32 9.81
C5' AMP I . 9.34 -0.05 10.10
C4' AMP I . 8.81 1.11 9.27
O4' AMP I . 9.50 2.33 9.65
C3' AMP I . 9.02 1.02 7.77
O3' AMP I . 8.06 0.20 7.13
C2' AMP I . 8.96 2.48 7.34
O2' AMP I . 7.62 2.95 7.31
C1' AMP I . 9.69 3.15 8.51
N9 AMP I . 11.14 3.22 8.24
C8 AMP I . 12.08 2.34 8.62
N7 AMP I . 13.28 2.71 8.13
C5 AMP I . 13.11 3.83 7.42
C6 AMP I . 13.97 4.75 6.64
N6 AMP I . 15.29 4.54 6.52
N1 AMP I . 13.38 5.81 6.05
C2 AMP I . 12.06 6.04 6.17
N3 AMP I . 11.23 5.26 6.86
C4 AMP I . 11.68 4.16 7.49
S SO4 J . -18.44 -1.42 33.30
O1 SO4 J . -18.69 -2.18 32.08
O2 SO4 J . -17.07 -1.56 33.76
O3 SO4 J . -18.74 -0.01 32.98
O4 SO4 J . -19.33 -1.91 34.36
S SO4 K . 25.48 4.76 8.62
O1 SO4 K . 24.63 3.62 8.31
O2 SO4 K . 26.73 4.63 7.86
O3 SO4 K . 24.82 6.01 8.25
O4 SO4 K . 25.78 4.78 10.05
S SO4 L . 1.38 31.26 26.37
O1 SO4 L . 1.73 31.14 24.95
O2 SO4 L . 2.03 32.45 26.93
O3 SO4 L . -0.07 31.38 26.53
O4 SO4 L . 1.85 30.07 27.09
CL CL M . -10.26 33.05 36.72
P AMP N . -15.21 -2.62 3.82
O1P AMP N . -15.78 -3.62 4.82
O2P AMP N . -16.15 -1.99 2.85
O3P AMP N . -14.48 -1.56 4.63
O5' AMP N . -14.00 -3.31 3.02
C5' AMP N . -12.79 -3.65 3.66
C4' AMP N . -11.83 -4.35 2.74
O4' AMP N . -12.47 -5.52 2.16
C3' AMP N . -11.36 -3.56 1.52
O3' AMP N . -10.31 -2.66 1.82
C2' AMP N . -10.95 -4.65 0.56
O2' AMP N . -9.71 -5.22 0.93
C1' AMP N . -12.06 -5.67 0.81
N9 AMP N . -13.21 -5.42 -0.06
C8 AMP N . -14.31 -4.70 0.23
N7 AMP N . -15.13 -4.66 -0.86
C5 AMP N . -14.55 -5.33 -1.85
C6 AMP N . -14.85 -5.66 -3.25
N6 AMP N . -15.97 -5.27 -3.85
N1 AMP N . -13.94 -6.39 -3.93
C2 AMP N . -12.80 -6.80 -3.36
N3 AMP N . -12.47 -6.54 -2.10
C4 AMP N . -13.28 -5.82 -1.31
MG MG O . -3.83 -19.00 25.28
MG MG P . -2.12 -21.64 18.72
MG MG Q . -5.94 -24.77 16.51
P1 FBP R . -4.69 -20.55 21.50
O1P FBP R . -5.84 -19.97 22.28
O2P FBP R . -4.55 -22.02 21.82
O3P FBP R . -4.93 -20.38 20.02
O1 FBP R . -3.38 -19.76 21.99
C1 FBP R . -2.28 -19.49 21.14
C2 FBP R . -1.10 -19.05 21.98
O2 FBP R . -1.20 -17.64 22.34
C3 FBP R . 0.19 -19.29 21.23
O3 FBP R . 0.37 -18.25 20.31
C4 FBP R . 1.20 -19.30 22.36
O4 FBP R . 2.37 -20.02 21.99
C5 FBP R . 0.42 -19.95 23.49
O5 FBP R . -0.96 -19.79 23.17
C6 FBP R . 0.70 -19.33 24.85
O6 FBP R . 0.29 -20.22 25.87
P2 FBP R . -0.36 -19.68 27.25
O4P FBP R . -1.57 -18.88 26.91
O5P FBP R . 0.63 -18.81 27.97
O6P FBP R . -0.79 -20.84 28.10
S SO4 S . 2.14 -17.80 33.51
O1 SO4 S . 2.62 -18.77 32.53
O2 SO4 S . 2.45 -18.29 34.86
O3 SO4 S . 2.81 -16.52 33.29
O4 SO4 S . 0.70 -17.65 33.36
S SO4 T . -26.12 -5.28 -6.62
O1 SO4 T . -26.14 -6.65 -7.15
O2 SO4 T . -24.75 -4.83 -6.34
O3 SO4 T . -26.70 -4.36 -7.59
O4 SO4 T . -26.89 -5.25 -5.37
S SO4 U . -2.26 -47.74 14.99
O1 SO4 U . -1.19 -48.45 14.28
O2 SO4 U . -1.67 -46.64 15.75
O3 SO4 U . -3.20 -47.21 14.01
O4 SO4 U . -2.97 -48.64 15.92
MG MG V . 3.21 -3.26 -31.46
MG MG W . 1.21 -8.35 -27.19
MG MG X . 5.08 -12.36 -27.29
P1 FBP Y . 3.99 -6.10 -29.10
O1P FBP Y . 3.50 -6.98 -30.23
O2P FBP Y . 4.23 -6.94 -27.88
O3P FBP Y . 5.24 -5.33 -29.49
O1 FBP Y . 2.89 -4.98 -28.77
C1 FBP Y . 1.63 -5.39 -28.29
C2 FBP Y . 0.53 -4.41 -28.66
O2 FBP Y . 0.80 -3.06 -28.20
C3 FBP Y . -0.78 -4.94 -28.09
O3 FBP Y . -0.95 -4.48 -26.76
C4 FBP Y . -1.81 -4.43 -29.07
O4 FBP Y . -2.86 -5.34 -29.25
C5 FBP Y . -1.02 -4.31 -30.37
O5 FBP Y . 0.35 -4.36 -30.06
C6 FBP Y . -1.29 -3.00 -31.10
O6 FBP Y . -0.98 -3.20 -32.46
P2 FBP Y . -0.22 -2.08 -33.31
O4P FBP Y . 1.05 -1.69 -32.63
O5P FBP Y . -1.10 -0.85 -33.45
O6P FBP Y . 0.04 -2.69 -34.66
P AMP Z . 15.01 -0.59 -4.70
O1P AMP Z . 15.53 -0.91 -6.07
O2P AMP Z . 15.98 -0.63 -3.55
O3P AMP Z . 14.32 0.75 -4.78
O5' AMP Z . 13.76 -1.54 -4.38
C5' AMP Z . 12.53 -1.41 -5.10
C4' AMP Z . 11.56 -2.50 -4.74
O4' AMP Z . 12.19 -3.80 -4.87
C3' AMP Z . 11.05 -2.49 -3.30
O3' AMP Z . 10.01 -1.56 -3.07
C2' AMP Z . 10.63 -3.94 -3.09
O2' AMP Z . 9.39 -4.22 -3.72
C1' AMP Z . 11.73 -4.67 -3.86
N9 AMP Z . 12.87 -4.99 -2.97
C8 AMP Z . 14.02 -4.32 -2.90
N7 AMP Z . 14.83 -4.85 -1.96
C5 AMP Z . 14.19 -5.90 -1.41
C6 AMP Z . 14.49 -6.88 -0.37
N6 AMP Z . 15.69 -6.83 0.26
N1 AMP Z . 13.56 -7.81 -0.07
C2 AMP Z . 12.38 -7.84 -0.72
N3 AMP Z . 12.04 -6.96 -1.69
C4 AMP Z . 12.89 -5.98 -2.08
S SO4 AA . -2.72 3.05 -37.60
O1 SO4 AA . -1.29 3.16 -37.88
O2 SO4 AA . -3.10 1.71 -37.17
O3 SO4 AA . -3.02 4.00 -36.54
O4 SO4 AA . -3.48 3.34 -38.82
S SO4 BA . 25.67 -8.78 2.63
O1 SO4 BA . 24.70 -9.01 3.70
O2 SO4 BA . 25.64 -9.91 1.69
O3 SO4 BA . 25.31 -7.52 1.97
O4 SO4 BA . 27.03 -8.66 3.15
S SO4 CA . 16.25 -6.45 -31.88
O1 SO4 CA . 16.43 -7.33 -33.04
O2 SO4 CA . 16.17 -7.28 -30.66
O3 SO4 CA . 17.41 -5.55 -31.75
O4 SO4 CA . 15.04 -5.66 -32.09
CL CL DA . -19.20 -8.86 -22.55
CL CL EA . -12.70 2.08 -33.95
CL CL FA . 16.58 -2.18 7.23
CL CL GA . -2.02 -7.39 -35.87
C1 GOL HA . -16.87 3.23 -29.87
O1 GOL HA . -17.52 2.72 -28.72
C2 GOL HA . -15.41 2.79 -29.79
O2 GOL HA . -14.81 2.66 -31.06
C3 GOL HA . -15.33 1.46 -29.03
O3 GOL HA . -14.14 0.84 -29.42
P AMP IA . -11.61 4.76 -9.47
O1P AMP IA . -11.61 5.77 -10.57
O2P AMP IA . -12.94 4.31 -8.91
O3P AMP IA . -10.85 3.58 -9.99
O5' AMP IA . -10.72 5.30 -8.26
C5' AMP IA . -9.30 5.45 -8.36
C4' AMP IA . -8.71 6.01 -7.10
O4' AMP IA . -9.36 7.27 -6.77
C3' AMP IA . -8.90 5.17 -5.83
O3' AMP IA . -7.96 4.13 -5.72
C2' AMP IA . -8.82 6.21 -4.72
O2' AMP IA . -7.46 6.57 -4.47
C1' AMP IA . -9.53 7.40 -5.37
N9 AMP IA . -10.96 7.38 -5.06
C8 AMP IA . -11.94 6.88 -5.83
N7 AMP IA . -13.13 6.99 -5.22
C5 AMP IA . -12.93 7.57 -4.02
C6 AMP IA . -13.77 7.97 -2.88
N6 AMP IA . -15.10 7.77 -2.89
N1 AMP IA . -13.13 8.53 -1.82
C2 AMP IA . -11.82 8.73 -1.80
N3 AMP IA . -11.00 8.39 -2.80
C4 AMP IA . -11.49 7.81 -3.92
MG MG JA . 9.86 18.98 -23.46
MG MG KA . 9.11 21.41 -16.99
MG MG LA . 5.08 24.98 -16.29
P1 FBP MA . 7.66 20.30 -20.66
O1P FBP MA . 6.70 19.88 -21.75
O2P FBP MA . 8.41 21.53 -21.11
O3P FBP MA . 6.89 20.55 -19.39
O1 FBP MA . 8.72 19.12 -20.46
C1 FBP MA . 9.49 19.02 -19.29
C2 FBP MA . 10.79 18.29 -19.60
O2 FBP MA . 10.51 16.94 -20.02
C3 FBP MA . 11.72 18.28 -18.41
O3 FBP MA . 11.44 17.16 -17.61
C4 FBP MA . 13.10 18.19 -19.04
O4 FBP MA . 14.03 18.86 -18.26
C5 FBP MA . 12.92 18.89 -20.38
O5 FBP MA . 11.51 18.91 -20.64
C6 FBP MA . 13.66 18.20 -21.53
O6 FBP MA . 13.91 19.08 -22.60
P2 FBP MA . 13.72 18.61 -24.14
O4P FBP MA . 12.31 18.14 -24.36
O5P FBP MA . 14.69 17.49 -24.43
O6P FBP MA . 13.99 19.76 -25.07
S SO4 NA . 18.27 16.22 -28.77
O1 SO4 NA . 17.82 15.99 -30.14
O2 SO4 NA . 18.54 14.94 -28.13
O3 SO4 NA . 19.47 17.05 -28.76
O4 SO4 NA . 17.20 16.94 -28.06
S SO4 OA . -25.26 9.28 -4.49
O1 SO4 OA . -25.60 9.31 -5.91
O2 SO4 OA . -24.23 8.27 -4.25
O3 SO4 OA . -24.79 10.62 -4.11
O4 SO4 OA . -26.44 8.94 -3.71
CL CL PA . 5.62 13.00 -23.85
#